data_8CXZ
#
_entry.id   8CXZ
#
_cell.length_a   81.440
_cell.length_b   161.434
_cell.length_c   229.712
_cell.angle_alpha   90.000
_cell.angle_beta   90.000
_cell.angle_gamma   90.000
#
_symmetry.space_group_name_H-M   'P 21 21 21'
#
loop_
_entity.id
_entity.type
_entity.pdbx_description
1 polymer 'Site-specific DNA-methyltransferase (adenine-specific)'
2 polymer "DNA (5'-D(*AP*TP*GP*GP*GP*AP*CP*TP*TP*TP*TP*TP*GP*A)-3')"
3 polymer "DNA (5'-D(*AP*TP*GP*GP*GP*AP*CP*TP*TP*TP*TP*TP*GP*A)-3')"
4 non-polymer 1,2-ETHANEDIOL
5 non-polymer 'POTASSIUM ION'
6 non-polymer N-(3-phenylpropyl)adenosine
7 water water
#
loop_
_entity_poly.entity_id
_entity_poly.type
_entity_poly.pdbx_seq_one_letter_code
_entity_poly.pdbx_strand_id
1 'polypeptide(L)'
;MDDISQDNFLLSKEYENSLDVDTKKASGIYYTPKIIVDYIVKKTLKNHDIIKNPYPRILDISCGCGNFLLEVYDILYDLF
EENIYELKKKYDENYWTVDNIHRHILNYCIYGADIDEKAISILKDSLTNKKVVNDLDESDIKINLFCCDSLKKKWRYKFD
YIVGNPPYIGHKKLEKKYKKFLLEKYSEVYKDKADLYFCFYKKIIDILKQGGIGSVITPRYFLESLSGKDLREYIKSNVN
VQEIVDFLGANIFKNIGVSSCILTFDKKKTKETYIDVFKIKNEDICINKFETLEELLKSSKFEHFNINQRLLSDEWILVN
KDDETFYNKIQEKCKYSLEDIAISFQGIITGCDKAFILSKDDVKLNLVDDKFLKCWIKSKNINKYIVDKSEYRLIYSNDI
DNENTNKRILDEIIGLYKTKLENRRECKSGIRKWYELQWGREKLFFERKKIMYPYKSNENRFAIDYDNNFSSADVYSFFI
KEEYLDKFSYEYLVGILNSSVYDKYFKITAKKMSKNIYDYYPNKVMKIRIFRDNNYEEIENLSKQIISILLNKSIDKGKV
EKLQIKMDNLIMDSLGI
;
A,B,C
2 'polydeoxyribonucleotide' (DA)(DT)(DG)(DG)(DG)(DA)(DC)(DT)(DT)(DT)(DT)(DT)(DG)(DA) E,G,I
3 'polydeoxyribonucleotide' (DT)(DT)(DC)(DA)(DA)(DA)(DA)(DA)(DG)(DT)(DC)(DC)(DC)(DA) D,F,H
#
loop_
_chem_comp.id
_chem_comp.type
_chem_comp.name
_chem_comp.formula
DA DNA linking 2'-DEOXYADENOSINE-5'-MONOPHOSPHATE 'C10 H14 N5 O6 P'
DC DNA linking 2'-DEOXYCYTIDINE-5'-MONOPHOSPHATE 'C9 H14 N3 O7 P'
DG DNA linking 2'-DEOXYGUANOSINE-5'-MONOPHOSPHATE 'C10 H14 N5 O7 P'
DT DNA linking THYMIDINE-5'-MONOPHOSPHATE 'C10 H15 N2 O8 P'
EDO non-polymer 1,2-ETHANEDIOL 'C2 H6 O2'
K non-polymer 'POTASSIUM ION' 'K 1'
Q8Y non-polymer N-(3-phenylpropyl)adenosine 'C19 H23 N5 O4'
#
# COMPACT_ATOMS: atom_id res chain seq x y z
N GLY A 28 -4.94 -25.02 -42.13
CA GLY A 28 -4.95 -23.86 -43.01
C GLY A 28 -6.33 -23.49 -43.52
N ILE A 29 -6.71 -24.07 -44.66
CA ILE A 29 -7.96 -23.74 -45.34
C ILE A 29 -8.83 -24.99 -45.42
N TYR A 30 -10.12 -24.82 -45.13
CA TYR A 30 -11.08 -25.91 -45.06
C TYR A 30 -12.09 -25.80 -46.20
N TYR A 31 -12.41 -26.94 -46.81
CA TYR A 31 -13.22 -26.99 -48.02
C TYR A 31 -14.67 -27.34 -47.65
N THR A 32 -15.58 -26.39 -47.85
CA THR A 32 -16.99 -26.64 -47.60
C THR A 32 -17.58 -27.49 -48.73
N PRO A 33 -18.39 -28.49 -48.40
CA PRO A 33 -19.00 -29.31 -49.47
C PRO A 33 -19.81 -28.45 -50.44
N LYS A 34 -19.69 -28.77 -51.72
CA LYS A 34 -20.34 -27.96 -52.76
C LYS A 34 -21.83 -27.87 -52.56
N ILE A 35 -22.46 -28.95 -52.07
CA ILE A 35 -23.90 -28.95 -51.88
C ILE A 35 -24.30 -27.93 -50.83
N ILE A 36 -23.47 -27.75 -49.80
CA ILE A 36 -23.75 -26.73 -48.78
C ILE A 36 -23.47 -25.33 -49.30
N VAL A 37 -22.37 -25.15 -50.04
CA VAL A 37 -22.06 -23.84 -50.61
C VAL A 37 -23.20 -23.36 -51.49
N ASP A 38 -23.68 -24.22 -52.40
CA ASP A 38 -24.75 -23.84 -53.30
C ASP A 38 -26.02 -23.49 -52.53
N TYR A 39 -26.32 -24.24 -51.47
CA TYR A 39 -27.49 -23.94 -50.66
C TYR A 39 -27.37 -22.55 -50.01
N ILE A 40 -26.19 -22.23 -49.46
CA ILE A 40 -26.03 -20.97 -48.75
C ILE A 40 -26.13 -19.79 -49.71
N VAL A 41 -25.53 -19.92 -50.91
CA VAL A 41 -25.61 -18.85 -51.90
C VAL A 41 -27.05 -18.67 -52.39
N LYS A 42 -27.76 -19.78 -52.66
CA LYS A 42 -29.16 -19.69 -53.07
C LYS A 42 -30.00 -19.06 -51.98
N LYS A 43 -29.70 -19.36 -50.71
CA LYS A 43 -30.50 -18.84 -49.60
C LYS A 43 -30.49 -17.31 -49.59
N THR A 44 -29.35 -16.70 -49.90
CA THR A 44 -29.25 -15.25 -49.84
C THR A 44 -29.69 -14.54 -51.11
N LEU A 45 -29.57 -15.18 -52.27
CA LEU A 45 -29.74 -14.49 -53.54
C LEU A 45 -30.96 -14.90 -54.35
N LYS A 46 -31.65 -15.99 -53.99
CA LYS A 46 -32.66 -16.55 -54.88
C LYS A 46 -33.83 -15.60 -55.13
N ASN A 47 -34.08 -14.66 -54.23
CA ASN A 47 -35.20 -13.73 -54.37
C ASN A 47 -34.74 -12.28 -54.49
N HIS A 48 -33.48 -12.05 -54.82
CA HIS A 48 -33.01 -10.68 -55.00
C HIS A 48 -33.64 -10.06 -56.24
N ASP A 49 -34.12 -8.83 -56.10
CA ASP A 49 -34.74 -8.09 -57.20
C ASP A 49 -33.65 -7.31 -57.90
N ILE A 50 -33.08 -7.91 -58.96
CA ILE A 50 -31.95 -7.29 -59.64
C ILE A 50 -32.38 -6.08 -60.46
N ILE A 51 -33.66 -5.98 -60.83
CA ILE A 51 -34.13 -4.78 -61.51
C ILE A 51 -34.15 -3.59 -60.55
N LYS A 52 -34.70 -3.82 -59.34
CA LYS A 52 -34.76 -2.76 -58.35
C LYS A 52 -33.36 -2.36 -57.86
N ASN A 53 -32.46 -3.32 -57.73
CA ASN A 53 -31.09 -3.06 -57.26
C ASN A 53 -30.09 -3.89 -58.03
N PRO A 54 -29.54 -3.36 -59.13
CA PRO A 54 -28.50 -4.06 -59.88
C PRO A 54 -27.10 -3.90 -59.31
N TYR A 55 -26.94 -3.38 -58.09
CA TYR A 55 -25.65 -3.19 -57.44
C TYR A 55 -25.59 -3.88 -56.08
N PRO A 56 -25.89 -5.18 -56.00
CA PRO A 56 -25.81 -5.85 -54.70
C PRO A 56 -24.36 -6.10 -54.32
N ARG A 57 -24.04 -5.84 -53.05
CA ARG A 57 -22.70 -6.11 -52.52
C ARG A 57 -22.73 -7.43 -51.77
N ILE A 58 -21.99 -8.41 -52.27
CA ILE A 58 -21.92 -9.74 -51.67
C ILE A 58 -20.51 -9.98 -51.16
N LEU A 59 -20.40 -10.35 -49.89
CA LEU A 59 -19.12 -10.41 -49.20
C LEU A 59 -18.91 -11.78 -48.59
N ASP A 60 -17.69 -12.30 -48.73
CA ASP A 60 -17.21 -13.42 -47.93
C ASP A 60 -16.00 -12.94 -47.16
N ILE A 61 -16.05 -13.05 -45.84
CA ILE A 61 -15.05 -12.45 -44.97
C ILE A 61 -13.89 -13.40 -44.66
N SER A 62 -14.03 -14.68 -44.96
CA SER A 62 -12.97 -15.68 -44.90
C SER A 62 -12.98 -16.51 -46.17
N CYS A 63 -12.96 -15.82 -47.31
CA CYS A 63 -13.29 -16.44 -48.60
C CYS A 63 -12.33 -17.52 -49.04
N GLY A 64 -11.10 -17.55 -48.51
CA GLY A 64 -10.16 -18.58 -48.91
C GLY A 64 -9.88 -18.52 -50.40
N CYS A 65 -9.96 -19.67 -51.06
CA CYS A 65 -9.74 -19.74 -52.49
C CYS A 65 -10.98 -19.38 -53.31
N GLY A 66 -12.09 -19.09 -52.66
CA GLY A 66 -13.29 -18.66 -53.33
C GLY A 66 -14.37 -19.70 -53.49
N ASN A 67 -14.48 -20.64 -52.54
CA ASN A 67 -15.51 -21.68 -52.64
C ASN A 67 -16.89 -21.06 -52.80
N PHE A 68 -17.18 -20.02 -52.02
CA PHE A 68 -18.47 -19.34 -52.09
C PHE A 68 -18.51 -18.28 -53.18
N LEU A 69 -17.44 -17.47 -53.30
CA LEU A 69 -17.48 -16.31 -54.18
C LEU A 69 -17.55 -16.72 -55.65
N LEU A 70 -16.89 -17.82 -56.03
CA LEU A 70 -16.97 -18.27 -57.41
C LEU A 70 -18.37 -18.75 -57.75
N GLU A 71 -19.06 -19.38 -56.79
CA GLU A 71 -20.45 -19.74 -56.98
C GLU A 71 -21.34 -18.50 -57.02
N VAL A 72 -21.03 -17.50 -56.19
CA VAL A 72 -21.77 -16.24 -56.24
C VAL A 72 -21.66 -15.62 -57.61
N TYR A 73 -20.49 -15.69 -58.24
CA TYR A 73 -20.32 -15.15 -59.57
C TYR A 73 -21.27 -15.81 -60.56
N ASP A 74 -21.35 -17.14 -60.53
CA ASP A 74 -22.21 -17.86 -61.46
C ASP A 74 -23.67 -17.48 -61.26
N ILE A 75 -24.11 -17.39 -59.99
CA ILE A 75 -25.49 -17.02 -59.73
C ILE A 75 -25.76 -15.60 -60.21
N LEU A 76 -24.84 -14.68 -59.95
CA LEU A 76 -25.02 -13.30 -60.39
C LEU A 76 -25.05 -13.21 -61.91
N TYR A 77 -24.18 -13.94 -62.60
CA TYR A 77 -24.11 -13.82 -64.05
C TYR A 77 -25.41 -14.24 -64.71
N ASP A 78 -26.00 -15.37 -64.27
CA ASP A 78 -27.30 -15.76 -64.80
C ASP A 78 -28.37 -14.74 -64.46
N LEU A 79 -28.30 -14.16 -63.26
CA LEU A 79 -29.30 -13.19 -62.83
C LEU A 79 -29.28 -11.94 -63.70
N PHE A 80 -28.09 -11.44 -64.02
CA PHE A 80 -27.99 -10.27 -64.89
C PHE A 80 -28.37 -10.61 -66.32
N GLU A 81 -27.93 -11.77 -66.80
CA GLU A 81 -28.18 -12.11 -68.21
C GLU A 81 -29.67 -12.34 -68.47
N GLU A 82 -30.37 -12.96 -67.51
CA GLU A 82 -31.80 -13.20 -67.69
C GLU A 82 -32.61 -11.92 -67.74
N ASN A 83 -32.07 -10.81 -67.21
CA ASN A 83 -32.80 -9.55 -67.16
C ASN A 83 -32.05 -8.43 -67.87
N ILE A 84 -31.17 -8.77 -68.82
CA ILE A 84 -30.29 -7.77 -69.41
C ILE A 84 -31.07 -6.72 -70.18
N TYR A 85 -32.12 -7.12 -70.89
CA TYR A 85 -32.87 -6.14 -71.68
C TYR A 85 -33.75 -5.27 -70.78
N GLU A 86 -34.26 -5.81 -69.68
CA GLU A 86 -35.01 -4.97 -68.75
C GLU A 86 -34.11 -3.92 -68.12
N LEU A 87 -32.90 -4.32 -67.71
CA LEU A 87 -31.93 -3.36 -67.19
C LEU A 87 -31.54 -2.35 -68.26
N LYS A 88 -31.35 -2.81 -69.50
CA LYS A 88 -30.99 -1.91 -70.59
C LYS A 88 -32.07 -0.86 -70.81
N LYS A 89 -33.34 -1.25 -70.71
CA LYS A 89 -34.42 -0.31 -70.95
C LYS A 89 -34.59 0.65 -69.77
N LYS A 90 -34.46 0.16 -68.55
CA LYS A 90 -34.72 0.98 -67.36
C LYS A 90 -33.57 1.94 -67.06
N TYR A 91 -32.34 1.57 -67.40
CA TYR A 91 -31.14 2.29 -67.00
C TYR A 91 -30.35 2.68 -68.25
N ASP A 92 -29.09 3.08 -68.04
CA ASP A 92 -28.19 3.40 -69.14
C ASP A 92 -28.13 2.23 -70.11
N GLU A 93 -28.68 2.41 -71.31
CA GLU A 93 -28.79 1.31 -72.26
C GLU A 93 -27.45 0.96 -72.91
N ASN A 94 -26.46 1.86 -72.84
CA ASN A 94 -25.13 1.50 -73.31
C ASN A 94 -24.35 0.73 -72.26
N TYR A 95 -24.68 0.92 -70.98
CA TYR A 95 -23.97 0.23 -69.90
C TYR A 95 -24.40 -1.22 -69.78
N TRP A 96 -25.69 -1.50 -69.99
CA TRP A 96 -26.25 -2.82 -69.72
C TRP A 96 -26.27 -3.64 -71.00
N THR A 97 -25.16 -4.34 -71.24
CA THR A 97 -25.01 -5.31 -72.31
C THR A 97 -24.48 -6.60 -71.68
N VAL A 98 -24.71 -7.72 -72.39
CA VAL A 98 -24.21 -8.99 -71.89
C VAL A 98 -22.69 -8.96 -71.79
N ASP A 99 -22.03 -8.33 -72.76
CA ASP A 99 -20.57 -8.28 -72.78
C ASP A 99 -19.99 -7.51 -71.60
N ASN A 100 -20.79 -6.71 -70.91
CA ASN A 100 -20.32 -5.90 -69.79
C ASN A 100 -20.67 -6.50 -68.43
N ILE A 101 -21.34 -7.65 -68.39
CA ILE A 101 -21.77 -8.22 -67.12
C ILE A 101 -20.57 -8.60 -66.26
N HIS A 102 -19.56 -9.23 -66.88
CA HIS A 102 -18.38 -9.66 -66.14
C HIS A 102 -17.71 -8.50 -65.42
N ARG A 103 -17.49 -7.39 -66.13
CA ARG A 103 -16.84 -6.23 -65.53
C ARG A 103 -17.70 -5.66 -64.40
N HIS A 104 -19.02 -5.59 -64.60
CA HIS A 104 -19.89 -5.00 -63.59
C HIS A 104 -19.89 -5.81 -62.30
N ILE A 105 -19.92 -7.15 -62.42
CA ILE A 105 -19.95 -8.00 -61.24
C ILE A 105 -18.69 -7.78 -60.40
N LEU A 106 -17.53 -7.74 -61.05
CA LEU A 106 -16.28 -7.62 -60.31
C LEU A 106 -16.10 -6.21 -59.75
N ASN A 107 -16.58 -5.19 -60.46
CA ASN A 107 -16.41 -3.83 -59.97
C ASN A 107 -17.29 -3.55 -58.76
N TYR A 108 -18.53 -4.03 -58.77
CA TYR A 108 -19.52 -3.56 -57.82
C TYR A 108 -20.17 -4.62 -56.95
N CYS A 109 -19.98 -5.91 -57.23
CA CYS A 109 -20.81 -6.90 -56.57
C CYS A 109 -20.05 -7.86 -55.67
N ILE A 110 -18.90 -8.36 -56.10
CA ILE A 110 -18.20 -9.42 -55.37
C ILE A 110 -17.10 -8.80 -54.52
N TYR A 111 -17.11 -9.14 -53.23
CA TYR A 111 -16.11 -8.68 -52.26
C TYR A 111 -15.64 -9.88 -51.45
N GLY A 112 -14.34 -9.91 -51.16
CA GLY A 112 -13.78 -11.00 -50.38
C GLY A 112 -12.63 -10.53 -49.53
N ALA A 113 -12.43 -11.20 -48.40
CA ALA A 113 -11.32 -10.92 -47.51
C ALA A 113 -10.79 -12.24 -46.97
N ASP A 114 -9.47 -12.32 -46.86
CA ASP A 114 -8.85 -13.48 -46.23
C ASP A 114 -7.45 -13.12 -45.76
N ILE A 115 -7.02 -13.80 -44.70
CA ILE A 115 -5.70 -13.53 -44.11
C ILE A 115 -4.57 -14.09 -44.97
N ASP A 116 -4.86 -15.04 -45.86
CA ASP A 116 -3.85 -15.79 -46.61
C ASP A 116 -3.72 -15.21 -48.01
N GLU A 117 -2.58 -14.61 -48.31
CA GLU A 117 -2.42 -13.92 -49.60
C GLU A 117 -2.36 -14.90 -50.77
N LYS A 118 -1.87 -16.12 -50.54
CA LYS A 118 -1.87 -17.11 -51.61
C LYS A 118 -3.28 -17.45 -52.04
N ALA A 119 -4.20 -17.59 -51.07
CA ALA A 119 -5.59 -17.86 -51.42
C ALA A 119 -6.22 -16.71 -52.20
N ILE A 120 -5.92 -15.47 -51.79
CA ILE A 120 -6.42 -14.32 -52.51
C ILE A 120 -5.86 -14.27 -53.93
N SER A 121 -4.57 -14.59 -54.08
CA SER A 121 -3.96 -14.61 -55.41
C SER A 121 -4.64 -15.64 -56.31
N ILE A 122 -4.92 -16.83 -55.77
CA ILE A 122 -5.60 -17.86 -56.55
C ILE A 122 -7.01 -17.41 -56.91
N LEU A 123 -7.74 -16.87 -55.94
CA LEU A 123 -9.10 -16.42 -56.20
C LEU A 123 -9.13 -15.30 -57.24
N LYS A 124 -8.17 -14.38 -57.18
CA LYS A 124 -8.12 -13.29 -58.15
C LYS A 124 -7.96 -13.83 -59.56
N ASP A 125 -7.09 -14.83 -59.74
CA ASP A 125 -6.94 -15.46 -61.05
C ASP A 125 -8.21 -16.19 -61.46
N SER A 126 -8.86 -16.87 -60.52
CA SER A 126 -10.09 -17.60 -60.85
C SER A 126 -11.19 -16.64 -61.29
N LEU A 127 -11.37 -15.53 -60.58
CA LEU A 127 -12.36 -14.54 -60.98
C LEU A 127 -12.00 -13.91 -62.32
N THR A 128 -10.71 -13.61 -62.53
CA THR A 128 -10.29 -13.02 -63.80
C THR A 128 -10.52 -13.97 -64.96
N ASN A 129 -10.32 -15.27 -64.73
CA ASN A 129 -10.45 -16.27 -65.79
C ASN A 129 -11.90 -16.68 -66.06
N LYS A 130 -12.87 -16.16 -65.30
CA LYS A 130 -14.27 -16.37 -65.62
C LYS A 130 -14.64 -15.79 -66.99
N LYS A 131 -13.89 -14.79 -67.46
CA LYS A 131 -14.20 -14.13 -68.74
C LYS A 131 -13.55 -14.84 -69.91
N VAL A 132 -12.22 -14.94 -69.91
CA VAL A 132 -11.45 -15.57 -70.98
C VAL A 132 -11.83 -15.02 -72.37
N ASP A 137 -4.65 -7.83 -71.85
CA ASP A 137 -5.84 -7.46 -71.11
C ASP A 137 -6.60 -6.35 -71.82
N GLU A 138 -7.88 -6.16 -71.46
CA GLU A 138 -8.67 -5.11 -72.10
C GLU A 138 -8.38 -3.76 -71.44
N SER A 139 -8.81 -3.58 -70.18
CA SER A 139 -8.32 -2.46 -69.37
C SER A 139 -8.55 -2.78 -67.89
N ASP A 140 -7.52 -3.28 -67.22
CA ASP A 140 -7.32 -3.14 -65.77
C ASP A 140 -8.62 -3.22 -64.95
N ILE A 141 -9.29 -4.38 -64.99
CA ILE A 141 -10.49 -4.56 -64.16
C ILE A 141 -10.07 -4.73 -62.71
N LYS A 142 -10.69 -3.96 -61.82
CA LYS A 142 -10.39 -4.02 -60.40
C LYS A 142 -11.28 -5.05 -59.70
N ILE A 143 -10.70 -5.81 -58.79
CA ILE A 143 -11.41 -6.86 -58.04
C ILE A 143 -11.31 -6.53 -56.57
N ASN A 144 -12.46 -6.56 -55.87
CA ASN A 144 -12.54 -6.14 -54.48
C ASN A 144 -12.16 -7.30 -53.55
N LEU A 145 -10.86 -7.60 -53.53
CA LEU A 145 -10.32 -8.65 -52.68
C LEU A 145 -9.28 -8.07 -51.74
N PHE A 146 -9.44 -8.32 -50.45
CA PHE A 146 -8.59 -7.72 -49.42
C PHE A 146 -7.84 -8.82 -48.70
N CYS A 147 -6.51 -8.73 -48.67
CA CYS A 147 -5.70 -9.62 -47.86
C CYS A 147 -5.46 -8.92 -46.54
N CYS A 148 -6.15 -9.36 -45.50
CA CYS A 148 -6.16 -8.64 -44.23
C CYS A 148 -6.82 -9.53 -43.18
N ASP A 149 -6.69 -9.10 -41.92
CA ASP A 149 -7.45 -9.66 -40.82
C ASP A 149 -8.85 -9.03 -40.85
N SER A 150 -9.86 -9.83 -41.17
CA SER A 150 -11.21 -9.30 -41.30
C SER A 150 -11.74 -8.72 -39.99
N LEU A 151 -11.20 -9.16 -38.85
CA LEU A 151 -11.63 -8.64 -37.56
C LEU A 151 -11.01 -7.31 -37.22
N LYS A 152 -9.98 -6.88 -37.96
CA LYS A 152 -9.34 -5.59 -37.73
C LYS A 152 -9.57 -4.60 -38.86
N LYS A 153 -10.03 -5.03 -40.03
CA LYS A 153 -10.15 -4.14 -41.16
C LYS A 153 -11.16 -3.03 -40.87
N LYS A 154 -10.80 -1.81 -41.25
CA LYS A 154 -11.72 -0.67 -41.22
C LYS A 154 -12.67 -0.82 -42.40
N TRP A 155 -13.78 -1.51 -42.18
CA TRP A 155 -14.78 -1.69 -43.23
C TRP A 155 -15.48 -0.36 -43.50
N ARG A 156 -15.42 0.10 -44.75
CA ARG A 156 -15.82 1.47 -45.08
C ARG A 156 -17.24 1.56 -45.62
N TYR A 157 -17.99 0.46 -45.65
CA TYR A 157 -19.42 0.48 -45.96
C TYR A 157 -19.99 -0.89 -45.61
N LYS A 158 -21.31 -0.97 -45.63
CA LYS A 158 -22.03 -2.19 -45.27
C LYS A 158 -22.41 -2.97 -46.53
N PHE A 159 -22.96 -4.17 -46.33
CA PHE A 159 -23.12 -5.12 -47.42
C PHE A 159 -24.53 -5.70 -47.46
N ASP A 160 -25.01 -5.97 -48.67
CA ASP A 160 -26.34 -6.55 -48.85
C ASP A 160 -26.39 -8.00 -48.41
N TYR A 161 -25.37 -8.78 -48.78
CA TYR A 161 -25.38 -10.22 -48.57
C TYR A 161 -24.00 -10.68 -48.13
N ILE A 162 -23.95 -11.50 -47.08
CA ILE A 162 -22.70 -12.02 -46.54
C ILE A 162 -22.83 -13.54 -46.41
N VAL A 163 -21.86 -14.26 -46.97
CA VAL A 163 -21.85 -15.72 -46.94
C VAL A 163 -20.44 -16.21 -46.59
N GLY A 164 -20.36 -17.44 -46.11
CA GLY A 164 -19.07 -18.10 -46.02
C GLY A 164 -18.96 -19.04 -44.83
N ASN A 165 -17.73 -19.47 -44.60
CA ASN A 165 -17.37 -20.42 -43.54
C ASN A 165 -16.20 -19.83 -42.76
N PRO A 166 -16.44 -19.27 -41.58
CA PRO A 166 -15.38 -18.57 -40.85
C PRO A 166 -14.39 -19.55 -40.23
N PRO A 167 -13.26 -19.07 -39.73
CA PRO A 167 -12.35 -19.96 -38.99
C PRO A 167 -12.90 -20.28 -37.61
N TYR A 168 -12.67 -21.52 -37.16
CA TYR A 168 -13.02 -21.96 -35.82
C TYR A 168 -11.71 -22.18 -35.07
N ILE A 169 -11.47 -21.40 -34.02
CA ILE A 169 -10.29 -21.58 -33.18
C ILE A 169 -10.70 -21.41 -31.73
N GLY A 170 -10.48 -22.44 -30.91
CA GLY A 170 -10.87 -22.44 -29.52
C GLY A 170 -9.83 -21.79 -28.62
N HIS A 171 -10.09 -21.90 -27.31
CA HIS A 171 -9.30 -21.15 -26.33
C HIS A 171 -7.89 -21.70 -26.19
N LYS A 172 -7.69 -23.00 -26.41
CA LYS A 172 -6.33 -23.55 -26.32
C LYS A 172 -5.49 -23.18 -27.54
N LYS A 173 -6.08 -23.20 -28.73
CA LYS A 173 -5.34 -23.07 -29.97
C LYS A 173 -5.23 -21.63 -30.48
N LEU A 174 -5.90 -20.68 -29.83
CA LEU A 174 -5.82 -19.28 -30.23
C LEU A 174 -4.65 -18.60 -29.55
N GLU A 175 -3.87 -17.85 -30.32
CA GLU A 175 -2.70 -17.17 -29.78
C GLU A 175 -3.10 -16.17 -28.68
N LYS A 176 -2.35 -16.20 -27.58
CA LYS A 176 -2.70 -15.39 -26.40
C LYS A 176 -2.64 -13.90 -26.71
N LYS A 177 -1.66 -13.46 -27.49
CA LYS A 177 -1.58 -12.04 -27.85
C LYS A 177 -2.83 -11.60 -28.61
N TYR A 178 -3.29 -12.43 -29.55
CA TYR A 178 -4.51 -12.10 -30.28
C TYR A 178 -5.73 -12.09 -29.36
N LYS A 179 -5.76 -13.01 -28.39
CA LYS A 179 -6.90 -13.09 -27.47
C LYS A 179 -7.07 -11.82 -26.66
N LYS A 180 -5.96 -11.14 -26.33
CA LYS A 180 -6.07 -9.86 -25.64
C LYS A 180 -6.84 -8.85 -26.48
N PHE A 181 -6.56 -8.81 -27.78
CA PHE A 181 -7.28 -7.92 -28.68
C PHE A 181 -8.76 -8.29 -28.73
N LEU A 182 -9.08 -9.58 -28.84
CA LEU A 182 -10.48 -10.00 -28.90
C LEU A 182 -11.21 -9.66 -27.61
N LEU A 183 -10.59 -9.92 -26.46
CA LEU A 183 -11.24 -9.61 -25.19
C LEU A 183 -11.50 -8.12 -25.04
N GLU A 184 -10.62 -7.27 -25.58
CA GLU A 184 -10.81 -5.84 -25.49
C GLU A 184 -11.86 -5.33 -26.47
N LYS A 185 -11.89 -5.86 -27.70
CA LYS A 185 -12.69 -5.28 -28.77
C LYS A 185 -13.96 -6.06 -29.09
N TYR A 186 -14.02 -7.35 -28.80
CA TYR A 186 -15.18 -8.18 -29.10
C TYR A 186 -15.78 -8.74 -27.81
N SER A 187 -15.73 -7.95 -26.74
CA SER A 187 -16.16 -8.42 -25.43
C SER A 187 -17.65 -8.71 -25.37
N GLU A 188 -18.44 -8.18 -26.31
CA GLU A 188 -19.87 -8.46 -26.29
C GLU A 188 -20.20 -9.90 -26.62
N VAL A 189 -19.29 -10.62 -27.30
CA VAL A 189 -19.55 -12.01 -27.64
C VAL A 189 -18.40 -12.91 -27.21
N TYR A 190 -17.25 -12.33 -26.86
CA TYR A 190 -16.04 -13.10 -26.60
C TYR A 190 -15.52 -12.83 -25.18
N LYS A 191 -15.75 -13.79 -24.28
CA LYS A 191 -15.08 -13.85 -22.99
C LYS A 191 -14.72 -15.29 -22.69
N ASP A 192 -13.84 -15.48 -21.71
CA ASP A 192 -13.56 -16.78 -21.13
C ASP A 192 -13.17 -17.81 -22.19
N LYS A 193 -13.94 -18.90 -22.28
CA LYS A 193 -13.63 -20.00 -23.18
C LYS A 193 -14.36 -19.89 -24.52
N ALA A 194 -14.70 -18.68 -24.94
CA ALA A 194 -15.38 -18.47 -26.21
C ALA A 194 -14.48 -18.83 -27.39
N ASP A 195 -15.05 -18.81 -28.59
CA ASP A 195 -14.37 -19.22 -29.80
C ASP A 195 -14.24 -18.05 -30.77
N LEU A 196 -13.23 -18.15 -31.64
CA LEU A 196 -12.97 -17.09 -32.62
C LEU A 196 -14.18 -16.84 -33.53
N TYR A 197 -14.91 -17.90 -33.89
CA TYR A 197 -16.01 -17.70 -34.82
C TYR A 197 -17.16 -16.90 -34.19
N PHE A 198 -17.20 -16.78 -32.86
CA PHE A 198 -18.16 -15.85 -32.25
C PHE A 198 -17.94 -14.44 -32.78
N CYS A 199 -16.67 -14.03 -32.89
CA CYS A 199 -16.35 -12.69 -33.36
C CYS A 199 -16.72 -12.49 -34.82
N PHE A 200 -16.64 -13.55 -35.62
CA PHE A 200 -17.06 -13.43 -37.02
C PHE A 200 -18.57 -13.27 -37.14
N TYR A 201 -19.34 -13.95 -36.28
CA TYR A 201 -20.76 -13.65 -36.19
C TYR A 201 -20.99 -12.18 -35.87
N LYS A 202 -20.23 -11.64 -34.91
CA LYS A 202 -20.36 -10.24 -34.54
C LYS A 202 -20.03 -9.33 -35.71
N LYS A 203 -18.90 -9.56 -36.39
CA LYS A 203 -18.49 -8.69 -37.47
C LYS A 203 -19.46 -8.75 -38.63
N ILE A 204 -19.92 -9.95 -38.99
CA ILE A 204 -20.87 -10.12 -40.09
C ILE A 204 -22.15 -9.35 -39.80
N ILE A 205 -22.67 -9.48 -38.57
CA ILE A 205 -23.90 -8.77 -38.21
C ILE A 205 -23.69 -7.26 -38.28
N ASP A 206 -22.54 -6.78 -37.80
CA ASP A 206 -22.33 -5.34 -37.69
C ASP A 206 -22.24 -4.66 -39.05
N ILE A 207 -21.69 -5.33 -40.08
CA ILE A 207 -21.51 -4.72 -41.38
C ILE A 207 -22.55 -5.19 -42.39
N LEU A 208 -23.62 -5.83 -41.93
CA LEU A 208 -24.72 -6.20 -42.82
C LEU A 208 -25.65 -5.00 -42.99
N LYS A 209 -26.00 -4.69 -44.24
CA LYS A 209 -26.88 -3.57 -44.53
C LYS A 209 -28.25 -3.80 -43.92
N GLN A 210 -28.95 -2.70 -43.67
CA GLN A 210 -30.36 -2.79 -43.27
C GLN A 210 -31.13 -3.50 -44.39
N GLY A 211 -31.90 -4.52 -44.02
CA GLY A 211 -32.55 -5.37 -44.99
C GLY A 211 -31.67 -6.41 -45.63
N GLY A 212 -30.41 -6.54 -45.21
CA GLY A 212 -29.52 -7.51 -45.79
C GLY A 212 -29.75 -8.91 -45.24
N ILE A 213 -29.08 -9.89 -45.86
CA ILE A 213 -29.22 -11.30 -45.52
C ILE A 213 -27.85 -11.93 -45.36
N GLY A 214 -27.65 -12.65 -44.26
CA GLY A 214 -26.41 -13.37 -44.02
C GLY A 214 -26.67 -14.86 -43.85
N SER A 215 -25.75 -15.67 -44.37
CA SER A 215 -25.87 -17.13 -44.26
C SER A 215 -24.48 -17.73 -44.14
N VAL A 216 -24.23 -18.45 -43.05
CA VAL A 216 -22.92 -19.01 -42.75
C VAL A 216 -23.06 -20.43 -42.20
N ILE A 217 -22.00 -21.22 -42.38
CA ILE A 217 -21.87 -22.51 -41.73
C ILE A 217 -20.77 -22.39 -40.67
N THR A 218 -21.13 -22.70 -39.43
CA THR A 218 -20.24 -22.60 -38.29
C THR A 218 -20.39 -23.86 -37.43
N PRO A 219 -19.61 -24.03 -36.36
CA PRO A 219 -19.93 -25.10 -35.41
C PRO A 219 -21.30 -24.87 -34.79
N ARG A 220 -21.93 -25.97 -34.40
CA ARG A 220 -23.24 -25.91 -33.77
C ARG A 220 -23.19 -25.60 -32.28
N TYR A 221 -22.00 -25.65 -31.66
CA TYR A 221 -21.92 -25.72 -30.20
C TYR A 221 -22.46 -24.46 -29.53
N PHE A 222 -22.35 -23.31 -30.19
CA PHE A 222 -22.82 -22.06 -29.58
C PHE A 222 -24.32 -22.07 -29.34
N LEU A 223 -25.07 -22.95 -30.01
CA LEU A 223 -26.52 -23.01 -29.80
C LEU A 223 -26.87 -23.38 -28.36
N GLU A 224 -26.04 -24.20 -27.71
CA GLU A 224 -26.31 -24.64 -26.35
C GLU A 224 -25.20 -24.33 -25.36
N SER A 225 -23.99 -24.01 -25.81
CA SER A 225 -22.86 -23.94 -24.90
C SER A 225 -22.97 -22.73 -23.97
N LEU A 226 -22.37 -22.88 -22.79
CA LEU A 226 -22.31 -21.78 -21.84
C LEU A 226 -21.54 -20.59 -22.41
N SER A 227 -20.48 -20.87 -23.19
CA SER A 227 -19.68 -19.79 -23.73
C SER A 227 -20.45 -18.98 -24.76
N GLY A 228 -21.42 -19.59 -25.43
CA GLY A 228 -22.20 -18.93 -26.46
C GLY A 228 -23.34 -18.07 -25.96
N LYS A 229 -23.49 -17.92 -24.63
CA LYS A 229 -24.64 -17.18 -24.11
C LYS A 229 -24.68 -15.75 -24.63
N ASP A 230 -23.57 -15.02 -24.51
CA ASP A 230 -23.56 -13.64 -24.98
C ASP A 230 -23.74 -13.55 -26.49
N LEU A 231 -23.12 -14.47 -27.23
CA LEU A 231 -23.29 -14.49 -28.67
C LEU A 231 -24.75 -14.72 -29.06
N ARG A 232 -25.41 -15.68 -28.38
CA ARG A 232 -26.82 -15.92 -28.65
C ARG A 232 -27.66 -14.67 -28.38
N GLU A 233 -27.33 -13.96 -27.30
CA GLU A 233 -28.04 -12.71 -27.00
C GLU A 233 -27.80 -11.67 -28.09
N TYR A 234 -26.56 -11.60 -28.61
CA TYR A 234 -26.24 -10.62 -29.64
C TYR A 234 -27.01 -10.91 -30.93
N ILE A 235 -27.09 -12.19 -31.32
CA ILE A 235 -27.79 -12.56 -32.54
C ILE A 235 -29.28 -12.26 -32.42
N LYS A 236 -29.90 -12.72 -31.33
CA LYS A 236 -31.35 -12.60 -31.17
C LYS A 236 -31.81 -11.15 -31.16
N SER A 237 -31.01 -10.25 -30.60
CA SER A 237 -31.42 -8.86 -30.43
C SER A 237 -30.97 -7.94 -31.57
N ASN A 238 -30.24 -8.45 -32.56
CA ASN A 238 -29.76 -7.61 -33.65
C ASN A 238 -30.20 -8.05 -35.04
N VAL A 239 -30.51 -9.33 -35.24
CA VAL A 239 -30.99 -9.82 -36.52
C VAL A 239 -32.22 -10.68 -36.28
N ASN A 240 -32.99 -10.88 -37.34
CA ASN A 240 -34.04 -11.90 -37.35
C ASN A 240 -33.44 -13.16 -37.93
N VAL A 241 -33.45 -14.24 -37.14
CA VAL A 241 -32.92 -15.52 -37.59
C VAL A 241 -34.00 -16.17 -38.46
N GLN A 242 -33.71 -16.31 -39.76
CA GLN A 242 -34.66 -16.95 -40.65
C GLN A 242 -34.69 -18.45 -40.43
N GLU A 243 -33.53 -19.09 -40.32
CA GLU A 243 -33.46 -20.54 -40.41
C GLU A 243 -32.21 -21.05 -39.71
N ILE A 244 -32.35 -22.21 -39.07
CA ILE A 244 -31.24 -22.95 -38.49
C ILE A 244 -31.29 -24.37 -39.02
N VAL A 245 -30.24 -24.78 -39.73
CA VAL A 245 -30.04 -26.17 -40.13
C VAL A 245 -29.04 -26.78 -39.16
N ASP A 246 -29.49 -27.76 -38.37
CA ASP A 246 -28.67 -28.37 -37.32
C ASP A 246 -28.34 -29.80 -37.76
N PHE A 247 -27.07 -30.04 -38.10
CA PHE A 247 -26.62 -31.36 -38.53
C PHE A 247 -26.26 -32.27 -37.36
N LEU A 248 -26.34 -31.78 -36.13
CA LEU A 248 -26.04 -32.57 -34.92
C LEU A 248 -24.65 -33.19 -35.10
N GLY A 249 -24.49 -34.49 -34.87
CA GLY A 249 -23.20 -35.14 -34.91
C GLY A 249 -22.77 -35.64 -36.27
N ALA A 250 -23.53 -35.35 -37.32
CA ALA A 250 -23.17 -35.81 -38.66
C ALA A 250 -21.83 -35.21 -39.07
N ASN A 251 -21.10 -35.95 -39.90
CA ASN A 251 -19.76 -35.53 -40.33
C ASN A 251 -19.89 -34.79 -41.66
N ILE A 252 -19.94 -33.46 -41.58
CA ILE A 252 -20.07 -32.62 -42.77
C ILE A 252 -18.72 -32.40 -43.43
N PHE A 253 -17.68 -32.18 -42.64
CA PHE A 253 -16.32 -31.98 -43.14
C PHE A 253 -15.55 -33.28 -42.95
N LYS A 254 -15.22 -33.94 -44.07
CA LYS A 254 -14.50 -35.20 -44.01
C LYS A 254 -13.17 -35.03 -43.29
N ASN A 255 -12.88 -35.98 -42.39
CA ASN A 255 -11.64 -36.02 -41.62
C ASN A 255 -11.50 -34.87 -40.63
N ILE A 256 -12.60 -34.21 -40.28
CA ILE A 256 -12.59 -33.09 -39.35
C ILE A 256 -13.51 -33.44 -38.19
N GLY A 257 -13.00 -33.34 -36.96
CA GLY A 257 -13.80 -33.59 -35.79
C GLY A 257 -14.57 -32.36 -35.34
N VAL A 258 -15.62 -31.99 -36.08
CA VAL A 258 -16.46 -30.85 -35.74
C VAL A 258 -17.90 -31.15 -36.15
N SER A 259 -18.83 -30.48 -35.48
CA SER A 259 -20.27 -30.62 -35.75
C SER A 259 -20.81 -29.27 -36.18
N SER A 260 -21.61 -29.27 -37.24
CA SER A 260 -21.89 -28.08 -38.02
C SER A 260 -23.36 -27.70 -37.96
N CYS A 261 -23.62 -26.40 -38.15
CA CYS A 261 -24.95 -25.89 -38.40
C CYS A 261 -24.87 -24.75 -39.40
N ILE A 262 -26.00 -24.45 -40.04
CA ILE A 262 -26.13 -23.35 -40.99
C ILE A 262 -27.15 -22.36 -40.43
N LEU A 263 -26.73 -21.11 -40.27
CA LEU A 263 -27.62 -20.05 -39.81
C LEU A 263 -27.86 -19.05 -40.94
N THR A 264 -29.12 -18.72 -41.17
CA THR A 264 -29.51 -17.67 -42.08
C THR A 264 -30.30 -16.62 -41.31
N PHE A 265 -29.89 -15.36 -41.45
CA PHE A 265 -30.46 -14.27 -40.68
C PHE A 265 -30.55 -13.04 -41.57
N ASP A 266 -31.36 -12.08 -41.15
CA ASP A 266 -31.53 -10.87 -41.93
C ASP A 266 -31.79 -9.68 -41.02
N LYS A 267 -31.65 -8.48 -41.59
CA LYS A 267 -31.99 -7.23 -40.93
C LYS A 267 -33.19 -6.58 -41.62
N LYS A 268 -34.18 -7.39 -41.98
CA LYS A 268 -35.41 -6.90 -42.58
C LYS A 268 -36.42 -6.53 -41.50
N LYS A 269 -37.18 -5.48 -41.75
CA LYS A 269 -38.24 -5.07 -40.84
C LYS A 269 -39.42 -6.01 -41.00
N THR A 270 -39.63 -6.88 -40.02
CA THR A 270 -40.72 -7.85 -40.05
C THR A 270 -41.41 -7.87 -38.70
N LYS A 271 -42.68 -8.28 -38.71
CA LYS A 271 -43.45 -8.39 -37.48
C LYS A 271 -43.55 -9.82 -36.95
N GLU A 272 -43.24 -10.83 -37.77
CA GLU A 272 -43.52 -12.22 -37.42
C GLU A 272 -42.39 -12.88 -36.63
N THR A 273 -41.15 -12.77 -37.10
CA THR A 273 -39.94 -13.29 -36.47
C THR A 273 -40.13 -14.71 -35.89
N TYR A 274 -40.42 -15.64 -36.80
CA TYR A 274 -40.42 -17.06 -36.51
C TYR A 274 -39.26 -17.72 -37.26
N ILE A 275 -38.59 -18.65 -36.59
CA ILE A 275 -37.40 -19.34 -37.12
C ILE A 275 -37.81 -20.69 -37.69
N ASP A 276 -37.35 -20.99 -38.90
CA ASP A 276 -37.42 -22.33 -39.44
C ASP A 276 -36.26 -23.15 -38.87
N VAL A 277 -36.56 -24.26 -38.20
CA VAL A 277 -35.53 -25.15 -37.68
C VAL A 277 -35.64 -26.48 -38.40
N PHE A 278 -34.56 -26.85 -39.08
CA PHE A 278 -34.40 -28.18 -39.68
C PHE A 278 -33.37 -28.93 -38.85
N LYS A 279 -33.81 -30.02 -38.22
CA LYS A 279 -32.96 -30.83 -37.35
C LYS A 279 -32.84 -32.22 -37.94
N ILE A 280 -31.61 -32.68 -38.13
CA ILE A 280 -31.38 -33.98 -38.75
C ILE A 280 -31.89 -35.08 -37.83
N LYS A 281 -32.45 -36.13 -38.43
CA LYS A 281 -32.96 -37.28 -37.68
C LYS A 281 -31.92 -38.38 -37.56
N ASN A 282 -31.16 -38.62 -38.62
CA ASN A 282 -30.19 -39.71 -38.70
C ASN A 282 -28.81 -39.11 -38.93
N GLU A 283 -27.92 -39.27 -37.96
CA GLU A 283 -26.58 -38.70 -38.06
C GLU A 283 -25.66 -39.49 -38.99
N ASP A 284 -26.05 -40.69 -39.41
CA ASP A 284 -25.22 -41.52 -40.27
C ASP A 284 -25.38 -41.19 -41.75
N ILE A 285 -26.22 -40.21 -42.09
CA ILE A 285 -26.47 -39.92 -43.49
C ILE A 285 -25.22 -39.31 -44.13
N CYS A 286 -25.07 -39.56 -45.42
CA CYS A 286 -24.03 -38.92 -46.21
C CYS A 286 -24.63 -37.77 -47.00
N ILE A 287 -23.92 -36.64 -47.03
CA ILE A 287 -24.53 -35.38 -47.42
C ILE A 287 -24.97 -35.35 -48.87
N ASN A 288 -24.49 -36.26 -49.72
CA ASN A 288 -24.77 -36.23 -51.14
C ASN A 288 -25.94 -37.14 -51.53
N LYS A 289 -26.90 -37.32 -50.61
CA LYS A 289 -28.04 -38.18 -50.90
C LYS A 289 -28.82 -37.71 -52.11
N PHE A 290 -28.91 -36.40 -52.33
CA PHE A 290 -29.57 -35.82 -53.48
C PHE A 290 -28.66 -34.77 -54.09
N GLU A 291 -29.10 -34.20 -55.22
CA GLU A 291 -28.32 -33.18 -55.90
C GLU A 291 -28.29 -31.86 -55.15
N THR A 292 -29.25 -31.62 -54.26
CA THR A 292 -29.35 -30.36 -53.54
C THR A 292 -29.59 -30.61 -52.07
N LEU A 293 -29.24 -29.63 -51.25
CA LEU A 293 -29.52 -29.73 -49.82
C LEU A 293 -31.01 -29.57 -49.52
N GLU A 294 -31.75 -28.85 -50.39
CA GLU A 294 -33.18 -28.67 -50.15
C GLU A 294 -33.92 -30.00 -50.20
N GLU A 295 -33.53 -30.88 -51.12
CA GLU A 295 -34.16 -32.20 -51.18
C GLU A 295 -33.93 -32.96 -49.87
N LEU A 296 -32.71 -32.91 -49.33
CA LEU A 296 -32.44 -33.57 -48.07
C LEU A 296 -33.25 -32.96 -46.92
N LEU A 297 -33.34 -31.62 -46.88
CA LEU A 297 -34.05 -30.97 -45.79
C LEU A 297 -35.55 -31.29 -45.81
N LYS A 298 -36.15 -31.37 -46.99
CA LYS A 298 -37.58 -31.70 -47.08
C LYS A 298 -37.84 -33.19 -46.91
N SER A 299 -36.80 -34.03 -46.93
CA SER A 299 -36.97 -35.47 -46.87
C SER A 299 -37.28 -35.91 -45.44
N SER A 300 -37.45 -37.22 -45.28
CA SER A 300 -37.67 -37.82 -43.96
C SER A 300 -36.40 -37.88 -43.14
N LYS A 301 -35.24 -37.56 -43.73
CA LYS A 301 -34.00 -37.56 -42.97
C LYS A 301 -33.92 -36.37 -42.01
N PHE A 302 -34.71 -35.33 -42.25
CA PHE A 302 -34.77 -34.16 -41.38
C PHE A 302 -36.19 -34.00 -40.83
N GLU A 303 -36.29 -33.36 -39.68
CA GLU A 303 -37.56 -32.87 -39.17
C GLU A 303 -37.55 -31.35 -39.21
N HIS A 304 -38.73 -30.77 -39.43
CA HIS A 304 -38.88 -29.32 -39.46
C HIS A 304 -39.86 -28.89 -38.37
N PHE A 305 -39.55 -27.77 -37.73
CA PHE A 305 -40.47 -27.12 -36.80
C PHE A 305 -40.10 -25.66 -36.70
N ASN A 306 -41.00 -24.88 -36.09
CA ASN A 306 -40.85 -23.43 -35.98
C ASN A 306 -40.66 -23.03 -34.52
N ILE A 307 -39.85 -21.99 -34.31
CA ILE A 307 -39.58 -21.45 -32.99
C ILE A 307 -39.80 -19.94 -33.03
N ASN A 308 -40.53 -19.41 -32.06
CA ASN A 308 -40.76 -17.98 -31.95
C ASN A 308 -39.52 -17.32 -31.34
N GLN A 309 -38.84 -16.48 -32.13
CA GLN A 309 -37.61 -15.85 -31.66
C GLN A 309 -37.87 -14.98 -30.44
N ARG A 310 -39.06 -14.39 -30.33
CA ARG A 310 -39.38 -13.56 -29.18
C ARG A 310 -39.46 -14.38 -27.88
N LEU A 311 -39.66 -15.69 -27.97
CA LEU A 311 -39.77 -16.55 -26.80
C LEU A 311 -38.44 -17.16 -26.39
N LEU A 312 -37.34 -16.81 -27.05
CA LEU A 312 -36.04 -17.32 -26.68
C LEU A 312 -35.54 -16.64 -25.41
N SER A 313 -35.17 -17.45 -24.42
CA SER A 313 -34.52 -16.94 -23.22
C SER A 313 -33.02 -16.87 -23.48
N ASP A 314 -32.20 -16.75 -22.42
CA ASP A 314 -30.76 -16.86 -22.61
C ASP A 314 -30.38 -18.21 -23.23
N GLU A 315 -31.21 -19.23 -23.05
CA GLU A 315 -31.04 -20.50 -23.72
C GLU A 315 -32.01 -20.61 -24.89
N TRP A 316 -31.56 -21.27 -25.96
CA TRP A 316 -32.39 -21.53 -27.14
C TRP A 316 -32.81 -22.99 -27.09
N ILE A 317 -34.05 -23.23 -26.69
CA ILE A 317 -34.59 -24.59 -26.62
C ILE A 317 -35.31 -24.84 -27.95
N LEU A 318 -34.65 -25.56 -28.84
CA LEU A 318 -35.11 -25.77 -30.22
C LEU A 318 -35.59 -27.21 -30.36
N VAL A 319 -36.86 -27.43 -30.02
CA VAL A 319 -37.46 -28.75 -30.10
C VAL A 319 -38.85 -28.63 -30.72
N ASN A 320 -39.36 -29.76 -31.20
CA ASN A 320 -40.71 -29.80 -31.73
C ASN A 320 -41.73 -29.68 -30.59
N LYS A 321 -43.00 -29.54 -30.97
CA LYS A 321 -44.05 -29.26 -29.99
C LYS A 321 -44.22 -30.40 -28.99
N ASP A 322 -44.05 -31.65 -29.44
CA ASP A 322 -44.15 -32.78 -28.52
C ASP A 322 -43.07 -32.71 -27.45
N ASP A 323 -41.83 -32.40 -27.85
CA ASP A 323 -40.74 -32.33 -26.89
C ASP A 323 -40.89 -31.11 -25.97
N GLU A 324 -41.37 -29.99 -26.51
CA GLU A 324 -41.60 -28.83 -25.66
C GLU A 324 -42.63 -29.13 -24.58
N THR A 325 -43.72 -29.78 -24.95
CA THR A 325 -44.73 -30.18 -23.96
C THR A 325 -44.12 -31.14 -22.94
N PHE A 326 -43.34 -32.11 -23.42
CA PHE A 326 -42.65 -33.05 -22.54
C PHE A 326 -41.73 -32.30 -21.58
N TYR A 327 -40.88 -31.42 -22.12
CA TYR A 327 -39.94 -30.68 -21.29
C TYR A 327 -40.65 -29.79 -20.29
N ASN A 328 -41.70 -29.07 -20.72
CA ASN A 328 -42.38 -28.14 -19.83
C ASN A 328 -43.11 -28.87 -18.70
N LYS A 329 -43.67 -30.05 -18.98
CA LYS A 329 -44.31 -30.82 -17.92
C LYS A 329 -43.32 -31.16 -16.81
N ILE A 330 -42.13 -31.63 -17.19
CA ILE A 330 -41.14 -32.02 -16.19
C ILE A 330 -40.65 -30.80 -15.41
N GLN A 331 -40.39 -29.69 -16.11
CA GLN A 331 -39.91 -28.48 -15.44
C GLN A 331 -40.94 -27.98 -14.43
N GLU A 332 -42.22 -27.97 -14.80
CA GLU A 332 -43.26 -27.48 -13.90
C GLU A 332 -43.47 -28.43 -12.72
N LYS A 333 -43.32 -29.73 -12.94
CA LYS A 333 -43.62 -30.71 -11.89
C LYS A 333 -42.51 -30.79 -10.84
N CYS A 334 -41.26 -30.60 -11.23
CA CYS A 334 -40.12 -30.78 -10.34
C CYS A 334 -39.82 -29.50 -9.57
N LYS A 335 -39.86 -29.59 -8.24
CA LYS A 335 -39.63 -28.43 -7.39
C LYS A 335 -38.17 -28.22 -7.01
N TYR A 336 -37.29 -29.16 -7.34
CA TYR A 336 -35.88 -29.04 -7.00
C TYR A 336 -35.04 -29.23 -8.25
N SER A 337 -33.81 -28.69 -8.21
CA SER A 337 -32.77 -29.03 -9.17
C SER A 337 -31.66 -29.75 -8.43
N LEU A 338 -30.79 -30.44 -9.19
CA LEU A 338 -29.62 -31.05 -8.58
C LEU A 338 -28.75 -30.01 -7.89
N GLU A 339 -28.67 -28.80 -8.47
CA GLU A 339 -27.88 -27.74 -7.86
C GLU A 339 -28.40 -27.38 -6.47
N ASP A 340 -29.73 -27.38 -6.30
CA ASP A 340 -30.31 -27.06 -4.99
C ASP A 340 -29.86 -28.05 -3.93
N ILE A 341 -29.70 -29.32 -4.29
CA ILE A 341 -29.59 -30.40 -3.32
C ILE A 341 -28.20 -31.02 -3.26
N ALA A 342 -27.30 -30.68 -4.18
CA ALA A 342 -26.05 -31.40 -4.31
C ALA A 342 -24.88 -30.43 -4.43
N ILE A 343 -23.69 -30.95 -4.13
CA ILE A 343 -22.43 -30.23 -4.30
C ILE A 343 -21.67 -30.90 -5.44
N SER A 344 -21.34 -30.11 -6.46
CA SER A 344 -20.72 -30.61 -7.68
C SER A 344 -19.24 -30.24 -7.70
N PHE A 345 -18.42 -31.10 -8.31
CA PHE A 345 -17.02 -30.76 -8.50
C PHE A 345 -16.43 -31.58 -9.65
N GLN A 346 -15.45 -30.97 -10.31
CA GLN A 346 -14.67 -31.61 -11.37
C GLN A 346 -13.56 -32.46 -10.76
N GLY A 347 -13.14 -33.48 -11.51
CA GLY A 347 -12.14 -34.41 -11.03
C GLY A 347 -10.74 -33.81 -10.99
N ILE A 348 -9.79 -34.67 -10.61
CA ILE A 348 -8.40 -34.26 -10.50
C ILE A 348 -7.86 -33.88 -11.86
N ILE A 349 -7.01 -32.86 -11.89
CA ILE A 349 -6.23 -32.53 -13.08
C ILE A 349 -4.76 -32.59 -12.67
N THR A 350 -4.10 -33.69 -13.00
CA THR A 350 -2.69 -33.82 -12.62
C THR A 350 -1.82 -32.87 -13.41
N GLY A 351 -2.15 -32.64 -14.67
CA GLY A 351 -1.32 -31.88 -15.58
C GLY A 351 -0.34 -32.72 -16.36
N CYS A 352 -0.04 -33.93 -15.90
CA CYS A 352 0.69 -34.92 -16.69
C CYS A 352 0.32 -36.30 -16.13
N ASP A 353 -0.66 -36.95 -16.78
CA ASP A 353 -1.20 -38.19 -16.23
C ASP A 353 -0.14 -39.29 -16.20
N LYS A 354 0.71 -39.37 -17.23
CA LYS A 354 1.69 -40.45 -17.31
C LYS A 354 2.69 -40.40 -16.17
N ALA A 355 2.82 -39.27 -15.47
CA ALA A 355 3.73 -39.19 -14.34
C ALA A 355 3.10 -39.68 -13.04
N PHE A 356 1.78 -39.57 -12.91
CA PHE A 356 1.11 -39.84 -11.63
C PHE A 356 0.17 -41.03 -11.65
N ILE A 357 -0.19 -41.54 -12.82
CA ILE A 357 -1.16 -42.62 -12.95
C ILE A 357 -0.41 -43.89 -13.33
N LEU A 358 -0.55 -44.92 -12.51
CA LEU A 358 0.11 -46.20 -12.75
C LEU A 358 -0.91 -47.32 -12.72
N SER A 359 -0.66 -48.35 -13.53
CA SER A 359 -1.45 -49.57 -13.43
C SER A 359 -1.29 -50.15 -12.03
N LYS A 360 -2.40 -50.66 -11.48
CA LYS A 360 -2.36 -51.19 -10.11
C LYS A 360 -1.44 -52.39 -9.96
N ASP A 361 -1.02 -53.01 -11.06
CA ASP A 361 -0.07 -54.11 -11.03
C ASP A 361 1.34 -53.68 -11.40
N ASP A 362 1.60 -52.38 -11.51
CA ASP A 362 2.95 -51.92 -11.80
C ASP A 362 3.85 -52.13 -10.59
N VAL A 363 5.01 -52.73 -10.82
CA VAL A 363 5.95 -53.00 -9.73
C VAL A 363 6.47 -51.72 -9.09
N LYS A 364 6.42 -50.59 -9.81
CA LYS A 364 6.84 -49.32 -9.25
C LYS A 364 6.03 -48.91 -8.03
N LEU A 365 4.79 -49.41 -7.90
CA LEU A 365 3.96 -49.06 -6.76
C LEU A 365 4.49 -49.63 -5.44
N ASN A 366 5.41 -50.60 -5.51
CA ASN A 366 6.09 -51.03 -4.30
C ASN A 366 6.91 -49.92 -3.68
N LEU A 367 7.34 -48.94 -4.49
CA LEU A 367 8.08 -47.79 -3.99
C LEU A 367 7.18 -46.77 -3.30
N VAL A 368 5.88 -46.82 -3.53
CA VAL A 368 4.96 -45.80 -3.04
C VAL A 368 4.21 -46.35 -1.84
N ASP A 369 4.37 -45.66 -0.70
CA ASP A 369 3.57 -45.98 0.47
C ASP A 369 2.09 -45.87 0.13
N ASP A 370 1.30 -46.83 0.61
CA ASP A 370 -0.09 -46.90 0.23
C ASP A 370 -0.91 -45.72 0.74
N LYS A 371 -0.39 -44.96 1.70
CA LYS A 371 -1.06 -43.73 2.11
C LYS A 371 -1.10 -42.70 0.99
N PHE A 372 -0.22 -42.82 -0.01
CA PHE A 372 -0.20 -41.91 -1.15
C PHE A 372 -1.07 -42.35 -2.31
N LEU A 373 -1.59 -43.59 -2.29
CA LEU A 373 -2.23 -44.18 -3.46
C LEU A 373 -3.74 -44.06 -3.38
N LYS A 374 -4.35 -43.65 -4.49
CA LYS A 374 -5.79 -43.58 -4.61
C LYS A 374 -6.25 -44.41 -5.80
N CYS A 375 -7.44 -44.99 -5.68
CA CYS A 375 -8.06 -45.67 -6.81
C CYS A 375 -8.44 -44.66 -7.89
N TRP A 376 -8.27 -45.05 -9.15
CA TRP A 376 -8.37 -44.15 -10.29
C TRP A 376 -9.18 -44.81 -11.39
N ILE A 377 -10.22 -44.11 -11.86
CA ILE A 377 -11.10 -44.64 -12.89
C ILE A 377 -11.18 -43.66 -14.05
N LYS A 378 -11.55 -44.19 -15.21
CA LYS A 378 -11.78 -43.40 -16.41
C LYS A 378 -13.28 -43.29 -16.66
N SER A 379 -13.64 -42.52 -17.70
CA SER A 379 -15.06 -42.35 -18.02
C SER A 379 -15.69 -43.68 -18.42
N LYS A 380 -14.93 -44.54 -19.09
CA LYS A 380 -15.49 -45.81 -19.56
C LYS A 380 -15.81 -46.76 -18.42
N ASN A 381 -15.29 -46.51 -17.22
CA ASN A 381 -15.58 -47.35 -16.07
C ASN A 381 -16.92 -47.04 -15.43
N ILE A 382 -17.56 -45.94 -15.81
CA ILE A 382 -18.87 -45.58 -15.27
C ILE A 382 -19.93 -46.26 -16.11
N ASN A 383 -20.73 -47.11 -15.48
CA ASN A 383 -21.94 -47.65 -16.08
C ASN A 383 -23.13 -47.01 -15.39
N LYS A 384 -24.33 -47.39 -15.83
CA LYS A 384 -25.50 -47.07 -15.05
C LYS A 384 -25.41 -47.75 -13.69
N TYR A 385 -25.63 -46.96 -12.63
CA TYR A 385 -25.80 -47.35 -11.23
C TYR A 385 -24.54 -47.75 -10.47
N ILE A 386 -23.46 -48.15 -11.14
CA ILE A 386 -22.27 -48.66 -10.45
C ILE A 386 -21.04 -48.48 -11.33
N VAL A 387 -19.88 -48.39 -10.68
CA VAL A 387 -18.59 -48.19 -11.32
C VAL A 387 -17.87 -49.53 -11.44
N ASP A 388 -17.15 -49.72 -12.54
CA ASP A 388 -16.28 -50.88 -12.65
C ASP A 388 -15.20 -50.81 -11.56
N LYS A 389 -14.61 -51.97 -11.28
CA LYS A 389 -13.45 -52.01 -10.41
C LYS A 389 -12.28 -51.30 -11.07
N SER A 390 -11.58 -50.46 -10.31
CA SER A 390 -10.50 -49.67 -10.86
C SER A 390 -9.28 -50.54 -11.16
N GLU A 391 -8.57 -50.17 -12.22
CA GLU A 391 -7.34 -50.83 -12.62
C GLU A 391 -6.12 -49.93 -12.50
N TYR A 392 -6.32 -48.67 -12.12
CA TYR A 392 -5.24 -47.69 -12.08
C TYR A 392 -5.18 -47.06 -10.70
N ARG A 393 -4.00 -46.55 -10.37
CA ARG A 393 -3.76 -45.88 -9.11
C ARG A 393 -3.17 -44.50 -9.38
N LEU A 394 -3.61 -43.53 -8.59
CA LEU A 394 -3.05 -42.18 -8.60
C LEU A 394 -2.11 -42.01 -7.42
N ILE A 395 -0.93 -41.47 -7.68
CA ILE A 395 -0.01 -41.05 -6.63
C ILE A 395 -0.39 -39.64 -6.24
N TYR A 396 -1.06 -39.49 -5.08
CA TYR A 396 -1.46 -38.17 -4.62
C TYR A 396 -0.21 -37.46 -4.08
N SER A 397 0.58 -36.96 -5.02
CA SER A 397 1.92 -36.45 -4.73
C SER A 397 1.92 -35.19 -3.88
N ASN A 398 0.76 -34.52 -3.74
CA ASN A 398 0.71 -33.34 -2.88
C ASN A 398 1.06 -33.65 -1.44
N ASP A 399 0.90 -34.90 -1.00
CA ASP A 399 1.16 -35.28 0.37
C ASP A 399 2.62 -35.70 0.60
N ILE A 400 3.44 -35.73 -0.44
CA ILE A 400 4.87 -35.94 -0.26
C ILE A 400 5.46 -34.68 0.37
N ASP A 401 5.99 -34.81 1.59
CA ASP A 401 6.41 -33.64 2.36
C ASP A 401 7.53 -32.89 1.68
N ASN A 402 8.62 -33.59 1.34
CA ASN A 402 9.76 -32.94 0.70
C ASN A 402 10.57 -33.99 -0.05
N GLU A 403 11.54 -33.52 -0.82
CA GLU A 403 12.25 -34.33 -1.80
C GLU A 403 13.24 -35.30 -1.17
N ASN A 404 13.52 -35.20 0.13
CA ASN A 404 14.50 -36.09 0.75
C ASN A 404 13.88 -37.35 1.35
N THR A 405 12.68 -37.24 1.92
CA THR A 405 12.06 -38.37 2.60
C THR A 405 11.47 -39.40 1.64
N ASN A 406 11.14 -38.99 0.42
CA ASN A 406 10.58 -39.89 -0.59
C ASN A 406 11.29 -39.71 -1.93
N LYS A 407 12.63 -39.68 -1.88
CA LYS A 407 13.42 -39.45 -3.08
C LYS A 407 13.22 -40.55 -4.11
N ARG A 408 12.97 -41.79 -3.66
CA ARG A 408 12.81 -42.90 -4.58
C ARG A 408 11.62 -42.69 -5.50
N ILE A 409 10.49 -42.23 -4.95
CA ILE A 409 9.31 -41.97 -5.76
C ILE A 409 9.58 -40.85 -6.76
N LEU A 410 10.27 -39.80 -6.31
CA LEU A 410 10.53 -38.67 -7.18
C LEU A 410 11.52 -39.03 -8.29
N ASP A 411 12.57 -39.78 -7.95
CA ASP A 411 13.61 -40.05 -8.95
C ASP A 411 13.15 -41.08 -9.97
N GLU A 412 12.41 -42.09 -9.54
CA GLU A 412 12.15 -43.24 -10.41
C GLU A 412 10.77 -43.26 -11.04
N ILE A 413 9.82 -42.46 -10.54
CA ILE A 413 8.48 -42.47 -11.12
C ILE A 413 8.13 -41.11 -11.67
N ILE A 414 8.01 -40.12 -10.78
CA ILE A 414 7.52 -38.81 -11.19
C ILE A 414 8.58 -38.03 -11.97
N GLY A 415 9.84 -38.14 -11.55
CA GLY A 415 10.92 -37.39 -12.19
C GLY A 415 11.18 -37.77 -13.64
N LEU A 416 10.67 -38.93 -14.07
CA LEU A 416 10.81 -39.32 -15.47
C LEU A 416 10.17 -38.32 -16.42
N TYR A 417 9.21 -37.52 -15.94
CA TYR A 417 8.54 -36.50 -16.74
C TYR A 417 8.78 -35.11 -16.16
N LYS A 418 9.94 -34.91 -15.53
CA LYS A 418 10.16 -33.67 -14.78
C LYS A 418 10.16 -32.45 -15.70
N THR A 419 10.74 -32.57 -16.89
CA THR A 419 10.77 -31.44 -17.81
C THR A 419 9.36 -30.98 -18.19
N LYS A 420 8.50 -31.93 -18.56
CA LYS A 420 7.14 -31.56 -18.92
C LYS A 420 6.35 -31.06 -17.70
N LEU A 421 6.61 -31.65 -16.53
CA LEU A 421 5.94 -31.18 -15.31
C LEU A 421 6.31 -29.74 -15.01
N GLU A 422 7.56 -29.36 -15.23
CA GLU A 422 8.00 -28.00 -14.95
C GLU A 422 7.42 -26.99 -15.93
N ASN A 423 6.85 -27.43 -17.05
CA ASN A 423 6.27 -26.50 -18.02
C ASN A 423 4.81 -26.21 -17.76
N ARG A 424 4.20 -26.82 -16.75
CA ARG A 424 2.85 -26.46 -16.37
C ARG A 424 2.83 -25.04 -15.82
N ARG A 425 1.69 -24.37 -16.00
CA ARG A 425 1.61 -22.93 -15.71
C ARG A 425 1.94 -22.65 -14.25
N GLU A 426 1.36 -23.42 -13.33
CA GLU A 426 1.57 -23.17 -11.91
C GLU A 426 2.97 -23.57 -11.45
N CYS A 427 3.73 -24.34 -12.24
CA CYS A 427 5.12 -24.60 -11.91
C CYS A 427 6.03 -23.49 -12.40
N LYS A 428 5.74 -22.91 -13.58
CA LYS A 428 6.51 -21.78 -14.06
C LYS A 428 6.40 -20.59 -13.12
N SER A 429 5.23 -20.40 -12.52
CA SER A 429 4.98 -19.28 -11.62
C SER A 429 5.37 -19.58 -10.18
N GLY A 430 5.80 -20.80 -9.88
CA GLY A 430 6.21 -21.14 -8.53
C GLY A 430 5.09 -21.44 -7.56
N ILE A 431 3.84 -21.47 -8.03
CA ILE A 431 2.72 -21.82 -7.17
C ILE A 431 2.78 -23.30 -6.78
N ARG A 432 3.22 -24.14 -7.70
CA ARG A 432 3.20 -25.58 -7.53
C ARG A 432 4.62 -26.12 -7.64
N LYS A 433 4.96 -27.07 -6.77
CA LYS A 433 6.23 -27.77 -6.93
C LYS A 433 6.18 -28.66 -8.16
N TRP A 434 7.37 -28.98 -8.70
CA TRP A 434 7.42 -29.69 -9.97
C TRP A 434 6.80 -31.08 -9.87
N TYR A 435 6.80 -31.69 -8.68
CA TYR A 435 6.26 -33.03 -8.51
C TYR A 435 4.81 -33.03 -8.02
N GLU A 436 4.21 -31.86 -7.82
CA GLU A 436 2.86 -31.78 -7.29
C GLU A 436 1.82 -31.88 -8.39
N LEU A 437 0.63 -32.35 -8.02
CA LEU A 437 -0.50 -32.32 -8.94
C LEU A 437 -0.88 -30.87 -9.24
N GLN A 438 -1.23 -30.60 -10.49
CA GLN A 438 -1.58 -29.23 -10.87
C GLN A 438 -2.82 -28.76 -10.14
N TRP A 439 -3.90 -29.55 -10.19
CA TRP A 439 -5.14 -29.24 -9.47
C TRP A 439 -5.54 -30.49 -8.70
N GLY A 440 -4.99 -30.63 -7.49
CA GLY A 440 -5.25 -31.79 -6.65
C GLY A 440 -6.58 -31.78 -5.92
N ARG A 441 -7.32 -30.68 -6.00
CA ARG A 441 -8.67 -30.55 -5.45
C ARG A 441 -8.60 -30.80 -3.93
N GLU A 442 -9.67 -31.34 -3.37
CA GLU A 442 -9.75 -31.67 -1.96
C GLU A 442 -10.02 -33.17 -1.81
N LYS A 443 -9.10 -33.87 -1.15
CA LYS A 443 -9.21 -35.33 -1.05
C LYS A 443 -10.54 -35.74 -0.43
N LEU A 444 -10.98 -35.03 0.61
CA LEU A 444 -12.19 -35.41 1.34
C LEU A 444 -13.45 -35.29 0.49
N PHE A 445 -13.39 -34.58 -0.63
CA PHE A 445 -14.54 -34.56 -1.54
C PHE A 445 -14.70 -35.90 -2.24
N PHE A 446 -13.59 -36.58 -2.55
CA PHE A 446 -13.63 -37.85 -3.25
C PHE A 446 -13.80 -39.04 -2.33
N GLU A 447 -13.29 -38.95 -1.10
CA GLU A 447 -13.27 -40.09 -0.19
C GLU A 447 -14.56 -40.13 0.64
N ARG A 448 -15.66 -40.29 -0.08
CA ARG A 448 -16.98 -40.35 0.52
C ARG A 448 -17.93 -40.96 -0.49
N LYS A 449 -19.08 -41.40 0.00
CA LYS A 449 -20.14 -41.86 -0.90
C LYS A 449 -20.57 -40.71 -1.80
N LYS A 450 -20.62 -40.97 -3.11
CA LYS A 450 -20.91 -39.92 -4.08
C LYS A 450 -21.42 -40.54 -5.36
N ILE A 451 -21.94 -39.70 -6.24
CA ILE A 451 -22.42 -40.09 -7.56
C ILE A 451 -21.44 -39.56 -8.61
N MET A 452 -21.08 -40.41 -9.57
CA MET A 452 -20.15 -40.07 -10.62
C MET A 452 -20.77 -40.33 -11.99
N TYR A 453 -20.40 -39.50 -12.96
CA TYR A 453 -20.89 -39.67 -14.33
C TYR A 453 -19.81 -39.24 -15.31
N PRO A 454 -19.76 -39.85 -16.49
CA PRO A 454 -18.73 -39.47 -17.48
C PRO A 454 -19.02 -38.10 -18.06
N TYR A 455 -17.95 -37.41 -18.47
CA TYR A 455 -18.11 -36.05 -18.98
C TYR A 455 -18.66 -36.01 -20.40
N LYS A 456 -18.56 -37.11 -21.14
CA LYS A 456 -19.05 -37.22 -22.50
C LYS A 456 -19.61 -38.63 -22.66
N SER A 457 -20.87 -38.73 -23.06
CA SER A 457 -21.50 -40.04 -23.16
C SER A 457 -22.64 -39.99 -24.17
N ASN A 458 -23.02 -41.18 -24.64
CA ASN A 458 -24.18 -41.33 -25.50
C ASN A 458 -25.49 -41.37 -24.72
N GLU A 459 -25.43 -41.59 -23.40
CA GLU A 459 -26.63 -41.75 -22.60
C GLU A 459 -26.32 -41.39 -21.16
N ASN A 460 -27.38 -41.21 -20.37
CA ASN A 460 -27.23 -40.99 -18.94
C ASN A 460 -26.56 -42.20 -18.29
N ARG A 461 -25.47 -41.97 -17.59
CA ARG A 461 -24.78 -43.03 -16.84
C ARG A 461 -24.36 -42.40 -15.51
N PHE A 462 -25.25 -42.47 -14.53
CA PHE A 462 -24.96 -41.98 -13.19
C PHE A 462 -24.80 -43.17 -12.27
N ALA A 463 -23.66 -43.26 -11.59
CA ALA A 463 -23.31 -44.39 -10.75
C ALA A 463 -23.04 -43.94 -9.33
N ILE A 464 -23.41 -44.78 -8.36
CA ILE A 464 -23.03 -44.57 -6.98
C ILE A 464 -21.62 -45.14 -6.81
N ASP A 465 -20.70 -44.31 -6.32
CA ASP A 465 -19.35 -44.76 -6.02
C ASP A 465 -19.26 -45.14 -4.56
N TYR A 466 -18.92 -46.40 -4.29
CA TYR A 466 -18.73 -46.88 -2.93
C TYR A 466 -17.27 -46.99 -2.53
N ASP A 467 -16.34 -46.82 -3.48
CA ASP A 467 -14.96 -47.23 -3.29
C ASP A 467 -13.98 -46.07 -3.25
N ASN A 468 -14.46 -44.85 -2.95
CA ASN A 468 -13.59 -43.69 -2.80
C ASN A 468 -12.74 -43.47 -4.06
N ASN A 469 -13.37 -43.62 -5.22
CA ASN A 469 -12.63 -43.50 -6.48
C ASN A 469 -12.28 -42.05 -6.77
N PHE A 470 -11.03 -41.82 -7.15
CA PHE A 470 -10.62 -40.57 -7.76
C PHE A 470 -10.70 -40.71 -9.28
N SER A 471 -10.67 -39.58 -9.98
CA SER A 471 -10.74 -39.58 -11.43
C SER A 471 -10.21 -38.25 -11.95
N SER A 472 -9.92 -38.23 -13.24
CA SER A 472 -9.56 -36.99 -13.92
C SER A 472 -10.82 -36.21 -14.26
N ALA A 473 -10.68 -35.20 -15.13
CA ALA A 473 -11.81 -34.36 -15.53
C ALA A 473 -12.72 -35.02 -16.55
N ASP A 474 -12.43 -36.25 -16.97
CA ASP A 474 -13.38 -36.98 -17.80
C ASP A 474 -14.50 -37.60 -16.98
N VAL A 475 -14.48 -37.45 -15.66
CA VAL A 475 -15.54 -37.92 -14.77
C VAL A 475 -15.88 -36.80 -13.79
N TYR A 476 -17.16 -36.48 -13.67
CA TYR A 476 -17.65 -35.52 -12.70
C TYR A 476 -18.34 -36.23 -11.55
N SER A 477 -18.37 -35.58 -10.40
CA SER A 477 -18.92 -36.16 -9.19
C SER A 477 -19.83 -35.15 -8.51
N PHE A 478 -20.78 -35.66 -7.73
CA PHE A 478 -21.49 -34.83 -6.78
C PHE A 478 -21.90 -35.66 -5.58
N PHE A 479 -22.14 -34.98 -4.46
CA PHE A 479 -22.72 -35.60 -3.28
C PHE A 479 -23.87 -34.72 -2.80
N ILE A 480 -24.75 -35.33 -2.02
CA ILE A 480 -25.98 -34.67 -1.58
C ILE A 480 -25.67 -33.80 -0.37
N LYS A 481 -26.19 -32.57 -0.38
CA LYS A 481 -26.05 -31.71 0.78
C LYS A 481 -26.70 -32.36 1.99
N GLU A 482 -26.11 -32.15 3.17
CA GLU A 482 -26.56 -32.86 4.36
C GLU A 482 -28.01 -32.54 4.69
N GLU A 483 -28.45 -31.31 4.41
CA GLU A 483 -29.82 -30.92 4.73
C GLU A 483 -30.85 -31.47 3.76
N TYR A 484 -30.42 -32.14 2.68
CA TYR A 484 -31.33 -32.78 1.75
C TYR A 484 -31.24 -34.30 1.77
N LEU A 485 -30.51 -34.87 2.74
CA LEU A 485 -30.35 -36.32 2.78
C LEU A 485 -31.65 -37.03 3.15
N ASP A 486 -32.47 -36.43 4.02
CA ASP A 486 -33.73 -37.06 4.40
C ASP A 486 -34.81 -36.94 3.34
N LYS A 487 -34.62 -36.12 2.31
CA LYS A 487 -35.53 -36.05 1.18
C LYS A 487 -35.08 -36.89 -0.01
N PHE A 488 -33.77 -36.94 -0.28
CA PHE A 488 -33.26 -37.64 -1.43
C PHE A 488 -32.10 -38.54 -1.02
N SER A 489 -32.17 -39.80 -1.40
CA SER A 489 -31.09 -40.77 -1.23
C SER A 489 -30.36 -40.97 -2.55
N TYR A 490 -29.12 -41.46 -2.46
CA TYR A 490 -28.36 -41.73 -3.67
C TYR A 490 -29.05 -42.78 -4.53
N GLU A 491 -29.63 -43.80 -3.88
CA GLU A 491 -30.29 -44.87 -4.62
C GLU A 491 -31.48 -44.34 -5.42
N TYR A 492 -32.27 -43.43 -4.82
CA TYR A 492 -33.37 -42.82 -5.56
C TYR A 492 -32.87 -41.98 -6.72
N LEU A 493 -31.78 -41.23 -6.51
CA LEU A 493 -31.31 -40.30 -7.53
C LEU A 493 -30.79 -41.04 -8.76
N VAL A 494 -29.97 -42.07 -8.58
CA VAL A 494 -29.50 -42.81 -9.73
C VAL A 494 -30.64 -43.56 -10.41
N GLY A 495 -31.70 -43.88 -9.68
CA GLY A 495 -32.89 -44.45 -10.29
C GLY A 495 -33.52 -43.54 -11.33
N ILE A 496 -33.92 -42.34 -10.94
CA ILE A 496 -34.57 -41.45 -11.91
C ILE A 496 -33.56 -40.95 -12.94
N LEU A 497 -32.34 -40.66 -12.52
CA LEU A 497 -31.37 -40.07 -13.44
C LEU A 497 -30.98 -41.03 -14.56
N ASN A 498 -31.06 -42.33 -14.33
CA ASN A 498 -30.73 -43.30 -15.35
C ASN A 498 -31.94 -43.76 -16.16
N SER A 499 -33.12 -43.23 -15.86
CA SER A 499 -34.32 -43.67 -16.55
C SER A 499 -34.37 -43.14 -17.98
N SER A 500 -35.13 -43.84 -18.83
CA SER A 500 -35.32 -43.39 -20.20
C SER A 500 -35.95 -42.01 -20.23
N VAL A 501 -36.81 -41.70 -19.26
CA VAL A 501 -37.43 -40.39 -19.18
C VAL A 501 -36.37 -39.31 -19.04
N TYR A 502 -35.45 -39.50 -18.09
CA TYR A 502 -34.45 -38.47 -17.83
C TYR A 502 -33.37 -38.45 -18.91
N ASP A 503 -33.12 -39.58 -19.55
CA ASP A 503 -32.21 -39.58 -20.69
C ASP A 503 -32.72 -38.68 -21.80
N LYS A 504 -34.00 -38.84 -22.16
CA LYS A 504 -34.61 -37.94 -23.14
C LYS A 504 -34.69 -36.51 -22.63
N TYR A 505 -35.03 -36.35 -21.35
CA TYR A 505 -35.20 -35.01 -20.78
C TYR A 505 -33.90 -34.23 -20.80
N PHE A 506 -32.80 -34.86 -20.40
CA PHE A 506 -31.51 -34.16 -20.39
C PHE A 506 -31.07 -33.80 -21.81
N LYS A 507 -31.25 -34.71 -22.77
CA LYS A 507 -30.76 -34.48 -24.13
C LYS A 507 -31.50 -33.38 -24.86
N ILE A 508 -32.64 -32.92 -24.34
CA ILE A 508 -33.39 -31.85 -24.99
C ILE A 508 -32.57 -30.56 -25.02
N THR A 509 -31.89 -30.24 -23.92
CA THR A 509 -31.06 -29.04 -23.82
C THR A 509 -29.57 -29.34 -23.75
N ALA A 510 -29.18 -30.60 -23.76
CA ALA A 510 -27.78 -30.97 -23.65
C ALA A 510 -27.00 -30.48 -24.87
N LYS A 511 -25.69 -30.32 -24.67
CA LYS A 511 -24.78 -29.86 -25.71
C LYS A 511 -24.30 -31.07 -26.52
N LYS A 512 -24.70 -31.12 -27.79
CA LYS A 512 -24.37 -32.23 -28.68
C LYS A 512 -23.00 -31.99 -29.30
N MET A 513 -22.06 -32.92 -29.06
CA MET A 513 -20.65 -32.72 -29.39
C MET A 513 -20.24 -33.39 -30.69
N SER A 514 -20.42 -34.70 -30.78
CA SER A 514 -20.12 -35.46 -31.98
C SER A 514 -21.11 -36.61 -32.05
N LYS A 515 -20.95 -37.47 -33.05
CA LYS A 515 -21.93 -38.54 -33.28
C LYS A 515 -22.05 -39.41 -32.04
N ASN A 516 -23.26 -39.47 -31.49
CA ASN A 516 -23.58 -40.26 -30.30
C ASN A 516 -22.81 -39.80 -29.06
N ILE A 517 -22.49 -38.50 -28.97
CA ILE A 517 -21.80 -37.98 -27.79
C ILE A 517 -22.45 -36.66 -27.37
N TYR A 518 -22.86 -36.59 -26.11
CA TYR A 518 -23.26 -35.34 -25.48
C TYR A 518 -22.28 -35.01 -24.37
N ASP A 519 -22.06 -33.72 -24.16
CA ASP A 519 -21.39 -33.28 -22.95
C ASP A 519 -22.29 -33.53 -21.75
N TYR A 520 -21.74 -34.16 -20.71
CA TYR A 520 -22.38 -34.21 -19.41
C TYR A 520 -21.50 -33.40 -18.45
N TYR A 521 -21.71 -32.09 -18.45
CA TYR A 521 -20.95 -31.16 -17.63
C TYR A 521 -21.88 -30.51 -16.61
N PRO A 522 -21.33 -30.10 -15.45
CA PRO A 522 -22.20 -29.52 -14.41
C PRO A 522 -23.00 -28.32 -14.87
N ASN A 523 -22.48 -27.53 -15.81
CA ASN A 523 -23.22 -26.33 -16.23
C ASN A 523 -24.58 -26.68 -16.82
N LYS A 524 -24.77 -27.93 -17.25
CA LYS A 524 -26.10 -28.41 -17.61
C LYS A 524 -26.61 -29.52 -16.71
N VAL A 525 -25.74 -30.44 -16.27
CA VAL A 525 -26.20 -31.55 -15.43
C VAL A 525 -26.83 -31.04 -14.14
N MET A 526 -26.26 -29.99 -13.55
CA MET A 526 -26.81 -29.47 -12.31
C MET A 526 -28.11 -28.70 -12.49
N LYS A 527 -28.48 -28.36 -13.74
CA LYS A 527 -29.78 -27.76 -13.99
C LYS A 527 -30.90 -28.79 -14.06
N ILE A 528 -30.57 -30.09 -14.10
CA ILE A 528 -31.58 -31.14 -14.13
C ILE A 528 -32.49 -31.01 -12.92
N ARG A 529 -33.79 -30.98 -13.17
CA ARG A 529 -34.77 -30.84 -12.10
C ARG A 529 -35.29 -32.22 -11.70
N ILE A 530 -35.55 -32.37 -10.40
CA ILE A 530 -35.96 -33.64 -9.82
C ILE A 530 -37.19 -33.43 -8.96
N PHE A 531 -37.94 -34.51 -8.77
CA PHE A 531 -39.22 -34.48 -8.08
C PHE A 531 -39.20 -35.47 -6.93
N ARG A 532 -40.26 -35.43 -6.13
CA ARG A 532 -40.42 -36.34 -5.00
C ARG A 532 -41.91 -36.45 -4.70
N ASP A 533 -42.44 -37.68 -4.77
CA ASP A 533 -43.88 -37.87 -4.62
C ASP A 533 -44.15 -39.29 -4.11
N ASN A 534 -45.41 -39.73 -4.25
CA ASN A 534 -45.85 -41.01 -3.71
C ASN A 534 -45.10 -42.20 -4.30
N ASN A 535 -44.48 -42.04 -5.47
CA ASN A 535 -43.73 -43.15 -6.07
C ASN A 535 -42.31 -43.26 -5.54
N TYR A 536 -41.89 -42.37 -4.63
CA TYR A 536 -40.51 -42.33 -4.19
C TYR A 536 -40.04 -43.68 -3.67
N GLU A 537 -40.82 -44.28 -2.78
CA GLU A 537 -40.38 -45.52 -2.13
C GLU A 537 -40.20 -46.65 -3.13
N GLU A 538 -41.14 -46.81 -4.07
CA GLU A 538 -41.05 -47.92 -5.02
C GLU A 538 -39.93 -47.69 -6.03
N ILE A 539 -39.72 -46.44 -6.45
CA ILE A 539 -38.60 -46.13 -7.34
C ILE A 539 -37.28 -46.45 -6.65
N GLU A 540 -37.14 -46.03 -5.39
CA GLU A 540 -35.91 -46.29 -4.65
C GLU A 540 -35.69 -47.79 -4.50
N ASN A 541 -36.75 -48.53 -4.18
CA ASN A 541 -36.63 -49.98 -4.01
C ASN A 541 -36.24 -50.66 -5.31
N LEU A 542 -36.83 -50.23 -6.43
CA LEU A 542 -36.43 -50.79 -7.72
C LEU A 542 -34.96 -50.50 -8.02
N SER A 543 -34.48 -49.30 -7.66
CA SER A 543 -33.08 -48.97 -7.85
C SER A 543 -32.18 -49.86 -7.00
N LYS A 544 -32.58 -50.13 -5.75
CA LYS A 544 -31.79 -50.99 -4.89
C LYS A 544 -31.70 -52.41 -5.46
N GLN A 545 -32.81 -52.92 -6.02
CA GLN A 545 -32.79 -54.23 -6.64
C GLN A 545 -31.83 -54.26 -7.83
N ILE A 546 -31.85 -53.21 -8.65
CA ILE A 546 -30.95 -53.13 -9.79
C ILE A 546 -29.51 -53.15 -9.32
N ILE A 547 -29.19 -52.33 -8.33
CA ILE A 547 -27.82 -52.27 -7.80
C ILE A 547 -27.42 -53.62 -7.24
N SER A 548 -28.33 -54.26 -6.50
CA SER A 548 -28.00 -55.56 -5.90
C SER A 548 -27.70 -56.60 -6.96
N ILE A 549 -28.48 -56.63 -8.04
CA ILE A 549 -28.21 -57.56 -9.13
C ILE A 549 -26.88 -57.22 -9.80
N LEU A 550 -26.66 -55.94 -10.11
CA LEU A 550 -25.44 -55.54 -10.82
C LEU A 550 -24.18 -55.86 -10.03
N LEU A 551 -24.28 -55.99 -8.71
CA LEU A 551 -23.11 -56.21 -7.88
C LEU A 551 -22.85 -57.67 -7.53
N ASN A 552 -23.76 -58.59 -7.86
CA ASN A 552 -23.49 -59.98 -7.56
C ASN A 552 -22.58 -60.59 -8.63
N LYS A 553 -22.04 -61.78 -8.30
CA LYS A 553 -21.06 -62.40 -9.18
C LYS A 553 -21.73 -63.14 -10.33
N SER A 554 -22.72 -63.98 -10.02
CA SER A 554 -23.49 -64.71 -11.04
C SER A 554 -24.56 -63.76 -11.60
N ILE A 555 -24.10 -62.77 -12.35
CA ILE A 555 -24.94 -61.64 -12.72
C ILE A 555 -25.89 -62.07 -13.84
N ASP A 556 -27.19 -62.00 -13.56
CA ASP A 556 -28.22 -62.20 -14.57
C ASP A 556 -28.68 -60.81 -14.99
N LYS A 557 -27.97 -60.23 -15.95
CA LYS A 557 -28.22 -58.84 -16.34
C LYS A 557 -29.64 -58.63 -16.85
N GLY A 558 -30.28 -59.69 -17.35
CA GLY A 558 -31.55 -59.53 -18.04
C GLY A 558 -32.64 -58.91 -17.17
N LYS A 559 -32.78 -59.42 -15.94
CA LYS A 559 -33.85 -58.92 -15.06
C LYS A 559 -33.70 -57.44 -14.76
N VAL A 560 -32.48 -56.89 -14.85
CA VAL A 560 -32.29 -55.45 -14.64
C VAL A 560 -33.10 -54.65 -15.63
N GLU A 561 -33.16 -55.11 -16.89
CA GLU A 561 -33.91 -54.38 -17.91
C GLU A 561 -35.40 -54.34 -17.56
N LYS A 562 -35.94 -55.46 -17.09
CA LYS A 562 -37.34 -55.49 -16.68
C LYS A 562 -37.60 -54.53 -15.53
N LEU A 563 -36.70 -54.51 -14.54
CA LEU A 563 -36.86 -53.58 -13.42
C LEU A 563 -36.77 -52.14 -13.90
N GLN A 564 -35.90 -51.86 -14.87
CA GLN A 564 -35.79 -50.51 -15.42
C GLN A 564 -37.08 -50.09 -16.13
N ILE A 565 -37.70 -51.02 -16.86
CA ILE A 565 -38.96 -50.71 -17.55
C ILE A 565 -40.04 -50.37 -16.52
N LYS A 566 -40.11 -51.14 -15.43
CA LYS A 566 -41.08 -50.85 -14.39
C LYS A 566 -40.81 -49.49 -13.75
N MET A 567 -39.54 -49.16 -13.51
CA MET A 567 -39.23 -47.86 -12.92
C MET A 567 -39.60 -46.73 -13.87
N ASP A 568 -39.33 -46.90 -15.17
CA ASP A 568 -39.70 -45.87 -16.14
C ASP A 568 -41.20 -45.63 -16.13
N ASN A 569 -42.00 -46.69 -15.98
CA ASN A 569 -43.45 -46.52 -15.90
C ASN A 569 -43.85 -45.70 -14.68
N LEU A 570 -43.21 -45.97 -13.53
CA LEU A 570 -43.50 -45.18 -12.33
C LEU A 570 -43.13 -43.72 -12.55
N ILE A 571 -42.00 -43.47 -13.20
CA ILE A 571 -41.54 -42.10 -13.41
C ILE A 571 -42.46 -41.36 -14.37
N MET A 572 -42.86 -42.03 -15.47
CA MET A 572 -43.81 -41.40 -16.39
C MET A 572 -45.15 -41.13 -15.72
N ASP A 573 -45.60 -42.05 -14.85
CA ASP A 573 -46.80 -41.80 -14.08
C ASP A 573 -46.62 -40.59 -13.16
N SER A 574 -45.46 -40.48 -12.51
CA SER A 574 -45.22 -39.36 -11.61
C SER A 574 -45.26 -38.03 -12.34
N LEU A 575 -44.63 -37.95 -13.50
CA LEU A 575 -44.50 -36.69 -14.23
C LEU A 575 -45.66 -36.43 -15.17
N GLY A 576 -46.67 -37.30 -15.21
CA GLY A 576 -47.84 -37.06 -16.02
C GLY A 576 -47.58 -37.04 -17.51
N ILE A 577 -46.69 -37.92 -17.97
CA ILE A 577 -46.40 -38.01 -19.40
C ILE A 577 -46.87 -39.36 -19.94
N GLY B 28 14.47 5.73 7.32
CA GLY B 28 15.14 4.46 7.10
C GLY B 28 16.48 4.35 7.80
N ILE B 29 16.71 5.20 8.80
CA ILE B 29 17.94 5.22 9.58
C ILE B 29 17.59 5.01 11.04
N TYR B 30 18.04 3.90 11.61
CA TYR B 30 17.65 3.48 12.95
C TYR B 30 18.89 3.33 13.82
N TYR B 31 18.75 3.70 15.10
CA TYR B 31 19.87 3.80 16.03
C TYR B 31 19.77 2.65 17.04
N THR B 32 20.69 1.70 16.93
CA THR B 32 20.77 0.62 17.91
C THR B 32 21.32 1.15 19.22
N PRO B 33 20.72 0.79 20.36
CA PRO B 33 21.26 1.24 21.66
C PRO B 33 22.70 0.78 21.84
N LYS B 34 23.51 1.65 22.46
CA LYS B 34 24.93 1.38 22.58
C LYS B 34 25.20 0.12 23.41
N ILE B 35 24.37 -0.16 24.41
CA ILE B 35 24.54 -1.37 25.20
C ILE B 35 24.41 -2.61 24.33
N ILE B 36 23.54 -2.57 23.32
CA ILE B 36 23.42 -3.67 22.36
C ILE B 36 24.64 -3.72 21.45
N VAL B 37 25.07 -2.56 20.95
CA VAL B 37 26.20 -2.52 20.03
C VAL B 37 27.47 -3.01 20.72
N ASP B 38 27.71 -2.55 21.95
CA ASP B 38 28.88 -3.00 22.68
C ASP B 38 28.84 -4.51 22.88
N TYR B 39 27.66 -5.04 23.22
CA TYR B 39 27.53 -6.48 23.45
C TYR B 39 27.81 -7.26 22.17
N ILE B 40 27.23 -6.83 21.06
CA ILE B 40 27.37 -7.57 19.80
C ILE B 40 28.82 -7.58 19.35
N VAL B 41 29.47 -6.42 19.40
CA VAL B 41 30.87 -6.32 18.97
C VAL B 41 31.77 -7.15 19.88
N LYS B 42 31.56 -7.06 21.19
CA LYS B 42 32.35 -7.86 22.13
C LYS B 42 32.13 -9.34 21.93
N LYS B 43 30.90 -9.75 21.61
CA LYS B 43 30.61 -11.15 21.35
C LYS B 43 31.50 -11.72 20.25
N THR B 44 31.65 -10.97 19.15
CA THR B 44 32.43 -11.46 18.03
C THR B 44 33.94 -11.36 18.25
N LEU B 45 34.42 -10.35 18.96
CA LEU B 45 35.84 -10.03 18.97
C LEU B 45 36.56 -10.35 20.28
N LYS B 46 35.84 -10.68 21.36
CA LYS B 46 36.48 -10.77 22.67
C LYS B 46 37.53 -11.86 22.76
N ASN B 47 37.45 -12.90 21.92
CA ASN B 47 38.40 -14.00 21.99
C ASN B 47 39.30 -14.08 20.76
N HIS B 48 39.36 -13.04 19.94
CA HIS B 48 40.21 -13.09 18.76
C HIS B 48 41.68 -13.09 19.15
N ASP B 49 42.45 -13.95 18.48
CA ASP B 49 43.90 -14.06 18.68
C ASP B 49 44.57 -13.14 17.66
N ILE B 50 44.97 -11.96 18.09
CA ILE B 50 45.51 -10.99 17.14
C ILE B 50 46.95 -11.34 16.76
N ILE B 51 47.69 -12.02 17.64
CA ILE B 51 49.03 -12.47 17.29
C ILE B 51 48.97 -13.49 16.16
N LYS B 52 48.04 -14.46 16.27
CA LYS B 52 47.93 -15.49 15.25
C LYS B 52 47.39 -14.92 13.95
N ASN B 53 46.40 -14.02 14.01
CA ASN B 53 45.83 -13.37 12.83
C ASN B 53 45.71 -11.88 13.07
N PRO B 54 46.71 -11.09 12.66
CA PRO B 54 46.60 -9.64 12.76
C PRO B 54 45.83 -8.98 11.61
N TYR B 55 45.17 -9.75 10.75
CA TYR B 55 44.39 -9.22 9.64
C TYR B 55 42.94 -9.74 9.68
N PRO B 56 42.20 -9.49 10.76
CA PRO B 56 40.79 -9.90 10.77
C PRO B 56 39.94 -8.92 9.97
N ARG B 57 39.05 -9.46 9.14
CA ARG B 57 38.11 -8.65 8.39
C ARG B 57 36.78 -8.62 9.12
N ILE B 58 36.38 -7.43 9.58
CA ILE B 58 35.10 -7.21 10.24
C ILE B 58 34.24 -6.37 9.31
N LEU B 59 33.05 -6.88 9.00
CA LEU B 59 32.17 -6.29 8.00
C LEU B 59 30.80 -5.99 8.60
N ASP B 60 30.24 -4.84 8.20
CA ASP B 60 28.85 -4.52 8.46
C ASP B 60 28.21 -4.12 7.14
N ILE B 61 27.23 -4.91 6.67
CA ILE B 61 26.65 -4.70 5.35
C ILE B 61 25.42 -3.80 5.37
N SER B 62 25.06 -3.27 6.53
CA SER B 62 24.06 -2.20 6.64
C SER B 62 24.56 -1.18 7.66
N CYS B 63 25.80 -0.73 7.48
CA CYS B 63 26.53 -0.02 8.53
C CYS B 63 25.97 1.36 8.86
N GLY B 64 25.20 1.96 7.96
CA GLY B 64 24.68 3.29 8.24
C GLY B 64 25.80 4.29 8.49
N CYS B 65 25.66 5.07 9.57
CA CYS B 65 26.68 6.04 9.95
C CYS B 65 27.83 5.43 10.74
N GLY B 66 27.76 4.15 11.08
CA GLY B 66 28.87 3.49 11.75
C GLY B 66 28.62 3.17 13.20
N ASN B 67 27.35 2.95 13.58
CA ASN B 67 27.01 2.60 14.95
C ASN B 67 27.84 1.43 15.45
N PHE B 68 28.03 0.42 14.60
CA PHE B 68 28.80 -0.76 14.96
C PHE B 68 30.28 -0.62 14.61
N LEU B 69 30.58 -0.11 13.41
CA LEU B 69 31.96 -0.10 12.93
C LEU B 69 32.84 0.84 13.76
N LEU B 70 32.28 1.96 14.21
CA LEU B 70 33.06 2.86 15.06
C LEU B 70 33.42 2.19 16.38
N GLU B 71 32.50 1.42 16.95
CA GLU B 71 32.82 0.60 18.12
C GLU B 71 33.83 -0.48 17.76
N VAL B 72 33.71 -1.07 16.57
CA VAL B 72 34.68 -2.06 16.11
C VAL B 72 36.07 -1.45 16.06
N TYR B 73 36.18 -0.21 15.61
CA TYR B 73 37.49 0.45 15.54
C TYR B 73 38.12 0.53 16.92
N ASP B 74 37.35 0.97 17.92
CA ASP B 74 37.89 1.11 19.27
C ASP B 74 38.35 -0.23 19.82
N ILE B 75 37.56 -1.29 19.63
CA ILE B 75 37.94 -2.60 20.13
C ILE B 75 39.20 -3.09 19.43
N LEU B 76 39.26 -2.94 18.11
CA LEU B 76 40.46 -3.36 17.37
C LEU B 76 41.69 -2.57 17.80
N TYR B 77 41.55 -1.25 17.96
CA TYR B 77 42.70 -0.42 18.27
C TYR B 77 43.33 -0.83 19.60
N ASP B 78 42.50 -1.05 20.62
CA ASP B 78 43.03 -1.52 21.90
C ASP B 78 43.66 -2.89 21.77
N LEU B 79 43.08 -3.75 20.93
CA LEU B 79 43.62 -5.09 20.73
C LEU B 79 45.00 -5.03 20.11
N PHE B 80 45.17 -4.20 19.06
CA PHE B 80 46.48 -4.05 18.45
C PHE B 80 47.46 -3.38 19.43
N GLU B 81 47.01 -2.35 20.14
CA GLU B 81 47.91 -1.59 21.01
C GLU B 81 48.43 -2.47 22.14
N GLU B 82 47.59 -3.33 22.70
CA GLU B 82 47.99 -4.18 23.81
C GLU B 82 49.04 -5.21 23.40
N ASN B 83 49.09 -5.57 22.12
CA ASN B 83 49.97 -6.64 21.64
C ASN B 83 50.99 -6.14 20.63
N ILE B 84 51.25 -4.83 20.59
CA ILE B 84 52.01 -4.25 19.49
C ILE B 84 53.44 -4.80 19.45
N TYR B 85 54.06 -4.97 20.63
CA TYR B 85 55.44 -5.44 20.63
C TYR B 85 55.55 -6.90 20.22
N GLU B 86 54.57 -7.73 20.58
CA GLU B 86 54.58 -9.12 20.11
C GLU B 86 54.41 -9.19 18.60
N LEU B 87 53.51 -8.37 18.05
CA LEU B 87 53.36 -8.31 16.59
C LEU B 87 54.64 -7.81 15.93
N LYS B 88 55.27 -6.80 16.52
CA LYS B 88 56.51 -6.26 15.98
C LYS B 88 57.63 -7.31 15.97
N LYS B 89 57.70 -8.12 17.02
CA LYS B 89 58.73 -9.15 17.11
C LYS B 89 58.45 -10.28 16.13
N LYS B 90 57.19 -10.70 16.02
CA LYS B 90 56.83 -11.85 15.19
C LYS B 90 56.79 -11.52 13.71
N TYR B 91 56.41 -10.30 13.35
CA TYR B 91 56.26 -9.83 11.98
C TYR B 91 57.23 -8.70 11.71
N ASP B 92 57.04 -8.02 10.58
CA ASP B 92 57.90 -6.89 10.19
C ASP B 92 57.96 -5.82 11.29
N GLU B 93 59.15 -5.62 11.86
CA GLU B 93 59.28 -4.74 13.01
C GLU B 93 59.09 -3.27 12.64
N ASN B 94 59.35 -2.91 11.39
CA ASN B 94 59.14 -1.53 10.96
C ASN B 94 57.67 -1.21 10.79
N TYR B 95 56.88 -2.19 10.33
CA TYR B 95 55.47 -1.95 10.07
C TYR B 95 54.68 -1.76 11.36
N TRP B 96 54.99 -2.55 12.39
CA TRP B 96 54.14 -2.63 13.58
C TRP B 96 54.60 -1.61 14.61
N THR B 97 54.04 -0.40 14.51
CA THR B 97 54.20 0.64 15.51
C THR B 97 52.83 1.13 15.92
N VAL B 98 52.75 1.74 17.11
CA VAL B 98 51.48 2.28 17.58
C VAL B 98 50.96 3.32 16.59
N ASP B 99 51.87 4.12 16.04
CA ASP B 99 51.47 5.17 15.09
C ASP B 99 50.89 4.60 13.81
N ASN B 100 51.14 3.32 13.50
CA ASN B 100 50.66 2.72 12.26
C ASN B 100 49.38 1.91 12.45
N ILE B 101 48.90 1.77 13.69
CA ILE B 101 47.71 0.94 13.94
C ILE B 101 46.50 1.51 13.20
N HIS B 102 46.33 2.83 13.24
CA HIS B 102 45.17 3.47 12.62
C HIS B 102 45.10 3.16 11.14
N ARG B 103 46.23 3.27 10.44
CA ARG B 103 46.26 2.96 9.02
C ARG B 103 45.99 1.48 8.77
N HIS B 104 46.56 0.60 9.60
CA HIS B 104 46.36 -0.82 9.41
C HIS B 104 44.90 -1.22 9.56
N ILE B 105 44.21 -0.63 10.54
CA ILE B 105 42.80 -0.97 10.77
C ILE B 105 41.97 -0.59 9.56
N LEU B 106 42.19 0.61 9.02
CA LEU B 106 41.38 1.10 7.92
C LEU B 106 41.69 0.39 6.61
N ASN B 107 42.97 0.02 6.40
CA ASN B 107 43.33 -0.63 5.15
C ASN B 107 42.80 -2.07 5.08
N TYR B 108 42.89 -2.81 6.18
CA TYR B 108 42.73 -4.25 6.12
C TYR B 108 41.62 -4.84 6.98
N CYS B 109 41.09 -4.10 7.95
CA CYS B 109 40.26 -4.73 8.97
C CYS B 109 38.79 -4.33 8.93
N ILE B 110 38.47 -3.08 8.62
CA ILE B 110 37.10 -2.58 8.73
C ILE B 110 36.51 -2.47 7.32
N TYR B 111 35.37 -3.12 7.12
CA TYR B 111 34.64 -3.09 5.86
C TYR B 111 33.19 -2.70 6.13
N GLY B 112 32.64 -1.83 5.30
CA GLY B 112 31.28 -1.39 5.47
C GLY B 112 30.59 -1.20 4.13
N ALA B 113 29.28 -1.45 4.13
CA ALA B 113 28.44 -1.23 2.97
C ALA B 113 27.09 -0.70 3.39
N ASP B 114 26.53 0.21 2.58
CA ASP B 114 25.21 0.78 2.80
C ASP B 114 24.79 1.51 1.54
N ILE B 115 23.47 1.53 1.28
CA ILE B 115 22.94 2.22 0.11
C ILE B 115 22.83 3.73 0.27
N ASP B 116 22.92 4.23 1.51
CA ASP B 116 22.79 5.66 1.77
C ASP B 116 24.16 6.32 1.64
N GLU B 117 24.36 7.09 0.57
CA GLU B 117 25.66 7.70 0.35
C GLU B 117 25.97 8.79 1.38
N LYS B 118 24.96 9.50 1.87
CA LYS B 118 25.20 10.49 2.92
C LYS B 118 25.73 9.82 4.19
N ALA B 119 25.15 8.68 4.56
CA ALA B 119 25.63 7.95 5.73
C ALA B 119 27.04 7.46 5.54
N ILE B 120 27.37 6.97 4.34
CA ILE B 120 28.71 6.47 4.06
C ILE B 120 29.74 7.58 4.20
N SER B 121 29.45 8.77 3.66
CA SER B 121 30.40 9.86 3.74
C SER B 121 30.62 10.29 5.19
N ILE B 122 29.55 10.30 5.99
CA ILE B 122 29.68 10.63 7.41
C ILE B 122 30.55 9.61 8.12
N LEU B 123 30.34 8.32 7.82
CA LEU B 123 31.18 7.28 8.42
C LEU B 123 32.63 7.43 7.99
N LYS B 124 32.87 7.78 6.72
CA LYS B 124 34.25 7.96 6.26
C LYS B 124 34.94 9.08 7.03
N ASP B 125 34.23 10.18 7.28
CA ASP B 125 34.81 11.26 8.08
C ASP B 125 35.06 10.81 9.51
N SER B 126 34.14 10.05 10.10
CA SER B 126 34.32 9.59 11.47
C SER B 126 35.54 8.68 11.59
N LEU B 127 35.68 7.73 10.67
CA LEU B 127 36.84 6.85 10.70
C LEU B 127 38.12 7.63 10.42
N THR B 128 38.05 8.63 9.54
CA THR B 128 39.21 9.48 9.28
C THR B 128 39.60 10.25 10.54
N ASN B 129 38.62 10.71 11.31
CA ASN B 129 38.87 11.56 12.47
C ASN B 129 39.25 10.76 13.71
N LYS B 130 39.31 9.44 13.63
CA LYS B 130 39.83 8.65 14.75
C LYS B 130 41.30 8.98 15.02
N LYS B 131 42.07 9.21 13.95
CA LYS B 131 43.48 9.55 14.12
C LYS B 131 43.62 10.98 14.62
N VAL B 132 44.40 11.14 15.69
CA VAL B 132 44.53 12.45 16.33
C VAL B 132 45.19 13.44 15.38
N VAL B 133 46.26 13.02 14.70
CA VAL B 133 47.00 13.90 13.81
C VAL B 133 46.35 13.89 12.43
N ASN B 134 46.17 15.07 11.85
CA ASN B 134 45.72 15.22 10.48
C ASN B 134 46.92 15.48 9.59
N ASP B 135 46.88 14.94 8.37
CA ASP B 135 48.00 14.98 7.43
C ASP B 135 49.23 14.28 8.02
N LEU B 136 49.01 13.04 8.47
CA LEU B 136 50.12 12.23 8.98
C LEU B 136 51.05 11.80 7.85
N ASP B 137 50.47 11.31 6.75
CA ASP B 137 51.22 10.92 5.55
C ASP B 137 50.58 11.57 4.32
N GLU B 138 50.29 12.86 4.44
CA GLU B 138 49.66 13.65 3.37
C GLU B 138 48.28 13.13 2.99
N SER B 139 47.60 12.50 3.96
CA SER B 139 46.16 12.24 3.89
C SER B 139 45.78 11.37 2.69
N ASP B 140 46.30 10.14 2.69
CA ASP B 140 45.91 9.14 1.68
C ASP B 140 45.80 7.78 2.38
N ILE B 141 44.61 7.48 2.90
CA ILE B 141 44.34 6.23 3.59
C ILE B 141 43.22 5.50 2.87
N LYS B 142 43.48 4.26 2.48
CA LYS B 142 42.46 3.43 1.88
C LYS B 142 41.45 2.98 2.93
N ILE B 143 40.17 3.16 2.63
CA ILE B 143 39.08 2.77 3.52
C ILE B 143 38.11 1.90 2.73
N ASN B 144 37.72 0.77 3.32
CA ASN B 144 36.86 -0.20 2.62
C ASN B 144 35.39 0.06 2.96
N LEU B 145 34.88 1.15 2.38
CA LEU B 145 33.47 1.50 2.49
C LEU B 145 32.86 1.50 1.10
N PHE B 146 31.72 0.83 0.97
CA PHE B 146 31.05 0.69 -0.31
C PHE B 146 29.64 1.23 -0.22
N CYS B 147 29.29 2.13 -1.13
CA CYS B 147 27.93 2.62 -1.26
C CYS B 147 27.24 1.79 -2.35
N CYS B 148 26.45 0.81 -1.94
CA CYS B 148 25.93 -0.19 -2.86
C CYS B 148 24.77 -0.94 -2.21
N ASP B 149 24.12 -1.78 -3.01
CA ASP B 149 23.14 -2.73 -2.51
C ASP B 149 23.91 -3.96 -2.02
N SER B 150 23.95 -4.17 -0.70
CA SER B 150 24.71 -5.28 -0.15
C SER B 150 24.19 -6.62 -0.64
N LEU B 151 22.90 -6.70 -0.96
CA LEU B 151 22.35 -7.95 -1.46
C LEU B 151 22.74 -8.23 -2.90
N LYS B 152 23.29 -7.25 -3.61
CA LYS B 152 23.71 -7.45 -5.00
C LYS B 152 25.22 -7.45 -5.19
N LYS B 153 25.99 -6.98 -4.21
CA LYS B 153 27.43 -6.86 -4.42
C LYS B 153 28.09 -8.23 -4.51
N LYS B 154 29.02 -8.36 -5.46
CA LYS B 154 29.85 -9.56 -5.60
C LYS B 154 31.09 -9.37 -4.75
N TRP B 155 31.22 -10.17 -3.70
CA TRP B 155 32.36 -10.07 -2.79
C TRP B 155 33.46 -11.02 -3.24
N ARG B 156 34.67 -10.49 -3.40
CA ARG B 156 35.79 -11.31 -3.86
C ARG B 156 36.28 -12.30 -2.80
N TYR B 157 35.90 -12.12 -1.54
CA TYR B 157 36.41 -12.97 -0.47
C TYR B 157 35.44 -12.92 0.70
N LYS B 158 35.60 -13.87 1.62
CA LYS B 158 34.76 -13.98 2.79
C LYS B 158 35.35 -13.21 3.97
N PHE B 159 34.58 -13.14 5.05
CA PHE B 159 34.88 -12.23 6.15
C PHE B 159 34.95 -12.98 7.47
N ASP B 160 35.93 -12.59 8.31
CA ASP B 160 36.11 -13.24 9.61
C ASP B 160 34.95 -12.95 10.55
N TYR B 161 34.48 -11.71 10.58
CA TYR B 161 33.43 -11.31 11.51
C TYR B 161 32.46 -10.39 10.81
N ILE B 162 31.18 -10.55 11.12
CA ILE B 162 30.10 -9.75 10.54
C ILE B 162 29.16 -9.35 11.68
N VAL B 163 28.90 -8.04 11.81
CA VAL B 163 28.02 -7.50 12.83
C VAL B 163 27.09 -6.47 12.18
N GLY B 164 26.01 -6.15 12.88
CA GLY B 164 25.22 -5.00 12.52
C GLY B 164 23.73 -5.20 12.73
N ASN B 165 22.97 -4.25 12.19
CA ASN B 165 21.51 -4.20 12.31
C ASN B 165 20.94 -4.00 10.91
N PRO B 166 20.39 -5.05 10.29
CA PRO B 166 19.94 -4.94 8.89
C PRO B 166 18.62 -4.22 8.79
N PRO B 167 18.23 -3.77 7.61
CA PRO B 167 16.90 -3.16 7.46
C PRO B 167 15.80 -4.21 7.61
N TYR B 168 14.69 -3.81 8.22
CA TYR B 168 13.49 -4.63 8.30
C TYR B 168 12.44 -4.00 7.40
N ILE B 169 12.05 -4.72 6.34
CA ILE B 169 11.02 -4.23 5.43
C ILE B 169 10.14 -5.40 5.04
N GLY B 170 8.84 -5.30 5.34
CA GLY B 170 7.90 -6.35 5.06
C GLY B 170 7.29 -6.27 3.67
N HIS B 171 6.36 -7.19 3.41
CA HIS B 171 5.83 -7.37 2.06
C HIS B 171 5.03 -6.15 1.60
N LYS B 172 4.42 -5.40 2.53
CA LYS B 172 3.67 -4.21 2.13
C LYS B 172 4.59 -3.06 1.75
N LYS B 173 5.65 -2.84 2.52
CA LYS B 173 6.46 -1.64 2.37
C LYS B 173 7.62 -1.81 1.40
N LEU B 174 7.85 -3.02 0.90
CA LEU B 174 8.96 -3.28 -0.01
C LEU B 174 8.53 -3.06 -1.46
N GLU B 175 9.46 -2.55 -2.26
CA GLU B 175 9.20 -2.27 -3.67
C GLU B 175 8.90 -3.55 -4.44
N LYS B 176 7.87 -3.51 -5.29
CA LYS B 176 7.47 -4.72 -6.00
C LYS B 176 8.53 -5.17 -7.00
N LYS B 177 9.10 -4.23 -7.77
CA LYS B 177 10.12 -4.61 -8.73
C LYS B 177 11.35 -5.20 -8.05
N TYR B 178 11.67 -4.71 -6.84
CA TYR B 178 12.80 -5.26 -6.10
C TYR B 178 12.51 -6.68 -5.64
N LYS B 179 11.26 -6.95 -5.23
CA LYS B 179 10.90 -8.29 -4.78
C LYS B 179 11.13 -9.34 -5.86
N LYS B 180 11.00 -8.96 -7.14
CA LYS B 180 11.29 -9.88 -8.22
C LYS B 180 12.73 -10.35 -8.16
N PHE B 181 13.66 -9.43 -7.85
CA PHE B 181 15.05 -9.83 -7.67
C PHE B 181 15.22 -10.74 -6.45
N LEU B 182 14.55 -10.41 -5.34
CA LEU B 182 14.65 -11.23 -4.15
C LEU B 182 14.07 -12.63 -4.39
N LEU B 183 12.91 -12.70 -5.06
CA LEU B 183 12.30 -14.00 -5.32
C LEU B 183 13.15 -14.84 -6.25
N GLU B 184 13.95 -14.22 -7.11
CA GLU B 184 14.79 -14.97 -8.04
C GLU B 184 16.09 -15.43 -7.39
N LYS B 185 16.72 -14.55 -6.61
CA LYS B 185 18.09 -14.79 -6.14
C LYS B 185 18.17 -15.26 -4.70
N TYR B 186 17.16 -14.99 -3.88
CA TYR B 186 17.15 -15.36 -2.47
C TYR B 186 15.98 -16.28 -2.14
N SER B 187 15.60 -17.15 -3.08
CA SER B 187 14.43 -18.00 -2.90
C SER B 187 14.58 -19.02 -1.78
N GLU B 188 15.81 -19.34 -1.38
CA GLU B 188 16.02 -20.29 -0.29
C GLU B 188 15.47 -19.78 1.03
N VAL B 189 15.36 -18.46 1.20
CA VAL B 189 14.84 -17.88 2.44
C VAL B 189 13.71 -16.88 2.21
N TYR B 190 13.50 -16.38 0.99
CA TYR B 190 12.53 -15.31 0.76
C TYR B 190 11.46 -15.79 -0.20
N LYS B 191 10.23 -15.93 0.30
CA LYS B 191 9.06 -16.23 -0.53
C LYS B 191 7.85 -15.62 0.15
N ASP B 192 6.80 -15.37 -0.63
CA ASP B 192 5.51 -14.94 -0.11
C ASP B 192 5.64 -13.70 0.77
N LYS B 193 5.24 -13.80 2.04
CA LYS B 193 5.24 -12.66 2.94
C LYS B 193 6.50 -12.59 3.80
N ALA B 194 7.63 -13.05 3.27
CA ALA B 194 8.90 -12.95 3.98
C ALA B 194 9.34 -11.49 4.10
N ASP B 195 10.38 -11.28 4.90
CA ASP B 195 10.89 -9.94 5.17
C ASP B 195 12.28 -9.78 4.57
N LEU B 196 12.62 -8.51 4.26
CA LEU B 196 13.92 -8.20 3.68
C LEU B 196 15.08 -8.72 4.52
N TYR B 197 14.95 -8.63 5.86
CA TYR B 197 16.07 -9.07 6.70
C TYR B 197 16.30 -10.57 6.64
N PHE B 198 15.35 -11.34 6.11
CA PHE B 198 15.63 -12.74 5.82
C PHE B 198 16.80 -12.87 4.86
N CYS B 199 16.82 -12.04 3.82
CA CYS B 199 17.88 -12.09 2.82
C CYS B 199 19.21 -11.64 3.39
N PHE B 200 19.20 -10.69 4.34
CA PHE B 200 20.45 -10.27 4.96
C PHE B 200 21.05 -11.40 5.80
N TYR B 201 20.22 -12.18 6.48
CA TYR B 201 20.72 -13.38 7.15
C TYR B 201 21.45 -14.28 6.16
N LYS B 202 20.82 -14.55 5.00
CA LYS B 202 21.45 -15.44 4.03
C LYS B 202 22.76 -14.88 3.52
N LYS B 203 22.78 -13.59 3.17
CA LYS B 203 24.00 -12.98 2.64
C LYS B 203 25.12 -13.04 3.66
N ILE B 204 24.81 -12.73 4.92
CA ILE B 204 25.81 -12.74 5.98
C ILE B 204 26.38 -14.14 6.14
N ILE B 205 25.51 -15.15 6.17
CA ILE B 205 25.97 -16.53 6.29
C ILE B 205 26.84 -16.91 5.11
N ASP B 206 26.46 -16.49 3.89
CA ASP B 206 27.14 -16.95 2.70
C ASP B 206 28.55 -16.37 2.57
N ILE B 207 28.80 -15.18 3.12
CA ILE B 207 30.12 -14.56 3.02
C ILE B 207 30.88 -14.62 4.34
N LEU B 208 30.38 -15.37 5.32
CA LEU B 208 31.12 -15.57 6.56
C LEU B 208 32.21 -16.61 6.33
N LYS B 209 33.46 -16.23 6.62
CA LYS B 209 34.58 -17.13 6.40
C LYS B 209 34.45 -18.36 7.30
N GLN B 210 35.08 -19.46 6.87
CA GLN B 210 35.14 -20.64 7.72
C GLN B 210 35.80 -20.29 9.05
N GLY B 211 35.15 -20.68 10.14
CA GLY B 211 35.62 -20.33 11.47
C GLY B 211 35.26 -18.94 11.92
N GLY B 212 34.50 -18.19 11.12
CA GLY B 212 34.12 -16.84 11.50
C GLY B 212 32.91 -16.79 12.41
N ILE B 213 32.62 -15.59 12.90
CA ILE B 213 31.51 -15.37 13.84
C ILE B 213 30.66 -14.22 13.31
N GLY B 214 29.34 -14.41 13.32
CA GLY B 214 28.40 -13.36 13.00
C GLY B 214 27.49 -13.09 14.17
N SER B 215 27.10 -11.82 14.33
CA SER B 215 26.21 -11.43 15.42
C SER B 215 25.40 -10.22 14.98
N VAL B 216 24.07 -10.35 14.99
CA VAL B 216 23.17 -9.33 14.49
C VAL B 216 21.98 -9.18 15.45
N ILE B 217 21.34 -8.02 15.38
CA ILE B 217 20.05 -7.80 16.02
C ILE B 217 19.01 -7.63 14.91
N THR B 218 17.96 -8.45 14.94
CA THR B 218 16.91 -8.45 13.94
C THR B 218 15.56 -8.56 14.65
N PRO B 219 14.44 -8.47 13.94
CA PRO B 219 13.16 -8.81 14.58
C PRO B 219 13.17 -10.26 15.05
N ARG B 220 12.40 -10.53 16.10
CA ARG B 220 12.31 -11.88 16.65
C ARG B 220 11.31 -12.77 15.92
N TYR B 221 10.50 -12.20 15.02
CA TYR B 221 9.32 -12.92 14.52
C TYR B 221 9.69 -14.17 13.71
N PHE B 222 10.86 -14.16 13.06
CA PHE B 222 11.24 -15.33 12.26
C PHE B 222 11.45 -16.57 13.13
N LEU B 223 11.60 -16.40 14.44
CA LEU B 223 11.78 -17.56 15.31
C LEU B 223 10.52 -18.42 15.36
N GLU B 224 9.36 -17.85 15.09
CA GLU B 224 8.09 -18.57 15.19
C GLU B 224 7.21 -18.49 13.94
N SER B 225 7.41 -17.50 13.07
CA SER B 225 6.43 -17.23 12.02
C SER B 225 6.43 -18.31 10.94
N LEU B 226 5.29 -18.41 10.26
CA LEU B 226 5.21 -19.26 9.09
C LEU B 226 6.17 -18.81 7.99
N SER B 227 6.32 -17.49 7.82
CA SER B 227 7.19 -16.97 6.78
C SER B 227 8.64 -17.35 7.00
N GLY B 228 9.07 -17.47 8.26
CA GLY B 228 10.46 -17.74 8.57
C GLY B 228 10.87 -19.19 8.53
N LYS B 229 9.99 -20.08 8.06
CA LYS B 229 10.30 -21.52 8.06
C LYS B 229 11.55 -21.81 7.26
N ASP B 230 11.63 -21.30 6.03
CA ASP B 230 12.80 -21.57 5.19
C ASP B 230 14.06 -20.96 5.79
N LEU B 231 13.96 -19.74 6.35
CA LEU B 231 15.12 -19.11 6.95
C LEU B 231 15.66 -19.91 8.13
N ARG B 232 14.76 -20.42 8.97
CA ARG B 232 15.20 -21.26 10.09
C ARG B 232 15.97 -22.48 9.59
N GLU B 233 15.48 -23.11 8.54
CA GLU B 233 16.18 -24.26 7.97
C GLU B 233 17.54 -23.85 7.41
N TYR B 234 17.62 -22.68 6.80
CA TYR B 234 18.89 -22.23 6.23
C TYR B 234 19.91 -21.94 7.33
N ILE B 235 19.46 -21.31 8.43
CA ILE B 235 20.36 -21.03 9.54
C ILE B 235 20.82 -22.32 10.21
N LYS B 236 19.86 -23.20 10.50
CA LYS B 236 20.17 -24.42 11.25
C LYS B 236 21.16 -25.32 10.51
N SER B 237 21.11 -25.33 9.18
CA SER B 237 21.90 -26.27 8.39
C SER B 237 23.20 -25.68 7.85
N ASN B 238 23.48 -24.41 8.10
CA ASN B 238 24.69 -23.79 7.55
C ASN B 238 25.62 -23.18 8.60
N VAL B 239 25.12 -22.85 9.79
CA VAL B 239 25.95 -22.29 10.85
C VAL B 239 25.58 -22.96 12.17
N ASN B 240 26.50 -22.86 13.14
CA ASN B 240 26.21 -23.23 14.52
C ASN B 240 25.71 -22.00 15.24
N VAL B 241 24.50 -22.06 15.79
CA VAL B 241 23.95 -20.93 16.52
C VAL B 241 24.49 -20.98 17.95
N GLN B 242 25.39 -20.05 18.28
CA GLN B 242 25.95 -20.01 19.62
C GLN B 242 24.91 -19.59 20.65
N GLU B 243 24.12 -18.57 20.33
CA GLU B 243 23.33 -17.90 21.35
C GLU B 243 22.17 -17.15 20.72
N ILE B 244 21.02 -17.16 21.39
CA ILE B 244 19.84 -16.39 21.02
C ILE B 244 19.39 -15.62 22.24
N VAL B 245 19.31 -14.30 22.12
CA VAL B 245 18.75 -13.44 23.16
C VAL B 245 17.40 -12.97 22.68
N ASP B 246 16.34 -13.41 23.34
CA ASP B 246 14.97 -13.07 22.95
C ASP B 246 14.43 -12.06 23.96
N PHE B 247 14.18 -10.84 23.49
CA PHE B 247 13.59 -9.80 24.32
C PHE B 247 12.06 -9.87 24.34
N LEU B 248 11.46 -10.85 23.66
CA LEU B 248 10.01 -11.06 23.61
C LEU B 248 9.36 -9.75 23.16
N GLY B 249 8.35 -9.24 23.87
CA GLY B 249 7.67 -8.02 23.48
C GLY B 249 8.29 -6.74 24.00
N ALA B 250 9.49 -6.79 24.57
CA ALA B 250 10.12 -5.60 25.11
C ALA B 250 10.43 -4.59 24.01
N ASN B 251 10.49 -3.32 24.40
CA ASN B 251 10.68 -2.22 23.45
C ASN B 251 12.15 -1.79 23.48
N ILE B 252 12.96 -2.45 22.65
CA ILE B 252 14.38 -2.14 22.59
C ILE B 252 14.67 -0.86 21.82
N PHE B 253 13.89 -0.57 20.77
CA PHE B 253 14.05 0.63 19.96
C PHE B 253 12.97 1.63 20.35
N LYS B 254 13.38 2.77 20.91
CA LYS B 254 12.43 3.77 21.35
C LYS B 254 11.57 4.27 20.20
N ASN B 255 10.26 4.33 20.43
CA ASN B 255 9.28 4.84 19.47
C ASN B 255 9.21 3.99 18.20
N ILE B 256 9.66 2.74 18.25
CA ILE B 256 9.61 1.83 17.11
C ILE B 256 8.80 0.61 17.51
N GLY B 257 7.76 0.31 16.73
CA GLY B 257 6.91 -0.83 17.02
C GLY B 257 7.46 -2.13 16.46
N VAL B 258 8.51 -2.68 17.08
CA VAL B 258 9.10 -3.94 16.65
C VAL B 258 9.62 -4.66 17.88
N SER B 259 9.74 -5.98 17.77
CA SER B 259 10.25 -6.83 18.84
C SER B 259 11.51 -7.53 18.36
N SER B 260 12.52 -7.58 19.24
CA SER B 260 13.90 -7.80 18.83
C SER B 260 14.47 -9.08 19.41
N CYS B 261 15.48 -9.60 18.71
CA CYS B 261 16.33 -10.66 19.22
C CYS B 261 17.75 -10.44 18.72
N ILE B 262 18.71 -11.04 19.42
CA ILE B 262 20.12 -11.03 19.02
C ILE B 262 20.52 -12.47 18.75
N LEU B 263 21.04 -12.72 17.54
CA LEU B 263 21.54 -14.04 17.17
C LEU B 263 23.04 -13.97 16.97
N THR B 264 23.76 -14.88 17.61
CA THR B 264 25.20 -15.05 17.41
C THR B 264 25.44 -16.46 16.90
N PHE B 265 26.19 -16.56 15.80
CA PHE B 265 26.43 -17.83 15.14
C PHE B 265 27.86 -17.86 14.61
N ASP B 266 28.33 -19.05 14.26
CA ASP B 266 29.69 -19.20 13.76
C ASP B 266 29.74 -20.31 12.73
N LYS B 267 30.90 -20.44 12.10
CA LYS B 267 31.22 -21.54 11.20
C LYS B 267 32.41 -22.34 11.72
N LYS B 268 32.48 -22.51 13.04
CA LYS B 268 33.54 -23.30 13.65
C LYS B 268 33.19 -24.79 13.62
N LYS B 269 34.24 -25.61 13.68
CA LYS B 269 34.07 -27.06 13.74
C LYS B 269 33.69 -27.45 15.17
N THR B 270 32.40 -27.34 15.46
CA THR B 270 31.85 -27.71 16.77
C THR B 270 31.41 -29.17 16.77
N LYS B 271 31.27 -29.72 17.97
CA LYS B 271 30.91 -31.12 18.14
C LYS B 271 29.50 -31.29 18.72
N GLU B 272 29.22 -30.70 19.88
CA GLU B 272 27.94 -30.89 20.53
C GLU B 272 26.89 -29.88 20.08
N THR B 273 27.32 -28.67 19.72
CA THR B 273 26.49 -27.61 19.13
C THR B 273 25.16 -27.44 19.89
N TYR B 274 25.30 -26.98 21.13
CA TYR B 274 24.17 -26.51 21.93
C TYR B 274 24.05 -25.00 21.82
N ILE B 275 22.82 -24.51 21.96
CA ILE B 275 22.51 -23.09 21.86
C ILE B 275 22.28 -22.53 23.26
N ASP B 276 22.90 -21.40 23.56
CA ASP B 276 22.56 -20.63 24.75
C ASP B 276 21.35 -19.78 24.44
N VAL B 277 20.26 -19.97 25.21
CA VAL B 277 19.04 -19.21 25.02
C VAL B 277 18.81 -18.36 26.25
N PHE B 278 18.72 -17.04 26.05
CA PHE B 278 18.39 -16.09 27.11
C PHE B 278 17.03 -15.49 26.78
N LYS B 279 16.04 -15.81 27.60
CA LYS B 279 14.67 -15.34 27.41
C LYS B 279 14.33 -14.38 28.53
N ILE B 280 13.88 -13.17 28.18
CA ILE B 280 13.53 -12.17 29.18
C ILE B 280 12.31 -12.64 29.96
N LYS B 281 12.29 -12.34 31.26
CA LYS B 281 11.19 -12.76 32.13
C LYS B 281 10.08 -11.72 32.21
N ASN B 282 10.43 -10.44 32.11
CA ASN B 282 9.45 -9.35 32.22
C ASN B 282 9.69 -8.37 31.09
N GLU B 283 8.67 -8.15 30.27
CA GLU B 283 8.79 -7.29 29.10
C GLU B 283 8.83 -5.80 29.45
N ASP B 284 8.60 -5.44 30.72
CA ASP B 284 8.66 -4.06 31.15
C ASP B 284 10.07 -3.61 31.50
N ILE B 285 11.07 -4.49 31.39
CA ILE B 285 12.42 -4.15 31.80
C ILE B 285 12.97 -3.02 30.93
N CYS B 286 13.64 -2.06 31.57
CA CYS B 286 14.43 -1.06 30.88
C CYS B 286 15.83 -1.60 30.64
N ILE B 287 16.32 -1.47 29.41
CA ILE B 287 17.53 -2.16 29.00
C ILE B 287 18.78 -1.58 29.66
N ASN B 288 18.69 -0.38 30.24
CA ASN B 288 19.84 0.28 30.85
C ASN B 288 19.95 0.01 32.35
N LYS B 289 19.51 -1.17 32.81
CA LYS B 289 19.57 -1.49 34.23
C LYS B 289 21.01 -1.47 34.74
N PHE B 290 21.93 -2.03 33.97
CA PHE B 290 23.35 -1.97 34.25
C PHE B 290 24.06 -1.25 33.12
N GLU B 291 25.38 -1.14 33.24
CA GLU B 291 26.21 -0.54 32.21
C GLU B 291 26.48 -1.50 31.05
N THR B 292 26.17 -2.78 31.21
CA THR B 292 26.41 -3.78 30.18
C THR B 292 25.19 -4.68 30.04
N LEU B 293 25.04 -5.26 28.85
CA LEU B 293 23.98 -6.23 28.63
C LEU B 293 24.30 -7.57 29.30
N GLU B 294 25.57 -7.94 29.40
CA GLU B 294 25.94 -9.21 30.01
C GLU B 294 25.43 -9.30 31.44
N GLU B 295 25.54 -8.20 32.20
CA GLU B 295 25.00 -8.19 33.55
C GLU B 295 23.50 -8.43 33.55
N LEU B 296 22.78 -7.81 32.62
CA LEU B 296 21.34 -8.02 32.53
C LEU B 296 21.02 -9.47 32.20
N LEU B 297 21.79 -10.08 31.28
CA LEU B 297 21.54 -11.46 30.89
C LEU B 297 21.75 -12.42 32.05
N LYS B 298 22.80 -12.20 32.85
CA LYS B 298 23.09 -13.09 33.97
C LYS B 298 22.20 -12.85 35.18
N SER B 299 21.44 -11.75 35.19
CA SER B 299 20.63 -11.40 36.34
C SER B 299 19.33 -12.22 36.36
N SER B 300 18.51 -11.96 37.38
CA SER B 300 17.20 -12.60 37.50
C SER B 300 16.21 -12.09 36.47
N LYS B 301 16.54 -11.04 35.72
CA LYS B 301 15.65 -10.51 34.69
C LYS B 301 15.52 -11.45 33.50
N PHE B 302 16.47 -12.36 33.31
CA PHE B 302 16.47 -13.28 32.18
C PHE B 302 16.54 -14.73 32.65
N GLU B 303 15.98 -15.61 31.84
CA GLU B 303 16.08 -17.05 32.04
C GLU B 303 17.05 -17.62 31.02
N HIS B 304 17.87 -18.57 31.45
CA HIS B 304 18.82 -19.23 30.55
C HIS B 304 18.54 -20.72 30.50
N PHE B 305 18.59 -21.27 29.29
CA PHE B 305 18.54 -22.72 29.10
C PHE B 305 19.24 -23.03 27.78
N ASN B 306 19.56 -24.31 27.59
CA ASN B 306 20.23 -24.76 26.38
C ASN B 306 19.27 -25.54 25.49
N ILE B 307 19.51 -25.46 24.19
CA ILE B 307 18.76 -26.19 23.18
C ILE B 307 19.75 -26.88 22.26
N ASN B 308 19.56 -28.19 22.07
CA ASN B 308 20.41 -28.94 21.15
C ASN B 308 19.99 -28.62 19.72
N GLN B 309 20.87 -27.95 18.98
CA GLN B 309 20.54 -27.52 17.63
C GLN B 309 20.28 -28.71 16.71
N ARG B 310 21.00 -29.82 16.92
CA ARG B 310 20.78 -31.01 16.11
C ARG B 310 19.37 -31.57 16.26
N LEU B 311 18.71 -31.31 17.38
CA LEU B 311 17.37 -31.82 17.64
C LEU B 311 16.27 -30.86 17.19
N LEU B 312 16.63 -29.76 16.54
CA LEU B 312 15.61 -28.82 16.07
C LEU B 312 14.87 -29.38 14.87
N SER B 313 13.55 -29.20 14.87
CA SER B 313 12.69 -29.55 13.75
C SER B 313 12.54 -28.33 12.84
N ASP B 314 11.55 -28.34 11.94
CA ASP B 314 11.24 -27.15 11.17
C ASP B 314 10.74 -26.02 12.06
N GLU B 315 10.10 -26.36 13.17
CA GLU B 315 9.78 -25.42 14.24
C GLU B 315 10.96 -25.31 15.19
N TRP B 316 11.16 -24.10 15.72
CA TRP B 316 12.13 -23.85 16.78
C TRP B 316 11.34 -23.59 18.05
N ILE B 317 11.17 -24.61 18.87
CA ILE B 317 10.46 -24.50 20.13
C ILE B 317 11.51 -24.32 21.20
N LEU B 318 11.83 -23.06 21.49
CA LEU B 318 12.90 -22.71 22.42
C LEU B 318 12.28 -22.46 23.78
N VAL B 319 12.14 -23.54 24.55
CA VAL B 319 11.51 -23.50 25.87
C VAL B 319 12.31 -24.38 26.81
N ASN B 320 12.09 -24.20 28.11
CA ASN B 320 12.79 -24.99 29.11
C ASN B 320 12.23 -26.42 29.14
N LYS B 321 12.84 -27.25 29.98
CA LYS B 321 12.45 -28.66 30.02
C LYS B 321 11.00 -28.82 30.46
N ASP B 322 10.57 -28.06 31.46
CA ASP B 322 9.21 -28.20 31.97
C ASP B 322 8.18 -27.89 30.89
N ASP B 323 8.38 -26.80 30.14
CA ASP B 323 7.46 -26.47 29.07
C ASP B 323 7.47 -27.53 27.97
N GLU B 324 8.64 -28.07 27.66
CA GLU B 324 8.74 -29.11 26.64
C GLU B 324 7.94 -30.35 27.05
N THR B 325 8.07 -30.78 28.31
CA THR B 325 7.29 -31.92 28.79
C THR B 325 5.81 -31.59 28.81
N PHE B 326 5.45 -30.39 29.25
CA PHE B 326 4.06 -29.96 29.26
C PHE B 326 3.49 -29.98 27.85
N TYR B 327 4.21 -29.41 26.89
CA TYR B 327 3.76 -29.38 25.50
C TYR B 327 3.64 -30.79 24.93
N ASN B 328 4.63 -31.65 25.19
CA ASN B 328 4.61 -33.00 24.63
C ASN B 328 3.45 -33.82 25.19
N LYS B 329 3.15 -33.66 26.47
CA LYS B 329 2.05 -34.42 27.07
C LYS B 329 0.73 -34.07 26.40
N ILE B 330 0.50 -32.79 26.13
CA ILE B 330 -0.74 -32.36 25.49
C ILE B 330 -0.78 -32.84 24.04
N GLN B 331 0.33 -32.72 23.31
CA GLN B 331 0.34 -33.12 21.91
C GLN B 331 0.04 -34.61 21.77
N GLU B 332 0.62 -35.44 22.65
CA GLU B 332 0.44 -36.88 22.55
C GLU B 332 -0.97 -37.30 22.97
N LYS B 333 -1.55 -36.63 23.96
CA LYS B 333 -2.85 -37.04 24.47
C LYS B 333 -3.98 -36.70 23.50
N CYS B 334 -3.81 -35.63 22.70
CA CYS B 334 -4.89 -35.14 21.85
C CYS B 334 -4.83 -35.81 20.48
N LYS B 335 -5.92 -36.47 20.10
CA LYS B 335 -5.96 -37.21 18.85
C LYS B 335 -6.50 -36.39 17.69
N TYR B 336 -6.90 -35.14 17.92
CA TYR B 336 -7.47 -34.29 16.90
C TYR B 336 -6.81 -32.92 16.92
N SER B 337 -6.82 -32.26 15.78
CA SER B 337 -6.49 -30.84 15.68
C SER B 337 -7.73 -30.06 15.27
N LEU B 338 -7.72 -28.76 15.56
CA LEU B 338 -8.81 -27.91 15.12
C LEU B 338 -8.95 -27.95 13.60
N GLU B 339 -7.83 -28.06 12.89
CA GLU B 339 -7.89 -28.15 11.43
C GLU B 339 -8.69 -29.38 10.99
N ASP B 340 -8.55 -30.49 11.72
CA ASP B 340 -9.26 -31.71 11.34
C ASP B 340 -10.77 -31.52 11.37
N ILE B 341 -11.26 -30.79 12.37
CA ILE B 341 -12.69 -30.78 12.68
C ILE B 341 -13.40 -29.50 12.26
N ALA B 342 -12.68 -28.47 11.85
CA ALA B 342 -13.29 -27.15 11.66
C ALA B 342 -12.96 -26.59 10.29
N ILE B 343 -13.83 -25.69 9.83
CA ILE B 343 -13.60 -24.87 8.65
C ILE B 343 -13.29 -23.47 9.14
N SER B 344 -12.11 -22.97 8.78
CA SER B 344 -11.59 -21.70 9.26
C SER B 344 -11.57 -20.66 8.14
N PHE B 345 -11.75 -19.39 8.49
CA PHE B 345 -11.70 -18.35 7.47
C PHE B 345 -11.42 -16.99 8.11
N GLN B 346 -10.74 -16.14 7.34
CA GLN B 346 -10.49 -14.74 7.70
C GLN B 346 -11.73 -13.89 7.44
N GLY B 347 -11.84 -12.80 8.18
CA GLY B 347 -12.97 -11.91 8.05
C GLY B 347 -12.99 -11.15 6.73
N ILE B 348 -14.02 -10.31 6.59
CA ILE B 348 -14.19 -9.48 5.41
C ILE B 348 -13.02 -8.51 5.29
N ILE B 349 -12.59 -8.25 4.05
CA ILE B 349 -11.63 -7.19 3.78
C ILE B 349 -12.28 -6.27 2.76
N THR B 350 -12.87 -5.17 3.24
CA THR B 350 -13.55 -4.24 2.33
C THR B 350 -12.54 -3.58 1.40
N GLY B 351 -11.37 -3.22 1.91
CA GLY B 351 -10.39 -2.45 1.19
C GLY B 351 -10.44 -0.97 1.49
N CYS B 352 -11.57 -0.47 1.99
CA CYS B 352 -11.66 0.89 2.51
C CYS B 352 -12.82 0.92 3.51
N ASP B 353 -12.51 0.75 4.79
CA ASP B 353 -13.57 0.54 5.78
C ASP B 353 -14.47 1.76 5.91
N LYS B 354 -13.91 2.96 5.77
CA LYS B 354 -14.72 4.18 5.92
C LYS B 354 -15.80 4.29 4.85
N ALA B 355 -15.68 3.56 3.75
CA ALA B 355 -16.70 3.58 2.70
C ALA B 355 -17.87 2.65 2.99
N PHE B 356 -17.67 1.63 3.82
CA PHE B 356 -18.67 0.59 4.02
C PHE B 356 -19.12 0.40 5.46
N ILE B 357 -18.38 0.92 6.44
CA ILE B 357 -18.66 0.68 7.85
C ILE B 357 -19.22 1.96 8.44
N LEU B 358 -20.40 1.86 9.05
CA LEU B 358 -21.07 2.99 9.66
C LEU B 358 -21.34 2.68 11.13
N SER B 359 -21.21 3.70 11.97
CA SER B 359 -21.72 3.60 13.33
C SER B 359 -23.21 3.32 13.28
N LYS B 360 -23.69 2.45 14.16
CA LYS B 360 -25.09 2.07 14.05
C LYS B 360 -26.03 3.20 14.46
N ASP B 361 -25.49 4.29 15.00
CA ASP B 361 -26.25 5.50 15.25
C ASP B 361 -26.11 6.54 14.13
N ASP B 362 -25.57 6.15 12.98
CA ASP B 362 -25.36 7.07 11.86
C ASP B 362 -26.64 7.27 11.07
N VAL B 363 -26.94 8.53 10.75
CA VAL B 363 -28.17 8.85 10.04
C VAL B 363 -28.12 8.41 8.58
N LYS B 364 -26.93 8.21 8.01
CA LYS B 364 -26.84 7.73 6.64
C LYS B 364 -27.32 6.30 6.48
N LEU B 365 -27.49 5.56 7.58
CA LEU B 365 -28.04 4.21 7.52
C LEU B 365 -29.51 4.19 7.12
N ASN B 366 -30.22 5.31 7.26
CA ASN B 366 -31.59 5.38 6.77
C ASN B 366 -31.67 5.29 5.26
N LEU B 367 -30.57 5.57 4.56
CA LEU B 367 -30.53 5.47 3.11
C LEU B 367 -30.23 4.06 2.63
N VAL B 368 -29.96 3.12 3.53
CA VAL B 368 -29.55 1.77 3.17
C VAL B 368 -30.66 0.81 3.56
N ASP B 369 -31.15 0.04 2.58
CA ASP B 369 -32.14 -0.99 2.86
C ASP B 369 -31.54 -2.02 3.81
N ASP B 370 -32.36 -2.48 4.77
CA ASP B 370 -31.87 -3.37 5.81
C ASP B 370 -31.32 -4.68 5.25
N LYS B 371 -31.74 -5.08 4.05
CA LYS B 371 -31.22 -6.29 3.43
C LYS B 371 -29.73 -6.18 3.11
N PHE B 372 -29.19 -4.96 3.02
CA PHE B 372 -27.78 -4.77 2.76
C PHE B 372 -26.93 -4.70 4.03
N LEU B 373 -27.54 -4.63 5.21
CA LEU B 373 -26.83 -4.30 6.43
C LEU B 373 -26.49 -5.56 7.23
N LYS B 374 -25.26 -5.60 7.74
CA LYS B 374 -24.79 -6.68 8.58
C LYS B 374 -24.22 -6.11 9.87
N CYS B 375 -24.31 -6.90 10.94
CA CYS B 375 -23.64 -6.53 12.18
C CYS B 375 -22.14 -6.68 12.03
N TRP B 376 -21.39 -5.75 12.62
CA TRP B 376 -19.96 -5.61 12.41
C TRP B 376 -19.27 -5.46 13.75
N ILE B 377 -18.34 -6.36 14.05
CA ILE B 377 -17.63 -6.31 15.33
C ILE B 377 -16.14 -6.16 15.07
N LYS B 378 -15.45 -5.60 16.06
CA LYS B 378 -14.00 -5.46 16.07
C LYS B 378 -13.41 -6.43 17.07
N SER B 379 -12.08 -6.56 17.02
CA SER B 379 -11.38 -7.51 17.88
C SER B 379 -11.69 -7.27 19.36
N LYS B 380 -11.90 -6.02 19.77
CA LYS B 380 -12.15 -5.74 21.17
C LYS B 380 -13.52 -6.20 21.64
N ASN B 381 -14.42 -6.55 20.73
CA ASN B 381 -15.74 -7.03 21.12
C ASN B 381 -15.72 -8.48 21.59
N ILE B 382 -14.64 -9.20 21.35
CA ILE B 382 -14.57 -10.62 21.67
C ILE B 382 -14.14 -10.79 23.12
N ASN B 383 -14.94 -11.51 23.90
CA ASN B 383 -14.54 -11.98 25.22
C ASN B 383 -14.46 -13.50 25.17
N LYS B 384 -14.01 -14.08 26.28
CA LYS B 384 -14.20 -15.50 26.47
C LYS B 384 -15.69 -15.81 26.41
N TYR B 385 -16.06 -16.78 25.58
CA TYR B 385 -17.36 -17.44 25.47
C TYR B 385 -18.48 -16.64 24.79
N ILE B 386 -18.40 -15.31 24.70
CA ILE B 386 -19.49 -14.53 24.11
C ILE B 386 -18.93 -13.22 23.56
N VAL B 387 -19.71 -12.61 22.66
CA VAL B 387 -19.34 -11.40 21.95
C VAL B 387 -20.16 -10.24 22.48
N ASP B 388 -19.53 -9.07 22.58
CA ASP B 388 -20.24 -7.84 22.91
C ASP B 388 -21.19 -7.44 21.77
N LYS B 389 -22.25 -6.73 22.12
CA LYS B 389 -23.17 -6.21 21.11
C LYS B 389 -22.43 -5.34 20.11
N SER B 390 -22.72 -5.54 18.83
CA SER B 390 -22.05 -4.78 17.78
C SER B 390 -22.46 -3.32 17.81
N GLU B 391 -21.49 -2.43 17.61
CA GLU B 391 -21.73 -1.00 17.52
C GLU B 391 -21.64 -0.46 16.10
N TYR B 392 -21.38 -1.32 15.12
CA TYR B 392 -21.17 -0.90 13.74
C TYR B 392 -22.01 -1.76 12.80
N ARG B 393 -22.21 -1.22 11.59
CA ARG B 393 -22.96 -1.91 10.56
C ARG B 393 -22.14 -1.92 9.27
N LEU B 394 -22.19 -3.05 8.56
CA LEU B 394 -21.52 -3.19 7.28
C LEU B 394 -22.53 -3.12 6.15
N ILE B 395 -22.23 -2.32 5.14
CA ILE B 395 -22.99 -2.30 3.91
C ILE B 395 -22.39 -3.37 3.00
N TYR B 396 -23.09 -4.49 2.85
CA TYR B 396 -22.60 -5.59 2.01
C TYR B 396 -22.91 -5.24 0.55
N SER B 397 -22.06 -4.37 -0.01
CA SER B 397 -22.31 -3.77 -1.31
C SER B 397 -22.22 -4.76 -2.47
N ASN B 398 -21.72 -5.97 -2.24
CA ASN B 398 -21.69 -6.97 -3.30
C ASN B 398 -23.10 -7.33 -3.77
N ASP B 399 -24.11 -7.15 -2.92
CA ASP B 399 -25.49 -7.45 -3.26
C ASP B 399 -26.19 -6.31 -4.01
N ILE B 400 -25.53 -5.17 -4.19
CA ILE B 400 -26.08 -4.08 -4.97
C ILE B 400 -25.95 -4.42 -6.45
N ASP B 401 -27.08 -4.60 -7.12
CA ASP B 401 -27.06 -5.15 -8.49
C ASP B 401 -26.70 -4.08 -9.52
N ASN B 402 -27.54 -3.06 -9.66
CA ASN B 402 -27.36 -2.03 -10.67
C ASN B 402 -26.93 -0.73 -10.00
N GLU B 403 -26.03 -0.01 -10.67
CA GLU B 403 -25.59 1.29 -10.19
C GLU B 403 -26.70 2.34 -10.20
N ASN B 404 -27.81 2.07 -10.87
CA ASN B 404 -28.92 3.01 -10.96
C ASN B 404 -30.03 2.71 -9.95
N THR B 405 -30.30 1.44 -9.67
CA THR B 405 -31.41 1.09 -8.79
C THR B 405 -31.15 1.44 -7.33
N ASN B 406 -29.89 1.63 -6.95
CA ASN B 406 -29.50 2.02 -5.59
C ASN B 406 -28.57 3.23 -5.63
N LYS B 407 -28.97 4.25 -6.39
CA LYS B 407 -28.08 5.39 -6.64
C LYS B 407 -27.74 6.16 -5.37
N ARG B 408 -28.70 6.25 -4.43
CA ARG B 408 -28.46 7.06 -3.23
C ARG B 408 -27.31 6.53 -2.41
N ILE B 409 -27.23 5.21 -2.25
CA ILE B 409 -26.15 4.61 -1.46
C ILE B 409 -24.80 4.88 -2.11
N LEU B 410 -24.73 4.73 -3.44
CA LEU B 410 -23.46 4.92 -4.13
C LEU B 410 -23.01 6.38 -4.09
N ASP B 411 -23.94 7.31 -4.30
CA ASP B 411 -23.56 8.73 -4.40
C ASP B 411 -23.17 9.30 -3.05
N GLU B 412 -23.91 8.96 -1.99
CA GLU B 412 -23.80 9.68 -0.73
C GLU B 412 -23.03 8.93 0.36
N ILE B 413 -22.75 7.65 0.20
CA ILE B 413 -22.04 6.90 1.24
C ILE B 413 -20.75 6.31 0.68
N ILE B 414 -20.88 5.44 -0.31
CA ILE B 414 -19.71 4.71 -0.81
C ILE B 414 -18.89 5.58 -1.75
N GLY B 415 -19.54 6.34 -2.62
CA GLY B 415 -18.85 7.15 -3.60
C GLY B 415 -17.98 8.25 -3.03
N LEU B 416 -18.14 8.57 -1.75
CA LEU B 416 -17.26 9.55 -1.11
C LEU B 416 -15.81 9.08 -1.08
N TYR B 417 -15.56 7.80 -1.32
CA TYR B 417 -14.22 7.23 -1.36
C TYR B 417 -13.96 6.55 -2.69
N LYS B 418 -14.62 7.01 -3.76
CA LYS B 418 -14.57 6.33 -5.05
C LYS B 418 -13.14 6.21 -5.57
N THR B 419 -12.38 7.30 -5.50
CA THR B 419 -11.01 7.27 -6.04
C THR B 419 -10.13 6.31 -5.24
N LYS B 420 -10.28 6.27 -3.93
CA LYS B 420 -9.57 5.28 -3.12
C LYS B 420 -10.01 3.87 -3.49
N LEU B 421 -11.32 3.68 -3.69
CA LEU B 421 -11.83 2.37 -4.06
C LEU B 421 -11.35 1.93 -5.44
N GLU B 422 -11.19 2.88 -6.36
CA GLU B 422 -10.74 2.54 -7.70
C GLU B 422 -9.26 2.19 -7.75
N ASN B 423 -8.50 2.50 -6.71
CA ASN B 423 -7.08 2.17 -6.67
C ASN B 423 -6.82 0.75 -6.15
N ARG B 424 -7.85 0.06 -5.65
CA ARG B 424 -7.68 -1.31 -5.23
C ARG B 424 -7.33 -2.20 -6.41
N ARG B 425 -6.52 -3.23 -6.14
CA ARG B 425 -5.91 -4.01 -7.22
C ARG B 425 -6.97 -4.65 -8.12
N GLU B 426 -8.03 -5.20 -7.53
CA GLU B 426 -9.03 -5.90 -8.32
C GLU B 426 -9.96 -4.95 -9.06
N CYS B 427 -10.05 -3.69 -8.65
CA CYS B 427 -10.75 -2.71 -9.45
C CYS B 427 -9.93 -2.31 -10.67
N LYS B 428 -8.63 -2.10 -10.49
CA LYS B 428 -7.76 -1.73 -11.61
C LYS B 428 -7.69 -2.83 -12.65
N SER B 429 -7.85 -4.09 -12.25
CA SER B 429 -7.85 -5.20 -13.19
C SER B 429 -9.22 -5.49 -13.78
N GLY B 430 -10.27 -4.81 -13.30
CA GLY B 430 -11.58 -4.88 -13.91
C GLY B 430 -12.50 -5.99 -13.44
N ILE B 431 -12.02 -6.87 -12.54
CA ILE B 431 -12.88 -7.97 -12.09
C ILE B 431 -13.77 -7.59 -10.92
N ARG B 432 -13.51 -6.45 -10.28
CA ARG B 432 -14.30 -5.99 -9.14
C ARG B 432 -14.85 -4.60 -9.46
N LYS B 433 -16.13 -4.40 -9.22
CA LYS B 433 -16.71 -3.08 -9.41
C LYS B 433 -16.19 -2.12 -8.34
N TRP B 434 -16.12 -0.83 -8.69
CA TRP B 434 -15.52 0.14 -7.79
C TRP B 434 -16.25 0.21 -6.45
N TYR B 435 -17.53 -0.14 -6.42
CA TYR B 435 -18.31 0.01 -5.20
C TYR B 435 -18.44 -1.26 -4.37
N GLU B 436 -17.96 -2.39 -4.85
CA GLU B 436 -18.15 -3.60 -4.07
C GLU B 436 -16.95 -3.88 -3.18
N LEU B 437 -17.17 -4.76 -2.19
CA LEU B 437 -16.13 -5.14 -1.25
C LEU B 437 -14.99 -5.84 -1.98
N GLN B 438 -13.75 -5.55 -1.56
CA GLN B 438 -12.60 -6.15 -2.25
C GLN B 438 -12.59 -7.66 -2.07
N TRP B 439 -12.73 -8.14 -0.83
CA TRP B 439 -12.86 -9.57 -0.56
C TRP B 439 -14.08 -9.75 0.35
N GLY B 440 -15.25 -9.90 -0.26
CA GLY B 440 -16.49 -10.03 0.46
C GLY B 440 -16.74 -11.41 1.03
N ARG B 441 -15.86 -12.37 0.73
CA ARG B 441 -15.94 -13.73 1.30
C ARG B 441 -17.29 -14.34 0.93
N GLU B 442 -17.81 -15.20 1.81
CA GLU B 442 -19.05 -15.92 1.58
C GLU B 442 -19.98 -15.65 2.76
N LYS B 443 -21.15 -15.06 2.48
CA LYS B 443 -22.10 -14.71 3.54
C LYS B 443 -22.58 -15.94 4.29
N LEU B 444 -22.75 -17.07 3.59
CA LEU B 444 -23.20 -18.29 4.25
C LEU B 444 -22.24 -18.74 5.35
N PHE B 445 -20.98 -18.34 5.28
CA PHE B 445 -20.01 -18.69 6.33
C PHE B 445 -20.20 -17.85 7.58
N PHE B 446 -20.55 -16.58 7.43
CA PHE B 446 -20.70 -15.71 8.60
C PHE B 446 -22.08 -15.82 9.23
N GLU B 447 -23.12 -16.08 8.44
CA GLU B 447 -24.49 -16.05 8.94
C GLU B 447 -24.90 -17.44 9.42
N ARG B 448 -24.25 -17.86 10.50
CA ARG B 448 -24.45 -19.16 11.12
C ARG B 448 -23.80 -19.14 12.49
N LYS B 449 -24.15 -20.12 13.31
CA LYS B 449 -23.45 -20.31 14.57
C LYS B 449 -21.98 -20.63 14.30
N LYS B 450 -21.09 -19.93 14.98
CA LYS B 450 -19.66 -20.09 14.73
C LYS B 450 -18.89 -19.58 15.94
N ILE B 451 -17.59 -19.83 15.93
CA ILE B 451 -16.68 -19.37 16.97
C ILE B 451 -15.79 -18.28 16.38
N MET B 452 -15.63 -17.18 17.11
CA MET B 452 -14.81 -16.07 16.67
C MET B 452 -13.76 -15.73 17.73
N TYR B 453 -12.60 -15.27 17.28
CA TYR B 453 -11.52 -14.90 18.20
C TYR B 453 -10.73 -13.74 17.62
N PRO B 454 -10.18 -12.87 18.48
CA PRO B 454 -9.39 -11.74 17.98
C PRO B 454 -8.08 -12.21 17.38
N TYR B 455 -7.61 -11.47 16.36
CA TYR B 455 -6.41 -11.88 15.65
C TYR B 455 -5.13 -11.56 16.42
N LYS B 456 -5.22 -10.67 17.41
CA LYS B 456 -4.09 -10.30 18.26
C LYS B 456 -4.64 -10.07 19.65
N SER B 457 -4.02 -10.67 20.66
CA SER B 457 -4.59 -10.63 22.00
C SER B 457 -3.54 -11.04 23.02
N ASN B 458 -3.83 -10.72 24.29
CA ASN B 458 -2.98 -11.15 25.39
C ASN B 458 -3.30 -12.55 25.88
N GLU B 459 -4.44 -13.12 25.49
CA GLU B 459 -4.89 -14.39 26.05
C GLU B 459 -5.92 -15.02 25.12
N ASN B 460 -6.24 -16.27 25.39
CA ASN B 460 -7.24 -16.99 24.62
C ASN B 460 -8.62 -16.37 24.84
N ARG B 461 -9.23 -15.90 23.76
CA ARG B 461 -10.58 -15.32 23.79
C ARG B 461 -11.36 -15.93 22.63
N PHE B 462 -11.98 -17.08 22.87
CA PHE B 462 -12.80 -17.75 21.87
C PHE B 462 -14.26 -17.64 22.29
N ALA B 463 -15.09 -17.11 21.40
CA ALA B 463 -16.48 -16.81 21.72
C ALA B 463 -17.40 -17.48 20.71
N ILE B 464 -18.53 -17.98 21.21
CA ILE B 464 -19.60 -18.46 20.33
C ILE B 464 -20.38 -17.24 19.86
N ASP B 465 -20.51 -17.09 18.55
CA ASP B 465 -21.31 -16.03 17.97
C ASP B 465 -22.69 -16.59 17.62
N TYR B 466 -23.73 -15.97 18.16
CA TYR B 466 -25.11 -16.33 17.85
C TYR B 466 -25.79 -15.34 16.92
N ASP B 467 -25.14 -14.22 16.58
CA ASP B 467 -25.83 -13.08 16.00
C ASP B 467 -25.42 -12.77 14.57
N ASN B 468 -24.87 -13.76 13.86
CA ASN B 468 -24.44 -13.57 12.47
C ASN B 468 -23.51 -12.37 12.33
N ASN B 469 -22.58 -12.23 13.26
CA ASN B 469 -21.65 -11.11 13.23
C ASN B 469 -20.68 -11.24 12.07
N PHE B 470 -20.49 -10.15 11.34
CA PHE B 470 -19.41 -10.01 10.39
C PHE B 470 -18.26 -9.24 11.04
N SER B 471 -17.09 -9.31 10.43
CA SER B 471 -15.93 -8.61 10.97
C SER B 471 -14.88 -8.46 9.88
N SER B 472 -13.92 -7.58 10.14
CA SER B 472 -12.76 -7.44 9.28
C SER B 472 -11.75 -8.54 9.60
N ALA B 473 -10.53 -8.40 9.09
CA ALA B 473 -9.50 -9.41 9.29
C ALA B 473 -8.83 -9.31 10.66
N ASP B 474 -9.34 -8.47 11.56
CA ASP B 474 -8.88 -8.48 12.94
C ASP B 474 -9.63 -9.48 13.80
N VAL B 475 -10.61 -10.19 13.24
CA VAL B 475 -11.35 -11.25 13.92
C VAL B 475 -11.39 -12.45 12.99
N TYR B 476 -11.02 -13.62 13.49
CA TYR B 476 -11.12 -14.85 12.72
C TYR B 476 -12.31 -15.67 13.19
N SER B 477 -12.75 -16.57 12.32
CA SER B 477 -13.91 -17.39 12.62
C SER B 477 -13.63 -18.83 12.22
N PHE B 478 -14.32 -19.76 12.87
CA PHE B 478 -14.42 -21.10 12.34
C PHE B 478 -15.75 -21.71 12.77
N PHE B 479 -16.19 -22.71 12.00
CA PHE B 479 -17.32 -23.53 12.39
C PHE B 479 -16.93 -24.98 12.26
N ILE B 480 -17.71 -25.85 12.90
CA ILE B 480 -17.35 -27.26 13.02
C ILE B 480 -17.83 -28.00 11.77
N LYS B 481 -16.97 -28.84 11.21
CA LYS B 481 -17.34 -29.64 10.05
C LYS B 481 -18.56 -30.51 10.38
N GLU B 482 -19.38 -30.74 9.34
CA GLU B 482 -20.61 -31.50 9.54
C GLU B 482 -20.33 -32.88 10.10
N GLU B 483 -19.25 -33.52 9.66
CA GLU B 483 -18.96 -34.89 10.05
C GLU B 483 -18.30 -34.99 11.42
N TYR B 484 -18.04 -33.87 12.09
CA TYR B 484 -17.54 -33.89 13.45
C TYR B 484 -18.53 -33.35 14.48
N LEU B 485 -19.71 -32.93 14.04
CA LEU B 485 -20.68 -32.36 14.97
C LEU B 485 -21.14 -33.35 16.02
N ASP B 486 -21.15 -34.65 15.69
CA ASP B 486 -21.52 -35.66 16.67
C ASP B 486 -20.39 -35.96 17.66
N LYS B 487 -19.18 -35.48 17.41
CA LYS B 487 -18.07 -35.67 18.34
C LYS B 487 -17.75 -34.42 19.14
N PHE B 488 -17.88 -33.23 18.55
CA PHE B 488 -17.51 -31.99 19.20
C PHE B 488 -18.62 -30.96 19.05
N SER B 489 -18.90 -30.25 20.13
CA SER B 489 -19.85 -29.16 20.14
C SER B 489 -19.14 -27.84 20.36
N TYR B 490 -19.81 -26.75 19.98
CA TYR B 490 -19.22 -25.42 20.15
C TYR B 490 -18.99 -25.12 21.63
N GLU B 491 -19.90 -25.55 22.49
CA GLU B 491 -19.79 -25.26 23.91
C GLU B 491 -18.62 -26.01 24.54
N TYR B 492 -18.38 -27.25 24.11
CA TYR B 492 -17.19 -27.95 24.57
C TYR B 492 -15.92 -27.26 24.09
N LEU B 493 -15.90 -26.81 22.83
CA LEU B 493 -14.67 -26.24 22.28
C LEU B 493 -14.27 -24.95 22.99
N VAL B 494 -15.23 -24.03 23.18
CA VAL B 494 -14.88 -22.80 23.90
C VAL B 494 -14.54 -23.12 25.34
N GLY B 495 -15.06 -24.22 25.86
CA GLY B 495 -14.70 -24.63 27.21
C GLY B 495 -13.22 -24.93 27.35
N ILE B 496 -12.69 -25.75 26.45
CA ILE B 496 -11.28 -26.10 26.56
C ILE B 496 -10.39 -24.98 26.05
N LEU B 497 -10.83 -24.27 24.99
CA LEU B 497 -9.99 -23.26 24.37
C LEU B 497 -9.77 -22.04 25.28
N ASN B 498 -10.72 -21.75 26.16
CA ASN B 498 -10.61 -20.62 27.08
C ASN B 498 -10.02 -21.01 28.43
N SER B 499 -9.55 -22.23 28.57
CA SER B 499 -9.04 -22.68 29.86
C SER B 499 -7.61 -22.20 30.09
N SER B 500 -7.23 -22.12 31.36
CA SER B 500 -5.86 -21.78 31.70
C SER B 500 -4.87 -22.72 31.04
N VAL B 501 -5.26 -24.00 30.92
CA VAL B 501 -4.37 -24.99 30.32
C VAL B 501 -4.08 -24.64 28.87
N TYR B 502 -5.12 -24.35 28.09
CA TYR B 502 -4.94 -24.07 26.67
C TYR B 502 -4.36 -22.69 26.41
N ASP B 503 -4.53 -21.75 27.33
CA ASP B 503 -3.84 -20.46 27.19
C ASP B 503 -2.33 -20.65 27.27
N LYS B 504 -1.87 -21.38 28.28
CA LYS B 504 -0.45 -21.69 28.39
C LYS B 504 0.01 -22.54 27.22
N TYR B 505 -0.80 -23.52 26.81
CA TYR B 505 -0.43 -24.43 25.74
C TYR B 505 -0.20 -23.68 24.42
N PHE B 506 -1.13 -22.80 24.06
CA PHE B 506 -1.01 -22.07 22.81
C PHE B 506 0.22 -21.17 22.82
N LYS B 507 0.48 -20.49 23.94
CA LYS B 507 1.59 -19.55 24.01
C LYS B 507 2.95 -20.23 24.02
N ILE B 508 3.00 -21.56 24.16
CA ILE B 508 4.29 -22.26 24.06
C ILE B 508 4.92 -21.99 22.70
N THR B 509 4.11 -21.99 21.64
CA THR B 509 4.60 -21.82 20.28
C THR B 509 4.00 -20.63 19.56
N ALA B 510 3.16 -19.84 20.24
CA ALA B 510 2.51 -18.72 19.57
C ALA B 510 3.50 -17.63 19.19
N LYS B 511 3.16 -16.89 18.15
CA LYS B 511 4.00 -15.81 17.62
C LYS B 511 3.82 -14.59 18.50
N LYS B 512 4.88 -14.20 19.22
CA LYS B 512 4.84 -13.06 20.12
C LYS B 512 5.15 -11.79 19.34
N MET B 513 4.17 -10.87 19.29
CA MET B 513 4.21 -9.71 18.40
C MET B 513 4.76 -8.45 19.08
N SER B 514 4.15 -8.06 20.18
CA SER B 514 4.60 -6.92 20.96
C SER B 514 4.21 -7.18 22.41
N LYS B 515 4.40 -6.18 23.27
CA LYS B 515 4.14 -6.35 24.69
C LYS B 515 2.69 -6.75 24.91
N ASN B 516 2.49 -7.91 25.56
CA ASN B 516 1.18 -8.45 25.88
C ASN B 516 0.36 -8.81 24.64
N ILE B 517 0.98 -9.05 23.49
CA ILE B 517 0.24 -9.36 22.28
C ILE B 517 0.84 -10.57 21.59
N TYR B 518 0.02 -11.61 21.39
CA TYR B 518 0.34 -12.72 20.51
C TYR B 518 -0.56 -12.66 19.29
N ASP B 519 -0.06 -13.16 18.16
CA ASP B 519 -0.92 -13.42 17.02
C ASP B 519 -1.80 -14.63 17.31
N TYR B 520 -3.10 -14.49 17.09
CA TYR B 520 -4.01 -15.63 17.04
C TYR B 520 -4.46 -15.74 15.59
N TYR B 521 -3.64 -16.38 14.77
CA TYR B 521 -3.92 -16.59 13.37
C TYR B 521 -4.13 -18.08 13.09
N PRO B 522 -4.91 -18.41 12.06
CA PRO B 522 -5.15 -19.83 11.77
C PRO B 522 -3.89 -20.65 11.54
N ASN B 523 -2.81 -20.05 11.04
CA ASN B 523 -1.62 -20.84 10.78
C ASN B 523 -1.03 -21.44 12.06
N LYS B 524 -1.44 -20.94 13.23
CA LYS B 524 -1.13 -21.61 14.49
C LYS B 524 -2.36 -22.02 15.28
N VAL B 525 -3.46 -21.25 15.23
CA VAL B 525 -4.66 -21.61 15.97
C VAL B 525 -5.23 -22.93 15.46
N MET B 526 -5.26 -23.13 14.14
CA MET B 526 -5.79 -24.37 13.61
C MET B 526 -4.90 -25.57 13.88
N LYS B 527 -3.68 -25.35 14.38
CA LYS B 527 -2.82 -26.46 14.80
C LYS B 527 -3.03 -26.85 16.25
N ILE B 528 -3.85 -26.10 16.99
CA ILE B 528 -4.16 -26.46 18.37
C ILE B 528 -4.79 -27.85 18.40
N ARG B 529 -4.24 -28.73 19.22
CA ARG B 529 -4.75 -30.09 19.31
C ARG B 529 -5.78 -30.20 20.42
N ILE B 530 -6.80 -31.03 20.19
CA ILE B 530 -7.93 -31.16 21.09
C ILE B 530 -8.18 -32.64 21.35
N PHE B 531 -8.91 -32.92 22.43
CA PHE B 531 -9.15 -34.27 22.89
C PHE B 531 -10.63 -34.44 23.22
N ARG B 532 -11.06 -35.70 23.30
CA ARG B 532 -12.35 -36.03 23.90
C ARG B 532 -12.21 -37.33 24.67
N ASP B 533 -12.72 -37.34 25.89
CA ASP B 533 -12.62 -38.49 26.78
C ASP B 533 -13.79 -38.46 27.75
N ASN B 534 -13.70 -39.24 28.83
CA ASN B 534 -14.79 -39.38 29.78
C ASN B 534 -15.19 -38.06 30.45
N ASN B 535 -14.33 -37.05 30.41
CA ASN B 535 -14.65 -35.76 31.00
C ASN B 535 -15.47 -34.87 30.07
N TYR B 536 -15.78 -35.32 28.85
CA TYR B 536 -16.40 -34.47 27.85
C TYR B 536 -17.69 -33.84 28.37
N GLU B 537 -18.58 -34.66 28.95
CA GLU B 537 -19.90 -34.17 29.32
C GLU B 537 -19.82 -33.12 30.43
N GLU B 538 -18.96 -33.34 31.43
CA GLU B 538 -18.88 -32.39 32.54
C GLU B 538 -18.25 -31.07 32.08
N ILE B 539 -17.21 -31.14 31.24
CA ILE B 539 -16.60 -29.92 30.71
C ILE B 539 -17.63 -29.13 29.92
N GLU B 540 -18.37 -29.80 29.03
CA GLU B 540 -19.37 -29.14 28.21
C GLU B 540 -20.46 -28.52 29.09
N ASN B 541 -20.89 -29.24 30.12
CA ASN B 541 -21.92 -28.70 31.00
C ASN B 541 -21.43 -27.47 31.75
N LEU B 542 -20.17 -27.48 32.20
CA LEU B 542 -19.62 -26.31 32.89
C LEU B 542 -19.56 -25.12 31.94
N SER B 543 -19.17 -25.36 30.69
CA SER B 543 -19.15 -24.29 29.70
C SER B 543 -20.54 -23.70 29.47
N LYS B 544 -21.55 -24.58 29.37
CA LYS B 544 -22.92 -24.10 29.18
C LYS B 544 -23.39 -23.28 30.37
N GLN B 545 -23.03 -23.70 31.59
CA GLN B 545 -23.38 -22.90 32.77
C GLN B 545 -22.74 -21.53 32.72
N ILE B 546 -21.47 -21.46 32.31
CA ILE B 546 -20.78 -20.18 32.24
C ILE B 546 -21.47 -19.26 31.22
N ILE B 547 -21.82 -19.81 30.06
CA ILE B 547 -22.47 -19.01 29.03
C ILE B 547 -23.81 -18.47 29.54
N SER B 548 -24.57 -19.30 30.26
CA SER B 548 -25.85 -18.86 30.81
C SER B 548 -25.67 -17.70 31.77
N ILE B 549 -24.65 -17.77 32.63
CA ILE B 549 -24.40 -16.69 33.57
C ILE B 549 -23.99 -15.42 32.85
N LEU B 550 -23.13 -15.56 31.83
CA LEU B 550 -22.66 -14.38 31.11
C LEU B 550 -23.80 -13.69 30.37
N LEU B 551 -24.76 -14.45 29.86
CA LEU B 551 -25.90 -13.86 29.16
C LEU B 551 -27.00 -13.39 30.11
N ASN B 552 -26.86 -13.63 31.41
CA ASN B 552 -27.89 -13.26 32.37
C ASN B 552 -27.89 -11.74 32.60
N LYS B 553 -28.98 -11.26 33.21
CA LYS B 553 -29.10 -9.84 33.53
C LYS B 553 -28.07 -9.43 34.59
N SER B 554 -28.00 -10.16 35.68
CA SER B 554 -27.00 -9.95 36.72
C SER B 554 -25.93 -11.03 36.58
N ILE B 555 -24.68 -10.61 36.40
CA ILE B 555 -23.57 -11.53 36.18
C ILE B 555 -22.83 -11.73 37.51
N ASP B 556 -22.84 -12.96 38.00
CA ASP B 556 -22.05 -13.35 39.15
C ASP B 556 -20.65 -13.69 38.67
N LYS B 557 -19.74 -12.73 38.73
CA LYS B 557 -18.37 -12.99 38.29
C LYS B 557 -17.69 -14.03 39.16
N GLY B 558 -18.03 -14.08 40.45
CA GLY B 558 -17.45 -15.08 41.32
C GLY B 558 -17.88 -16.50 40.97
N LYS B 559 -19.15 -16.67 40.60
CA LYS B 559 -19.64 -17.99 40.21
C LYS B 559 -18.96 -18.48 38.94
N VAL B 560 -18.77 -17.60 37.95
CA VAL B 560 -18.08 -17.98 36.72
C VAL B 560 -16.65 -18.41 37.03
N GLU B 561 -15.98 -17.68 37.92
CA GLU B 561 -14.60 -18.02 38.26
C GLU B 561 -14.51 -19.41 38.89
N LYS B 562 -15.45 -19.73 39.79
CA LYS B 562 -15.46 -21.06 40.39
C LYS B 562 -15.70 -22.14 39.34
N LEU B 563 -16.65 -21.91 38.43
CA LEU B 563 -16.90 -22.87 37.35
C LEU B 563 -15.68 -22.99 36.44
N GLN B 564 -15.02 -21.86 36.15
CA GLN B 564 -13.84 -21.90 35.29
C GLN B 564 -12.71 -22.67 35.95
N ILE B 565 -12.49 -22.45 37.25
CA ILE B 565 -11.45 -23.20 37.97
C ILE B 565 -11.78 -24.69 37.97
N LYS B 566 -13.05 -25.03 38.20
CA LYS B 566 -13.45 -26.43 38.19
C LYS B 566 -13.21 -27.06 36.82
N MET B 567 -13.50 -26.32 35.74
CA MET B 567 -13.23 -26.82 34.40
C MET B 567 -11.74 -26.94 34.14
N ASP B 568 -10.95 -25.96 34.61
CA ASP B 568 -9.50 -26.03 34.43
C ASP B 568 -8.93 -27.32 35.01
N ASN B 569 -9.36 -27.69 36.22
CA ASN B 569 -8.85 -28.91 36.85
C ASN B 569 -9.25 -30.15 36.07
N LEU B 570 -10.48 -30.18 35.55
CA LEU B 570 -10.91 -31.34 34.77
C LEU B 570 -10.05 -31.52 33.53
N ILE B 571 -9.72 -30.42 32.86
CA ILE B 571 -8.84 -30.50 31.69
C ILE B 571 -7.43 -30.89 32.11
N MET B 572 -6.97 -30.38 33.25
CA MET B 572 -5.68 -30.80 33.76
C MET B 572 -5.67 -32.29 34.08
N ASP B 573 -6.75 -32.81 34.66
CA ASP B 573 -6.84 -34.24 34.92
C ASP B 573 -6.85 -35.04 33.62
N SER B 574 -7.59 -34.57 32.61
CA SER B 574 -7.70 -35.30 31.35
C SER B 574 -6.37 -35.37 30.62
N LEU B 575 -5.59 -34.29 30.64
CA LEU B 575 -4.33 -34.25 29.90
C LEU B 575 -3.15 -34.73 30.73
N GLY B 576 -3.38 -35.11 31.99
CA GLY B 576 -2.31 -35.64 32.83
C GLY B 576 -1.23 -34.63 33.16
N ILE B 577 -1.60 -33.38 33.42
CA ILE B 577 -0.63 -32.35 33.77
C ILE B 577 -1.00 -31.73 35.12
N GLY C 28 -5.83 47.04 15.21
CA GLY C 28 -4.93 47.52 14.18
C GLY C 28 -4.66 49.01 14.25
N ILE C 29 -4.84 49.69 13.12
CA ILE C 29 -4.65 51.14 12.99
C ILE C 29 -3.21 51.51 13.33
N TYR C 30 -2.28 51.14 12.45
CA TYR C 30 -0.87 51.48 12.58
C TYR C 30 -0.49 52.45 11.47
N TYR C 31 -0.01 53.63 11.85
CA TYR C 31 0.32 54.68 10.89
C TYR C 31 1.75 54.48 10.42
N THR C 32 1.91 54.10 9.15
CA THR C 32 3.22 54.00 8.54
C THR C 32 3.74 55.40 8.21
N PRO C 33 4.99 55.72 8.53
CA PRO C 33 5.50 57.07 8.24
C PRO C 33 5.44 57.38 6.75
N LYS C 34 5.22 58.66 6.45
CA LYS C 34 4.94 59.07 5.08
C LYS C 34 6.10 58.74 4.14
N ILE C 35 7.33 58.94 4.58
CA ILE C 35 8.47 58.68 3.70
C ILE C 35 8.62 57.19 3.43
N ILE C 36 8.24 56.33 4.38
CA ILE C 36 8.21 54.90 4.11
C ILE C 36 7.16 54.58 3.05
N VAL C 37 5.97 55.18 3.18
CA VAL C 37 4.89 54.91 2.23
C VAL C 37 5.28 55.35 0.83
N ASP C 38 5.84 56.56 0.72
CA ASP C 38 6.25 57.06 -0.60
C ASP C 38 7.32 56.18 -1.22
N TYR C 39 8.29 55.74 -0.42
CA TYR C 39 9.36 54.91 -0.94
C TYR C 39 8.82 53.58 -1.47
N ILE C 40 7.85 53.00 -0.77
CA ILE C 40 7.27 51.74 -1.22
C ILE C 40 6.48 51.93 -2.50
N VAL C 41 5.66 52.99 -2.57
CA VAL C 41 4.91 53.26 -3.79
C VAL C 41 5.85 53.54 -4.95
N LYS C 42 6.93 54.29 -4.69
CA LYS C 42 7.93 54.56 -5.72
C LYS C 42 8.61 53.28 -6.17
N LYS C 43 8.94 52.39 -5.23
CA LYS C 43 9.63 51.16 -5.59
C LYS C 43 8.81 50.27 -6.50
N THR C 44 7.49 50.46 -6.54
CA THR C 44 6.62 49.66 -7.40
C THR C 44 6.28 50.36 -8.72
N LEU C 45 5.98 51.65 -8.70
CA LEU C 45 5.43 52.33 -9.87
C LEU C 45 6.45 53.19 -10.62
N LYS C 46 7.73 53.18 -10.21
CA LYS C 46 8.70 54.08 -10.82
C LYS C 46 8.91 53.79 -12.30
N ASN C 47 8.82 52.53 -12.71
CA ASN C 47 9.16 52.13 -14.06
C ASN C 47 7.98 51.55 -14.83
N HIS C 48 6.75 51.88 -14.43
CA HIS C 48 5.57 51.39 -15.13
C HIS C 48 5.36 52.20 -16.41
N ASP C 49 5.30 51.51 -17.54
CA ASP C 49 5.01 52.15 -18.82
C ASP C 49 3.50 52.30 -18.95
N ILE C 50 3.00 53.47 -18.57
CA ILE C 50 1.56 53.71 -18.62
C ILE C 50 1.06 53.72 -20.06
N ILE C 51 1.94 53.96 -21.03
CA ILE C 51 1.54 53.87 -22.43
C ILE C 51 1.37 52.41 -22.85
N LYS C 52 2.29 51.54 -22.43
CA LYS C 52 2.20 50.13 -22.82
C LYS C 52 1.04 49.43 -22.13
N ASN C 53 0.90 49.64 -20.82
CA ASN C 53 -0.17 49.04 -20.02
C ASN C 53 -0.94 50.14 -19.33
N PRO C 54 -1.96 50.72 -19.99
CA PRO C 54 -2.77 51.77 -19.34
C PRO C 54 -3.68 51.25 -18.24
N TYR C 55 -3.66 49.95 -17.93
CA TYR C 55 -4.55 49.36 -16.94
C TYR C 55 -3.74 48.62 -15.88
N PRO C 56 -3.00 49.34 -15.04
CA PRO C 56 -2.30 48.68 -13.94
C PRO C 56 -3.24 48.40 -12.78
N ARG C 57 -2.93 47.34 -12.05
CA ARG C 57 -3.75 46.92 -10.90
C ARG C 57 -2.86 46.89 -9.66
N ILE C 58 -3.03 47.90 -8.81
CA ILE C 58 -2.25 48.03 -7.57
C ILE C 58 -3.15 47.64 -6.41
N LEU C 59 -2.64 46.78 -5.53
CA LEU C 59 -3.42 46.20 -4.45
C LEU C 59 -2.75 46.42 -3.10
N ASP C 60 -3.57 46.74 -2.09
CA ASP C 60 -3.13 46.75 -0.70
C ASP C 60 -4.00 45.74 0.05
N ILE C 61 -3.37 44.65 0.49
CA ILE C 61 -4.10 43.56 1.13
C ILE C 61 -4.49 43.90 2.56
N SER C 62 -3.84 44.90 3.16
CA SER C 62 -4.13 45.36 4.51
C SER C 62 -4.22 46.89 4.54
N CYS C 63 -5.05 47.44 3.64
CA CYS C 63 -5.01 48.87 3.34
C CYS C 63 -5.33 49.74 4.56
N GLY C 64 -6.23 49.29 5.43
CA GLY C 64 -6.62 50.14 6.55
C GLY C 64 -7.35 51.38 6.06
N CYS C 65 -6.98 52.54 6.62
CA CYS C 65 -7.58 53.80 6.20
C CYS C 65 -7.08 54.28 4.85
N GLY C 66 -6.05 53.65 4.29
CA GLY C 66 -5.57 54.02 2.98
C GLY C 66 -4.26 54.79 3.00
N ASN C 67 -3.34 54.41 3.89
CA ASN C 67 -2.04 55.07 3.94
C ASN C 67 -1.32 54.94 2.60
N PHE C 68 -1.25 53.72 2.06
CA PHE C 68 -0.55 53.51 0.81
C PHE C 68 -1.42 53.83 -0.40
N LEU C 69 -2.70 53.46 -0.35
CA LEU C 69 -3.55 53.58 -1.54
C LEU C 69 -3.79 55.03 -1.93
N LEU C 70 -3.93 55.92 -0.94
CA LEU C 70 -4.10 57.34 -1.27
C LEU C 70 -2.86 57.88 -1.97
N GLU C 71 -1.67 57.46 -1.54
CA GLU C 71 -0.46 57.85 -2.24
C GLU C 71 -0.37 57.22 -3.62
N VAL C 72 -0.87 55.99 -3.78
CA VAL C 72 -0.94 55.37 -5.10
C VAL C 72 -1.85 56.19 -6.01
N TYR C 73 -2.96 56.69 -5.46
CA TYR C 73 -3.88 57.51 -6.25
C TYR C 73 -3.21 58.77 -6.76
N ASP C 74 -2.45 59.45 -5.90
CA ASP C 74 -1.76 60.67 -6.31
C ASP C 74 -0.72 60.40 -7.39
N ILE C 75 0.05 59.32 -7.24
CA ILE C 75 1.08 59.00 -8.22
C ILE C 75 0.46 58.63 -9.56
N LEU C 76 -0.62 57.85 -9.53
CA LEU C 76 -1.30 57.47 -10.77
C LEU C 76 -1.90 58.68 -11.48
N TYR C 77 -2.49 59.60 -10.71
CA TYR C 77 -3.11 60.78 -11.31
C TYR C 77 -2.08 61.61 -12.06
N ASP C 78 -0.91 61.84 -11.45
CA ASP C 78 0.14 62.59 -12.13
C ASP C 78 0.66 61.83 -13.35
N LEU C 79 0.77 60.51 -13.24
CA LEU C 79 1.27 59.71 -14.36
C LEU C 79 0.31 59.75 -15.54
N PHE C 80 -0.99 59.63 -15.28
CA PHE C 80 -1.98 59.69 -16.36
C PHE C 80 -2.04 61.08 -16.97
N GLU C 81 -2.01 62.13 -16.15
CA GLU C 81 -2.07 63.49 -16.66
C GLU C 81 -0.86 63.81 -17.53
N GLU C 82 0.32 63.32 -17.13
CA GLU C 82 1.55 63.63 -17.86
C GLU C 82 1.57 63.00 -19.25
N ASN C 83 0.83 61.90 -19.45
CA ASN C 83 0.83 61.18 -20.72
C ASN C 83 -0.55 61.22 -21.38
N ILE C 84 -1.31 62.31 -21.15
CA ILE C 84 -2.68 62.35 -21.64
C ILE C 84 -2.72 62.45 -23.17
N TYR C 85 -1.77 63.17 -23.77
CA TYR C 85 -1.80 63.35 -25.21
C TYR C 85 -1.51 62.04 -25.95
N GLU C 86 -0.52 61.28 -25.48
CA GLU C 86 -0.25 59.98 -26.08
C GLU C 86 -1.38 58.99 -25.80
N LEU C 87 -2.09 59.17 -24.68
CA LEU C 87 -3.25 58.34 -24.39
C LEU C 87 -4.36 58.58 -25.41
N LYS C 88 -4.55 59.83 -25.82
CA LYS C 88 -5.57 60.16 -26.81
C LYS C 88 -5.16 59.79 -28.23
N LYS C 89 -3.86 59.59 -28.48
CA LYS C 89 -3.39 59.22 -29.81
C LYS C 89 -3.32 57.72 -29.99
N LYS C 90 -2.60 57.02 -29.10
CA LYS C 90 -2.47 55.58 -29.21
C LYS C 90 -3.79 54.88 -28.91
N TYR C 91 -4.43 55.24 -27.80
CA TYR C 91 -5.71 54.66 -27.41
C TYR C 91 -6.84 55.49 -27.99
N ASP C 92 -8.07 55.25 -27.52
CA ASP C 92 -9.22 56.01 -27.98
C ASP C 92 -9.06 57.49 -27.63
N GLU C 93 -9.31 58.36 -28.62
CA GLU C 93 -9.13 59.79 -28.40
C GLU C 93 -10.14 60.32 -27.38
N ASN C 94 -11.39 59.90 -27.47
CA ASN C 94 -12.44 60.47 -26.62
C ASN C 94 -12.31 60.00 -25.17
N TYR C 95 -12.09 58.70 -24.97
CA TYR C 95 -12.11 58.15 -23.61
C TYR C 95 -10.97 58.71 -22.77
N TRP C 96 -9.78 58.81 -23.34
CA TRP C 96 -8.60 59.28 -22.61
C TRP C 96 -8.69 60.79 -22.47
N THR C 97 -9.31 61.24 -21.38
CA THR C 97 -9.45 62.66 -21.09
C THR C 97 -9.11 62.92 -19.63
N VAL C 98 -8.70 64.16 -19.33
CA VAL C 98 -8.41 64.52 -17.95
C VAL C 98 -9.68 64.56 -17.12
N ASP C 99 -10.85 64.65 -17.75
CA ASP C 99 -12.11 64.67 -17.00
C ASP C 99 -12.47 63.29 -16.47
N ASN C 100 -12.03 62.22 -17.15
CA ASN C 100 -12.35 60.86 -16.75
C ASN C 100 -11.19 60.16 -16.03
N ILE C 101 -10.12 60.88 -15.72
CA ILE C 101 -8.98 60.26 -15.05
C ILE C 101 -9.37 59.77 -13.66
N HIS C 102 -10.16 60.58 -12.94
CA HIS C 102 -10.59 60.20 -11.59
C HIS C 102 -11.41 58.92 -11.60
N ARG C 103 -12.36 58.81 -12.54
CA ARG C 103 -13.18 57.61 -12.62
C ARG C 103 -12.36 56.41 -13.07
N HIS C 104 -11.37 56.62 -13.95
CA HIS C 104 -10.56 55.51 -14.44
C HIS C 104 -9.74 54.89 -13.33
N ILE C 105 -9.10 55.72 -12.49
CA ILE C 105 -8.28 55.19 -11.41
C ILE C 105 -9.12 54.42 -10.41
N LEU C 106 -10.27 54.98 -10.03
CA LEU C 106 -11.11 54.35 -9.01
C LEU C 106 -11.71 53.05 -9.51
N ASN C 107 -12.11 52.98 -10.77
CA ASN C 107 -12.84 51.83 -11.27
C ASN C 107 -11.94 50.68 -11.73
N TYR C 108 -10.73 50.98 -12.18
CA TYR C 108 -9.90 49.98 -12.85
C TYR C 108 -8.55 49.72 -12.20
N CYS C 109 -7.98 50.68 -11.47
CA CYS C 109 -6.57 50.60 -11.09
C CYS C 109 -6.32 50.30 -9.63
N ILE C 110 -7.14 50.81 -8.71
CA ILE C 110 -6.87 50.73 -7.28
C ILE C 110 -7.71 49.61 -6.66
N TYR C 111 -7.08 48.77 -5.86
CA TYR C 111 -7.73 47.69 -5.14
C TYR C 111 -7.25 47.68 -3.69
N GLY C 112 -8.16 47.45 -2.76
CA GLY C 112 -7.82 47.44 -1.35
C GLY C 112 -8.68 46.48 -0.57
N ALA C 113 -8.12 45.94 0.52
CA ALA C 113 -8.84 45.00 1.35
C ALA C 113 -8.43 45.20 2.81
N ASP C 114 -9.37 44.94 3.71
CA ASP C 114 -9.14 45.03 5.15
C ASP C 114 -10.35 44.47 5.88
N ILE C 115 -10.12 43.96 7.09
CA ILE C 115 -11.21 43.37 7.87
C ILE C 115 -12.02 44.41 8.63
N ASP C 116 -11.46 45.58 8.90
CA ASP C 116 -12.17 46.62 9.65
C ASP C 116 -13.10 47.37 8.71
N GLU C 117 -14.40 47.32 8.97
CA GLU C 117 -15.36 48.01 8.11
C GLU C 117 -15.27 49.52 8.27
N LYS C 118 -14.93 50.01 9.47
CA LYS C 118 -14.79 51.44 9.67
C LYS C 118 -13.66 52.01 8.83
N ALA C 119 -12.54 51.30 8.77
CA ALA C 119 -11.41 51.75 7.96
C ALA C 119 -11.75 51.74 6.47
N ILE C 120 -12.50 50.72 6.02
CA ILE C 120 -12.88 50.65 4.61
C ILE C 120 -13.79 51.81 4.23
N SER C 121 -14.72 52.17 5.13
CA SER C 121 -15.59 53.32 4.86
C SER C 121 -14.80 54.61 4.81
N ILE C 122 -13.81 54.77 5.70
CA ILE C 122 -12.99 55.98 5.70
C ILE C 122 -12.23 56.10 4.39
N LEU C 123 -11.63 55.00 3.93
CA LEU C 123 -10.90 55.03 2.66
C LEU C 123 -11.84 55.29 1.50
N LYS C 124 -13.04 54.71 1.53
CA LYS C 124 -14.01 54.96 0.47
C LYS C 124 -14.41 56.43 0.41
N ASP C 125 -14.64 57.05 1.57
CA ASP C 125 -14.96 58.47 1.60
C ASP C 125 -13.77 59.31 1.16
N SER C 126 -12.56 58.93 1.56
CA SER C 126 -11.37 59.68 1.18
C SER C 126 -11.13 59.59 -0.33
N LEU C 127 -11.34 58.41 -0.92
CA LEU C 127 -11.15 58.27 -2.36
C LEU C 127 -12.22 59.03 -3.14
N THR C 128 -13.46 59.04 -2.64
CA THR C 128 -14.51 59.81 -3.30
C THR C 128 -14.22 61.30 -3.27
N ASN C 129 -13.69 61.80 -2.14
CA ASN C 129 -13.39 63.23 -2.03
C ASN C 129 -12.19 63.61 -2.89
N LYS C 130 -11.14 62.78 -2.90
CA LYS C 130 -9.93 63.08 -3.65
C LYS C 130 -10.18 63.02 -5.15
N ILE C 141 -19.11 55.56 -10.52
CA ILE C 141 -17.80 54.97 -10.26
C ILE C 141 -17.88 53.99 -9.09
N LYS C 142 -17.35 52.79 -9.28
CA LYS C 142 -17.38 51.74 -8.28
C LYS C 142 -15.95 51.45 -7.85
N ILE C 143 -15.56 51.98 -6.69
CA ILE C 143 -14.24 51.71 -6.14
C ILE C 143 -14.13 50.23 -5.78
N ASN C 144 -12.93 49.69 -5.90
CA ASN C 144 -12.68 48.27 -5.66
C ASN C 144 -12.12 48.09 -4.24
N LEU C 145 -13.02 48.17 -3.27
CA LEU C 145 -12.68 47.96 -1.87
C LEU C 145 -13.45 46.74 -1.36
N PHE C 146 -12.75 45.86 -0.67
CA PHE C 146 -13.33 44.63 -0.14
C PHE C 146 -13.10 44.57 1.37
N CYS C 147 -14.18 44.37 2.12
CA CYS C 147 -14.10 44.18 3.57
C CYS C 147 -14.22 42.69 3.84
N CYS C 148 -13.09 42.06 4.19
CA CYS C 148 -13.03 40.61 4.31
C CYS C 148 -11.67 40.24 4.90
N ASP C 149 -11.55 38.95 5.24
CA ASP C 149 -10.26 38.38 5.63
C ASP C 149 -9.45 38.17 4.36
N SER C 150 -8.37 38.93 4.21
CA SER C 150 -7.60 38.90 2.98
C SER C 150 -6.92 37.57 2.75
N LEU C 151 -6.64 36.82 3.83
CA LEU C 151 -6.08 35.49 3.69
C LEU C 151 -7.10 34.45 3.25
N LYS C 152 -8.38 34.82 3.18
CA LYS C 152 -9.45 33.92 2.75
C LYS C 152 -10.13 34.34 1.47
N LYS C 153 -10.04 35.62 1.08
CA LYS C 153 -10.76 36.12 -0.08
C LYS C 153 -10.22 35.48 -1.34
N LYS C 154 -11.01 34.61 -1.96
CA LYS C 154 -10.62 34.00 -3.23
C LYS C 154 -10.48 35.07 -4.29
N TRP C 155 -9.26 35.23 -4.81
CA TRP C 155 -8.97 36.28 -5.78
C TRP C 155 -9.13 35.75 -7.19
N ARG C 156 -9.92 36.46 -7.99
CA ARG C 156 -10.23 36.02 -9.34
C ARG C 156 -9.21 36.49 -10.38
N TYR C 157 -8.38 37.48 -10.05
CA TYR C 157 -7.36 37.94 -10.99
C TYR C 157 -6.13 38.41 -10.22
N LYS C 158 -4.96 38.19 -10.80
CA LYS C 158 -3.69 38.58 -10.20
C LYS C 158 -3.45 40.08 -10.42
N PHE C 159 -2.40 40.60 -9.77
CA PHE C 159 -2.17 42.03 -9.69
C PHE C 159 -0.77 42.39 -10.15
N ASP C 160 -0.66 43.55 -10.79
CA ASP C 160 0.63 44.04 -11.27
C ASP C 160 1.52 44.49 -10.12
N TYR C 161 0.95 45.19 -9.13
CA TYR C 161 1.73 45.74 -8.04
C TYR C 161 0.98 45.54 -6.74
N ILE C 162 1.72 45.18 -5.68
CA ILE C 162 1.17 45.02 -4.35
C ILE C 162 2.03 45.80 -3.37
N VAL C 163 1.40 46.64 -2.55
CA VAL C 163 2.07 47.44 -1.54
C VAL C 163 1.29 47.32 -0.23
N GLY C 164 1.94 47.69 0.87
CA GLY C 164 1.23 47.84 2.11
C GLY C 164 2.02 47.39 3.31
N ASN C 165 1.35 47.41 4.46
CA ASN C 165 1.95 47.12 5.76
C ASN C 165 1.03 46.14 6.48
N PRO C 166 1.35 44.85 6.46
CA PRO C 166 0.43 43.82 6.99
C PRO C 166 0.36 43.86 8.50
N PRO C 167 -0.60 43.16 9.10
CA PRO C 167 -0.62 43.07 10.57
C PRO C 167 0.41 42.06 11.08
N TYR C 168 1.02 42.38 12.22
CA TYR C 168 1.98 41.51 12.88
C TYR C 168 1.34 40.95 14.14
N ILE C 169 1.04 39.65 14.14
CA ILE C 169 0.47 38.98 15.31
C ILE C 169 1.25 37.70 15.56
N GLY C 170 1.89 37.61 16.72
CA GLY C 170 2.68 36.46 17.08
C GLY C 170 1.84 35.33 17.66
N HIS C 171 2.54 34.29 18.12
CA HIS C 171 1.87 33.06 18.55
C HIS C 171 1.09 33.26 19.84
N LYS C 172 1.50 34.21 20.70
CA LYS C 172 0.76 34.43 21.94
C LYS C 172 -0.57 35.14 21.69
N LYS C 173 -0.57 36.15 20.82
CA LYS C 173 -1.70 37.06 20.66
C LYS C 173 -2.64 36.67 19.54
N LEU C 174 -2.38 35.56 18.84
CA LEU C 174 -3.23 35.11 17.75
C LEU C 174 -4.24 34.09 18.28
N GLU C 175 -5.51 34.28 17.92
CA GLU C 175 -6.58 33.43 18.41
C GLU C 175 -6.33 31.97 18.03
N LYS C 176 -6.50 31.06 18.99
CA LYS C 176 -6.14 29.66 18.77
C LYS C 176 -6.98 29.03 17.67
N LYS C 177 -8.26 29.40 17.55
CA LYS C 177 -9.09 28.85 16.50
C LYS C 177 -8.58 29.26 15.11
N TYR C 178 -8.13 30.51 14.97
CA TYR C 178 -7.66 30.99 13.68
C TYR C 178 -6.35 30.31 13.26
N LYS C 179 -5.54 29.88 14.23
CA LYS C 179 -4.27 29.22 13.90
C LYS C 179 -4.50 27.89 13.21
N LYS C 180 -5.59 27.19 13.52
CA LYS C 180 -5.87 25.91 12.88
C LYS C 180 -6.08 26.10 11.38
N PHE C 181 -6.76 27.19 11.00
CA PHE C 181 -6.87 27.52 9.58
C PHE C 181 -5.50 27.85 8.98
N LEU C 182 -4.68 28.62 9.70
CA LEU C 182 -3.35 28.95 9.20
C LEU C 182 -2.48 27.71 9.07
N LEU C 183 -2.55 26.80 10.06
CA LEU C 183 -1.76 25.58 10.01
C LEU C 183 -2.18 24.66 8.88
N GLU C 184 -3.40 24.81 8.35
CA GLU C 184 -3.89 23.97 7.28
C GLU C 184 -3.55 24.54 5.90
N LYS C 185 -3.96 25.77 5.63
CA LYS C 185 -3.82 26.36 4.30
C LYS C 185 -2.50 27.09 4.10
N TYR C 186 -1.83 27.51 5.16
CA TYR C 186 -0.60 28.28 5.06
C TYR C 186 0.59 27.54 5.66
N SER C 187 0.54 26.21 5.65
CA SER C 187 1.60 25.41 6.25
C SER C 187 2.94 25.59 5.57
N GLU C 188 2.95 26.07 4.33
CA GLU C 188 4.23 26.27 3.63
C GLU C 188 5.11 27.29 4.33
N VAL C 189 4.52 28.26 5.03
CA VAL C 189 5.28 29.30 5.71
C VAL C 189 4.94 29.43 7.19
N TYR C 190 3.84 28.86 7.66
CA TYR C 190 3.35 29.06 9.01
C TYR C 190 3.36 27.73 9.76
N LYS C 191 4.24 27.62 10.76
CA LYS C 191 4.27 26.53 11.71
C LYS C 191 4.73 27.07 13.06
N ASP C 192 4.42 26.31 14.12
CA ASP C 192 4.99 26.55 15.44
C ASP C 192 4.83 27.99 15.89
N LYS C 193 5.95 28.66 16.19
CA LYS C 193 5.94 30.01 16.71
C LYS C 193 6.01 31.07 15.62
N ALA C 194 5.55 30.75 14.41
CA ALA C 194 5.57 31.71 13.31
C ALA C 194 4.57 32.84 13.57
N ASP C 195 4.69 33.88 12.75
CA ASP C 195 3.87 35.08 12.88
C ASP C 195 2.88 35.18 11.73
N LEU C 196 1.81 35.95 11.96
CA LEU C 196 0.77 36.10 10.95
C LEU C 196 1.30 36.74 9.67
N TYR C 197 2.24 37.70 9.80
CA TYR C 197 2.73 38.37 8.60
C TYR C 197 3.52 37.43 7.69
N PHE C 198 3.91 36.26 8.19
CA PHE C 198 4.47 35.24 7.30
C PHE C 198 3.45 34.86 6.22
N CYS C 199 2.19 34.70 6.63
CA CYS C 199 1.15 34.29 5.69
C CYS C 199 0.82 35.39 4.70
N PHE C 200 0.89 36.66 5.12
CA PHE C 200 0.64 37.76 4.20
C PHE C 200 1.70 37.81 3.11
N TYR C 201 2.95 37.51 3.45
CA TYR C 201 3.98 37.35 2.43
C TYR C 201 3.57 36.30 1.40
N LYS C 202 3.09 35.14 1.88
CA LYS C 202 2.71 34.07 0.96
C LYS C 202 1.53 34.48 0.08
N LYS C 203 0.51 35.11 0.67
CA LYS C 203 -0.64 35.53 -0.12
C LYS C 203 -0.25 36.57 -1.17
N ILE C 204 0.61 37.52 -0.79
CA ILE C 204 1.04 38.56 -1.73
C ILE C 204 1.83 37.94 -2.88
N ILE C 205 2.74 37.02 -2.58
CA ILE C 205 3.52 36.35 -3.62
C ILE C 205 2.60 35.57 -4.55
N ASP C 206 1.63 34.84 -3.98
CA ASP C 206 0.78 33.95 -4.78
C ASP C 206 -0.10 34.73 -5.77
N ILE C 207 -0.68 35.84 -5.34
CA ILE C 207 -1.60 36.61 -6.16
C ILE C 207 -0.89 37.73 -6.92
N LEU C 208 0.43 37.72 -6.95
CA LEU C 208 1.19 38.68 -7.75
C LEU C 208 1.28 38.19 -9.19
N LYS C 209 0.89 39.04 -10.14
CA LYS C 209 0.93 38.66 -11.55
C LYS C 209 2.37 38.49 -12.02
N GLN C 210 2.53 37.71 -13.09
CA GLN C 210 3.87 37.44 -13.61
C GLN C 210 4.49 38.72 -14.15
N GLY C 211 5.72 39.00 -13.72
CA GLY C 211 6.38 40.25 -14.05
C GLY C 211 6.04 41.42 -13.16
N GLY C 212 5.19 41.22 -12.15
CA GLY C 212 4.80 42.27 -11.26
C GLY C 212 5.82 42.53 -10.16
N ILE C 213 5.56 43.57 -9.38
CA ILE C 213 6.47 44.02 -8.33
C ILE C 213 5.69 44.14 -7.02
N GLY C 214 6.29 43.63 -5.94
CA GLY C 214 5.73 43.79 -4.60
C GLY C 214 6.72 44.49 -3.70
N SER C 215 6.18 45.29 -2.77
CA SER C 215 7.01 46.04 -1.83
C SER C 215 6.22 46.24 -0.54
N VAL C 216 6.77 45.75 0.58
CA VAL C 216 6.10 45.79 1.87
C VAL C 216 7.08 46.20 2.95
N ILE C 217 6.54 46.66 4.08
CA ILE C 217 7.29 46.85 5.32
C ILE C 217 6.73 45.87 6.35
N THR C 218 7.61 45.05 6.92
CA THR C 218 7.25 44.02 7.89
C THR C 218 8.29 44.01 9.00
N PRO C 219 8.11 43.21 10.06
CA PRO C 219 9.21 43.05 11.02
C PRO C 219 10.43 42.42 10.35
N ARG C 220 11.60 42.79 10.84
CA ARG C 220 12.85 42.27 10.29
C ARG C 220 13.19 40.87 10.80
N TYR C 221 12.45 40.34 11.77
CA TYR C 221 12.91 39.18 12.52
C TYR C 221 12.98 37.92 11.67
N PHE C 222 12.12 37.80 10.65
CA PHE C 222 12.12 36.59 9.82
C PHE C 222 13.42 36.41 9.04
N LEU C 223 14.22 37.47 8.91
CA LEU C 223 15.48 37.37 8.19
C LEU C 223 16.46 36.43 8.89
N GLU C 224 16.39 36.34 10.22
CA GLU C 224 17.31 35.53 10.99
C GLU C 224 16.65 34.44 11.83
N SER C 225 15.36 34.58 12.15
CA SER C 225 14.74 33.73 13.16
C SER C 225 14.57 32.30 12.66
N LEU C 226 14.51 31.39 13.62
CA LEU C 226 14.27 29.98 13.31
C LEU C 226 12.88 29.79 12.72
N SER C 227 11.89 30.54 13.20
CA SER C 227 10.53 30.40 12.71
C SER C 227 10.37 30.83 11.27
N GLY C 228 11.26 31.71 10.78
CA GLY C 228 11.19 32.21 9.44
C GLY C 228 11.90 31.39 8.39
N LYS C 229 12.42 30.21 8.74
CA LYS C 229 13.18 29.43 7.79
C LYS C 229 12.34 29.04 6.58
N ASP C 230 11.11 28.60 6.82
CA ASP C 230 10.23 28.22 5.71
C ASP C 230 9.83 29.43 4.88
N LEU C 231 9.59 30.57 5.53
CA LEU C 231 9.24 31.78 4.79
C LEU C 231 10.37 32.21 3.87
N ARG C 232 11.61 32.20 4.38
CA ARG C 232 12.75 32.60 3.55
C ARG C 232 12.89 31.69 2.33
N GLU C 233 12.69 30.39 2.53
CA GLU C 233 12.74 29.47 1.40
C GLU C 233 11.64 29.76 0.38
N TYR C 234 10.42 30.05 0.87
CA TYR C 234 9.31 30.35 -0.03
C TYR C 234 9.60 31.62 -0.83
N ILE C 235 10.12 32.66 -0.15
CA ILE C 235 10.47 33.90 -0.83
C ILE C 235 11.60 33.65 -1.83
N LYS C 236 12.61 32.89 -1.42
CA LYS C 236 13.80 32.69 -2.24
C LYS C 236 13.44 31.96 -3.55
N SER C 237 12.49 31.03 -3.50
CA SER C 237 12.21 30.18 -4.63
C SER C 237 11.15 30.73 -5.58
N ASN C 238 10.37 31.73 -5.16
CA ASN C 238 9.22 32.14 -5.94
C ASN C 238 9.29 33.56 -6.49
N VAL C 239 10.15 34.43 -5.96
CA VAL C 239 10.31 35.78 -6.47
C VAL C 239 11.79 36.14 -6.51
N ASN C 240 12.12 37.11 -7.37
CA ASN C 240 13.43 37.75 -7.36
C ASN C 240 13.39 38.89 -6.34
N VAL C 241 14.28 38.84 -5.37
CA VAL C 241 14.35 39.88 -4.34
C VAL C 241 15.22 41.01 -4.86
N GLN C 242 14.60 42.16 -5.13
CA GLN C 242 15.35 43.30 -5.65
C GLN C 242 16.19 43.95 -4.56
N GLU C 243 15.60 44.17 -3.39
CA GLU C 243 16.23 45.05 -2.41
C GLU C 243 15.69 44.75 -1.02
N ILE C 244 16.57 44.83 -0.02
CA ILE C 244 16.20 44.73 1.38
C ILE C 244 16.73 45.97 2.09
N VAL C 245 15.85 46.70 2.77
CA VAL C 245 16.24 47.81 3.62
C VAL C 245 16.06 47.35 5.07
N ASP C 246 17.16 47.20 5.79
CA ASP C 246 17.14 46.72 7.16
C ASP C 246 17.43 47.88 8.09
N PHE C 247 16.45 48.21 8.94
CA PHE C 247 16.60 49.28 9.91
C PHE C 247 17.17 48.80 11.24
N LEU C 248 17.47 47.51 11.37
CA LEU C 248 18.00 46.90 12.59
C LEU C 248 17.10 47.33 13.76
N GLY C 249 17.65 47.79 14.88
CA GLY C 249 16.85 48.11 16.04
C GLY C 249 16.27 49.51 16.07
N ALA C 250 16.30 50.23 14.96
CA ALA C 250 15.77 51.58 14.92
C ALA C 250 14.26 51.58 15.14
N ASN C 251 13.75 52.72 15.61
CA ASN C 251 12.34 52.88 15.94
C ASN C 251 11.66 53.61 14.79
N ILE C 252 11.03 52.85 13.90
CA ILE C 252 10.32 53.43 12.76
C ILE C 252 8.90 53.83 13.15
N PHE C 253 8.23 53.02 13.96
CA PHE C 253 6.88 53.32 14.42
C PHE C 253 6.94 53.88 15.84
N LYS C 254 6.46 55.10 16.00
CA LYS C 254 6.53 55.77 17.30
C LYS C 254 5.72 55.02 18.34
N ASN C 255 6.31 54.83 19.52
CA ASN C 255 5.68 54.16 20.66
C ASN C 255 5.31 52.71 20.37
N ILE C 256 5.93 52.10 19.35
CA ILE C 256 5.71 50.70 19.02
C ILE C 256 7.04 49.98 19.16
N GLY C 257 7.02 48.89 19.94
CA GLY C 257 8.24 48.12 20.16
C GLY C 257 8.49 47.06 19.11
N VAL C 258 8.74 47.49 17.87
CA VAL C 258 9.01 46.58 16.77
C VAL C 258 10.18 47.12 15.97
N SER C 259 10.92 46.22 15.33
CA SER C 259 12.00 46.56 14.41
C SER C 259 11.61 46.14 13.01
N SER C 260 11.95 46.98 12.03
CA SER C 260 11.31 46.95 10.72
C SER C 260 12.31 46.71 9.59
N CYS C 261 11.77 46.25 8.47
CA CYS C 261 12.51 46.15 7.22
C CYS C 261 11.56 46.33 6.05
N ILE C 262 12.13 46.65 4.90
CA ILE C 262 11.38 46.86 3.67
C ILE C 262 11.88 45.89 2.62
N LEU C 263 10.96 45.12 2.03
CA LEU C 263 11.28 44.11 1.04
C LEU C 263 10.65 44.48 -0.30
N THR C 264 11.47 44.51 -1.34
CA THR C 264 11.00 44.74 -2.70
C THR C 264 11.41 43.56 -3.57
N PHE C 265 10.44 42.99 -4.29
CA PHE C 265 10.65 41.75 -5.01
C PHE C 265 9.78 41.74 -6.26
N ASP C 266 10.14 40.87 -7.20
CA ASP C 266 9.43 40.81 -8.47
C ASP C 266 9.37 39.38 -8.97
N LYS C 267 8.46 39.15 -9.90
CA LYS C 267 8.37 37.90 -10.66
C LYS C 267 8.77 38.12 -12.12
N LYS C 268 9.75 38.98 -12.34
CA LYS C 268 10.19 39.31 -13.69
C LYS C 268 11.18 38.26 -14.19
N LYS C 269 11.59 38.38 -15.45
CA LYS C 269 12.62 37.51 -16.01
C LYS C 269 13.90 37.64 -15.19
N THR C 270 14.45 36.50 -14.77
CA THR C 270 15.59 36.51 -13.87
C THR C 270 16.82 37.06 -14.58
N LYS C 271 17.57 37.90 -13.85
CA LYS C 271 18.72 38.60 -14.40
C LYS C 271 19.90 38.29 -13.48
N GLU C 272 20.97 39.09 -13.58
CA GLU C 272 22.11 38.92 -12.68
C GLU C 272 21.71 38.88 -11.20
N THR C 273 20.49 39.32 -10.88
CA THR C 273 19.83 39.10 -9.58
C THR C 273 20.77 39.30 -8.38
N TYR C 274 21.49 40.41 -8.40
CA TYR C 274 22.18 40.86 -7.20
C TYR C 274 21.20 41.63 -6.33
N ILE C 275 20.97 41.13 -5.12
CA ILE C 275 20.09 41.81 -4.18
C ILE C 275 20.83 43.01 -3.59
N ASP C 276 20.18 44.17 -3.64
CA ASP C 276 20.71 45.37 -3.01
C ASP C 276 20.28 45.38 -1.55
N VAL C 277 21.25 45.34 -0.64
CA VAL C 277 20.97 45.29 0.79
C VAL C 277 21.45 46.59 1.42
N PHE C 278 20.54 47.27 2.12
CA PHE C 278 20.84 48.49 2.87
C PHE C 278 20.67 48.18 4.36
N LYS C 279 21.76 48.21 5.11
CA LYS C 279 21.74 48.05 6.56
C LYS C 279 22.09 49.37 7.22
N ILE C 280 21.24 49.81 8.14
CA ILE C 280 21.49 51.06 8.84
C ILE C 280 22.74 50.89 9.70
N LYS C 281 23.52 51.97 9.79
CA LYS C 281 24.74 51.94 10.58
C LYS C 281 24.59 52.58 11.95
N ASN C 282 23.56 53.39 12.15
CA ASN C 282 23.29 54.03 13.44
C ASN C 282 21.81 53.83 13.77
N GLU C 283 21.53 53.01 14.77
CA GLU C 283 20.16 52.71 15.13
C GLU C 283 19.43 53.89 15.78
N ASP C 284 20.14 54.95 16.13
CA ASP C 284 19.58 56.06 16.88
C ASP C 284 18.83 57.08 16.02
N ILE C 285 18.83 56.92 14.69
CA ILE C 285 18.26 57.94 13.83
C ILE C 285 16.75 58.03 14.04
N CYS C 286 16.23 59.25 13.90
CA CYS C 286 14.79 59.50 13.96
C CYS C 286 14.26 59.61 12.54
N ILE C 287 13.23 58.82 12.22
CA ILE C 287 12.78 58.71 10.84
C ILE C 287 12.11 60.00 10.37
N ASN C 288 11.39 60.69 11.26
CA ASN C 288 10.60 61.84 10.87
C ASN C 288 11.44 63.09 10.60
N LYS C 289 12.76 63.01 10.71
CA LYS C 289 13.63 64.15 10.52
C LYS C 289 14.26 64.21 9.13
N PHE C 290 13.82 63.37 8.21
CA PHE C 290 14.39 63.31 6.87
C PHE C 290 13.31 63.50 5.81
N GLU C 291 13.63 64.29 4.78
CA GLU C 291 12.65 64.63 3.76
C GLU C 291 12.28 63.42 2.91
N THR C 292 13.24 62.56 2.61
CA THR C 292 13.01 61.35 1.84
C THR C 292 13.80 60.21 2.45
N LEU C 293 13.39 58.98 2.10
CA LEU C 293 14.16 57.81 2.53
C LEU C 293 15.45 57.66 1.73
N GLU C 294 15.43 58.07 0.45
CA GLU C 294 16.64 58.00 -0.37
C GLU C 294 17.77 58.82 0.22
N GLU C 295 17.45 59.96 0.85
CA GLU C 295 18.47 60.76 1.51
C GLU C 295 19.22 59.94 2.56
N LEU C 296 18.49 59.11 3.32
CA LEU C 296 19.14 58.21 4.27
C LEU C 296 19.95 57.14 3.56
N LEU C 297 19.35 56.46 2.58
CA LEU C 297 19.99 55.31 1.96
C LEU C 297 21.25 55.70 1.19
N LYS C 298 21.27 56.87 0.56
CA LYS C 298 22.40 57.34 -0.23
C LYS C 298 23.39 58.16 0.59
N SER C 299 23.52 57.88 1.88
CA SER C 299 24.35 58.66 2.78
C SER C 299 25.22 57.73 3.61
N SER C 300 26.06 58.33 4.47
CA SER C 300 26.91 57.59 5.38
C SER C 300 26.12 56.81 6.41
N LYS C 301 24.83 57.13 6.60
CA LYS C 301 24.01 56.48 7.62
C LYS C 301 23.65 55.05 7.26
N PHE C 302 23.87 54.62 6.02
CA PHE C 302 23.50 53.28 5.58
C PHE C 302 24.66 52.63 4.84
N GLU C 303 24.94 51.38 5.17
CA GLU C 303 25.88 50.58 4.39
C GLU C 303 25.13 49.81 3.32
N HIS C 304 25.71 49.76 2.12
CA HIS C 304 25.14 49.00 1.02
C HIS C 304 26.11 47.92 0.57
N PHE C 305 25.57 46.77 0.19
CA PHE C 305 26.35 45.71 -0.43
C PHE C 305 25.42 44.78 -1.20
N ASN C 306 26.00 43.99 -2.08
CA ASN C 306 25.26 43.09 -2.96
C ASN C 306 25.27 41.67 -2.41
N ILE C 307 24.16 40.97 -2.57
CA ILE C 307 24.03 39.57 -2.20
C ILE C 307 23.52 38.80 -3.40
N ASN C 308 24.18 37.69 -3.72
CA ASN C 308 23.71 36.81 -4.78
C ASN C 308 22.60 35.92 -4.24
N GLN C 309 21.40 36.09 -4.78
CA GLN C 309 20.25 35.32 -4.29
C GLN C 309 20.42 33.83 -4.52
N ARG C 310 21.09 33.44 -5.61
CA ARG C 310 21.32 32.02 -5.88
C ARG C 310 22.22 31.37 -4.85
N LEU C 311 23.03 32.15 -4.14
CA LEU C 311 23.98 31.62 -3.16
C LEU C 311 23.41 31.59 -1.74
N LEU C 312 22.16 32.01 -1.55
CA LEU C 312 21.55 31.91 -0.23
C LEU C 312 21.31 30.46 0.15
N SER C 313 21.60 30.13 1.41
CA SER C 313 21.25 28.84 1.98
C SER C 313 19.88 28.97 2.66
N ASP C 314 19.54 27.99 3.50
CA ASP C 314 18.34 28.12 4.32
C ASP C 314 18.44 29.32 5.26
N GLU C 315 19.65 29.73 5.62
CA GLU C 315 19.90 30.92 6.41
C GLU C 315 20.49 32.01 5.52
N TRP C 316 20.04 33.25 5.72
CA TRP C 316 20.44 34.39 4.89
C TRP C 316 21.51 35.18 5.63
N ILE C 317 22.77 35.03 5.20
CA ILE C 317 23.88 35.75 5.80
C ILE C 317 24.06 37.01 4.97
N LEU C 318 23.41 38.10 5.41
CA LEU C 318 23.43 39.38 4.70
C LEU C 318 24.54 40.23 5.32
N VAL C 319 25.77 40.04 4.85
CA VAL C 319 26.92 40.77 5.35
C VAL C 319 27.80 41.15 4.16
N ASN C 320 28.77 42.04 4.42
CA ASN C 320 29.70 42.43 3.38
C ASN C 320 30.73 41.34 3.16
N LYS C 321 31.66 41.57 2.21
CA LYS C 321 32.64 40.56 1.87
C LYS C 321 33.59 40.28 3.04
N ASP C 322 33.96 41.32 3.78
CA ASP C 322 34.90 41.14 4.89
C ASP C 322 34.30 40.27 5.98
N ASP C 323 33.05 40.52 6.35
CA ASP C 323 32.39 39.69 7.37
C ASP C 323 32.21 38.26 6.89
N GLU C 324 31.88 38.08 5.61
CA GLU C 324 31.71 36.75 5.06
C GLU C 324 33.01 35.95 5.16
N THR C 325 34.13 36.57 4.80
CA THR C 325 35.42 35.90 4.92
C THR C 325 35.77 35.62 6.38
N PHE C 326 35.53 36.60 7.26
CA PHE C 326 35.77 36.42 8.68
C PHE C 326 34.94 35.27 9.24
N TYR C 327 33.65 35.26 8.91
CA TYR C 327 32.75 34.21 9.40
C TYR C 327 33.17 32.84 8.88
N ASN C 328 33.50 32.75 7.60
CA ASN C 328 33.83 31.44 7.01
C ASN C 328 35.14 30.90 7.54
N LYS C 329 36.11 31.79 7.82
CA LYS C 329 37.38 31.33 8.39
C LYS C 329 37.17 30.67 9.75
N ILE C 330 36.34 31.28 10.60
CA ILE C 330 36.06 30.70 11.91
C ILE C 330 35.31 29.39 11.78
N GLN C 331 34.32 29.34 10.89
CA GLN C 331 33.52 28.12 10.74
C GLN C 331 34.36 26.94 10.29
N GLU C 332 35.29 27.17 9.35
CA GLU C 332 36.13 26.09 8.85
C GLU C 332 37.18 25.67 9.89
N LYS C 333 37.74 26.64 10.61
CA LYS C 333 38.82 26.34 11.54
C LYS C 333 38.34 25.48 12.71
N CYS C 334 37.16 25.79 13.24
CA CYS C 334 36.67 25.13 14.45
C CYS C 334 36.13 23.73 14.13
N LYS C 335 36.51 22.76 14.97
CA LYS C 335 36.06 21.38 14.78
C LYS C 335 34.86 21.02 15.63
N TYR C 336 34.56 21.79 16.67
CA TYR C 336 33.45 21.52 17.58
C TYR C 336 32.42 22.64 17.51
N SER C 337 31.23 22.34 18.00
CA SER C 337 30.22 23.36 18.30
C SER C 337 29.83 23.22 19.77
N LEU C 338 29.19 24.26 20.29
CA LEU C 338 28.74 24.20 21.68
C LEU C 338 27.73 23.07 21.88
N GLU C 339 26.88 22.84 20.88
CA GLU C 339 25.93 21.74 20.95
C GLU C 339 26.63 20.40 21.10
N ASP C 340 27.80 20.24 20.48
CA ASP C 340 28.53 18.98 20.57
C ASP C 340 28.99 18.67 21.99
N ILE C 341 29.43 19.69 22.73
CA ILE C 341 30.15 19.48 23.98
C ILE C 341 29.33 19.81 25.22
N ALA C 342 28.15 20.42 25.09
CA ALA C 342 27.43 20.93 26.24
C ALA C 342 25.95 20.54 26.20
N ILE C 343 25.35 20.48 27.38
CA ILE C 343 23.92 20.28 27.55
C ILE C 343 23.29 21.64 27.84
N SER C 344 22.37 22.06 26.98
CA SER C 344 21.71 23.36 27.10
C SER C 344 20.32 23.20 27.68
N PHE C 345 19.87 24.20 28.44
CA PHE C 345 18.50 24.19 28.93
C PHE C 345 18.04 25.61 29.27
N GLN C 346 16.74 25.81 29.15
CA GLN C 346 16.05 27.05 29.51
C GLN C 346 15.74 27.06 31.01
N GLY C 347 15.57 28.26 31.55
CA GLY C 347 15.36 28.43 32.97
C GLY C 347 13.97 27.99 33.42
N ILE C 348 13.74 28.16 34.73
CA ILE C 348 12.43 27.87 35.30
C ILE C 348 11.38 28.79 34.70
N ILE C 349 10.22 28.23 34.40
CA ILE C 349 9.05 29.03 34.02
C ILE C 349 7.96 28.71 35.03
N THR C 350 7.83 29.58 36.04
CA THR C 350 6.87 29.33 37.11
C THR C 350 5.44 29.43 36.62
N GLY C 351 5.18 30.31 35.65
CA GLY C 351 3.84 30.63 35.21
C GLY C 351 3.23 31.82 35.92
N CYS C 352 3.73 32.16 37.12
CA CYS C 352 3.32 33.39 37.80
C CYS C 352 4.44 33.75 38.78
N ASP C 353 5.32 34.67 38.39
CA ASP C 353 6.49 34.95 39.21
C ASP C 353 6.10 35.57 40.56
N LYS C 354 5.06 36.42 40.57
CA LYS C 354 4.65 37.06 41.81
C LYS C 354 4.21 36.06 42.88
N ALA C 355 3.89 34.83 42.49
CA ALA C 355 3.48 33.81 43.44
C ALA C 355 4.66 33.04 44.04
N PHE C 356 5.81 33.00 43.37
CA PHE C 356 6.92 32.16 43.79
C PHE C 356 8.23 32.89 44.06
N ILE C 357 8.36 34.15 43.63
CA ILE C 357 9.62 34.89 43.73
C ILE C 357 9.48 35.97 44.79
N LEU C 358 10.42 36.00 45.74
CA LEU C 358 10.42 36.99 46.80
C LEU C 358 11.81 37.62 46.91
N SER C 359 11.82 38.90 47.29
CA SER C 359 13.08 39.55 47.65
C SER C 359 13.68 38.86 48.87
N LYS C 360 15.00 38.71 48.88
CA LYS C 360 15.63 37.97 49.96
C LYS C 360 15.50 38.67 51.31
N ASP C 361 15.11 39.94 51.33
CA ASP C 361 14.84 40.66 52.57
C ASP C 361 13.37 40.62 52.97
N ASP C 362 12.51 39.93 52.21
CA ASP C 362 11.09 39.87 52.53
C ASP C 362 10.87 39.03 53.78
N VAL C 363 10.07 39.55 54.72
CA VAL C 363 9.83 38.85 55.98
C VAL C 363 8.93 37.63 55.80
N LYS C 364 8.12 37.58 54.73
CA LYS C 364 7.32 36.40 54.46
C LYS C 364 8.19 35.18 54.17
N LEU C 365 9.48 35.38 53.89
CA LEU C 365 10.42 34.28 53.74
C LEU C 365 10.57 33.48 55.04
N ASN C 366 10.16 34.03 56.17
CA ASN C 366 10.21 33.30 57.43
C ASN C 366 9.18 32.18 57.48
N LEU C 367 8.19 32.20 56.59
CA LEU C 367 7.20 31.13 56.51
C LEU C 367 7.68 29.95 55.68
N VAL C 368 8.81 30.08 54.99
CA VAL C 368 9.29 29.07 54.06
C VAL C 368 10.54 28.42 54.64
N ASP C 369 10.50 27.10 54.78
CA ASP C 369 11.69 26.36 55.19
C ASP C 369 12.79 26.53 54.16
N ASP C 370 14.03 26.65 54.65
CA ASP C 370 15.15 26.96 53.77
C ASP C 370 15.39 25.90 52.70
N LYS C 371 14.93 24.66 52.92
CA LYS C 371 15.15 23.61 51.94
C LYS C 371 14.35 23.83 50.65
N PHE C 372 13.33 24.69 50.68
CA PHE C 372 12.53 25.01 49.52
C PHE C 372 13.05 26.22 48.74
N LEU C 373 14.02 26.94 49.28
CA LEU C 373 14.43 28.24 48.74
C LEU C 373 15.66 28.09 47.84
N LYS C 374 15.57 28.65 46.64
CA LYS C 374 16.66 28.68 45.68
C LYS C 374 17.04 30.12 45.40
N CYS C 375 18.32 30.34 45.09
CA CYS C 375 18.75 31.66 44.64
C CYS C 375 18.24 31.93 43.23
N TRP C 376 17.83 33.17 43.00
CA TRP C 376 17.10 33.56 41.80
C TRP C 376 17.76 34.80 41.20
N ILE C 377 18.36 34.66 40.02
CA ILE C 377 19.00 35.79 39.34
C ILE C 377 18.18 36.16 38.11
N LYS C 378 18.35 37.41 37.68
CA LYS C 378 17.76 37.93 36.46
C LYS C 378 18.86 38.15 35.42
N SER C 379 18.43 38.45 34.19
CA SER C 379 19.39 38.75 33.13
C SER C 379 20.25 39.96 33.50
N LYS C 380 19.74 40.83 34.36
CA LYS C 380 20.52 41.96 34.87
C LYS C 380 21.82 41.50 35.51
N ASN C 381 21.78 40.37 36.21
CA ASN C 381 22.87 39.95 37.08
C ASN C 381 24.05 39.33 36.33
N ILE C 382 23.89 38.99 35.05
CA ILE C 382 24.97 38.35 34.31
C ILE C 382 25.93 39.41 33.79
N ASN C 383 27.21 39.26 34.12
CA ASN C 383 28.29 40.00 33.50
C ASN C 383 29.18 39.03 32.74
N LYS C 384 30.21 39.56 32.09
CA LYS C 384 31.26 38.69 31.55
C LYS C 384 31.97 37.98 32.70
N TYR C 385 32.04 36.65 32.59
CA TYR C 385 32.78 35.73 33.46
C TYR C 385 32.17 35.46 34.83
N ILE C 386 31.24 36.28 35.33
CA ILE C 386 30.75 36.13 36.69
C ILE C 386 29.34 36.68 36.80
N VAL C 387 28.63 36.20 37.82
CA VAL C 387 27.24 36.57 38.09
C VAL C 387 27.18 37.40 39.35
N ASP C 388 26.37 38.46 39.34
CA ASP C 388 26.13 39.24 40.54
C ASP C 388 25.45 38.39 41.61
N LYS C 389 25.66 38.75 42.86
CA LYS C 389 24.96 38.09 43.96
C LYS C 389 23.45 38.24 43.79
N SER C 390 22.72 37.15 44.02
CA SER C 390 21.29 37.16 43.79
C SER C 390 20.56 37.99 44.86
N GLU C 391 19.53 38.72 44.42
CA GLU C 391 18.70 39.51 45.33
C GLU C 391 17.34 38.88 45.59
N TYR C 392 17.00 37.78 44.92
CA TYR C 392 15.68 37.17 45.02
C TYR C 392 15.82 35.71 45.42
N ARG C 393 14.71 35.15 45.88
CA ARG C 393 14.61 33.74 46.22
C ARG C 393 13.43 33.11 45.51
N LEU C 394 13.62 31.88 45.04
CA LEU C 394 12.55 31.10 44.41
C LEU C 394 12.05 30.05 45.39
N ILE C 395 10.72 29.97 45.53
CA ILE C 395 10.08 28.90 46.29
C ILE C 395 9.90 27.74 45.32
N TYR C 396 10.74 26.71 45.45
CA TYR C 396 10.63 25.54 44.59
C TYR C 396 9.50 24.67 45.12
N SER C 397 8.27 25.09 44.79
CA SER C 397 7.07 24.51 45.36
C SER C 397 6.81 23.07 44.94
N ASN C 398 7.51 22.57 43.93
CA ASN C 398 7.35 21.17 43.54
C ASN C 398 7.81 20.20 44.63
N ASP C 399 8.57 20.67 45.61
CA ASP C 399 9.05 19.82 46.68
C ASP C 399 8.13 19.80 47.90
N ILE C 400 6.96 20.44 47.79
CA ILE C 400 5.90 20.28 48.78
C ILE C 400 4.98 19.16 48.28
N ASP C 401 4.93 18.06 49.03
CA ASP C 401 4.29 16.84 48.53
C ASP C 401 2.78 17.04 48.32
N ASN C 402 2.11 17.65 49.28
CA ASN C 402 0.66 17.83 49.20
C ASN C 402 0.28 19.13 49.89
N GLU C 403 -1.02 19.43 49.89
CA GLU C 403 -1.49 20.72 50.37
C GLU C 403 -1.47 20.81 51.89
N ASN C 404 -1.57 19.68 52.59
CA ASN C 404 -1.79 19.68 54.03
C ASN C 404 -0.50 19.56 54.86
N THR C 405 0.65 19.40 54.22
CA THR C 405 1.90 19.31 54.99
C THR C 405 2.47 20.69 55.32
N ASN C 406 2.49 21.60 54.34
CA ASN C 406 3.05 22.93 54.51
C ASN C 406 2.01 23.99 54.15
N LYS C 407 0.81 23.87 54.72
CA LYS C 407 -0.33 24.67 54.29
C LYS C 407 -0.02 26.17 54.33
N ARG C 408 0.76 26.62 55.31
CA ARG C 408 0.94 28.05 55.51
C ARG C 408 1.66 28.70 54.33
N ILE C 409 2.59 28.00 53.68
CA ILE C 409 3.21 28.54 52.49
C ILE C 409 2.18 28.75 51.39
N LEU C 410 1.30 27.76 51.18
CA LEU C 410 0.29 27.87 50.15
C LEU C 410 -0.74 28.94 50.48
N ASP C 411 -1.10 29.08 51.75
CA ASP C 411 -2.15 30.02 52.12
C ASP C 411 -1.66 31.47 52.08
N GLU C 412 -0.43 31.71 52.52
CA GLU C 412 0.03 33.07 52.74
C GLU C 412 0.88 33.64 51.60
N ILE C 413 1.44 32.80 50.73
CA ILE C 413 2.29 33.32 49.67
C ILE C 413 1.77 32.90 48.30
N ILE C 414 1.77 31.60 48.04
CA ILE C 414 1.45 31.11 46.70
C ILE C 414 -0.03 31.31 46.39
N GLY C 415 -0.91 31.03 47.36
CA GLY C 415 -2.34 31.09 47.13
C GLY C 415 -2.90 32.48 46.92
N LEU C 416 -2.10 33.52 47.17
CA LEU C 416 -2.54 34.88 46.86
C LEU C 416 -2.84 35.04 45.37
N TYR C 417 -2.27 34.18 44.52
CA TYR C 417 -2.52 34.20 43.09
C TYR C 417 -3.15 32.89 42.61
N LYS C 418 -3.94 32.24 43.47
CA LYS C 418 -4.42 30.90 43.17
C LYS C 418 -5.29 30.88 41.91
N THR C 419 -6.14 31.90 41.75
CA THR C 419 -6.98 31.95 40.55
C THR C 419 -6.13 32.04 39.29
N LYS C 420 -5.08 32.88 39.32
CA LYS C 420 -4.18 32.98 38.18
C LYS C 420 -3.48 31.66 37.92
N LEU C 421 -3.02 31.00 38.98
CA LEU C 421 -2.31 29.73 38.83
C LEU C 421 -3.22 28.64 38.27
N GLU C 422 -4.48 28.61 38.70
CA GLU C 422 -5.41 27.60 38.21
C GLU C 422 -5.74 27.76 36.73
N ASN C 423 -5.47 28.93 36.15
CA ASN C 423 -5.76 29.15 34.74
C ASN C 423 -4.64 28.66 33.83
N ARG C 424 -3.52 28.23 34.37
CA ARG C 424 -2.44 27.70 33.54
C ARG C 424 -2.86 26.39 32.89
N ARG C 425 -2.33 26.16 31.68
CA ARG C 425 -2.83 25.06 30.85
C ARG C 425 -2.67 23.72 31.53
N GLU C 426 -1.50 23.47 32.13
CA GLU C 426 -1.25 22.18 32.77
C GLU C 426 -2.08 22.00 34.03
N CYS C 427 -2.53 23.09 34.66
CA CYS C 427 -3.46 22.97 35.77
C CYS C 427 -4.87 22.67 35.30
N LYS C 428 -5.29 23.26 34.17
CA LYS C 428 -6.62 22.99 33.65
C LYS C 428 -6.75 21.54 33.21
N SER C 429 -5.68 20.98 32.63
CA SER C 429 -5.69 19.57 32.22
C SER C 429 -5.49 18.62 33.40
N GLY C 430 -5.13 19.13 34.58
CA GLY C 430 -5.06 18.33 35.78
C GLY C 430 -3.74 17.60 36.01
N ILE C 431 -2.73 17.80 35.17
CA ILE C 431 -1.45 17.14 35.40
C ILE C 431 -0.53 17.95 36.29
N ARG C 432 -0.89 19.19 36.61
CA ARG C 432 -0.10 20.06 37.46
C ARG C 432 -0.99 20.59 38.58
N LYS C 433 -0.53 20.46 39.82
CA LYS C 433 -1.24 21.05 40.94
C LYS C 433 -1.17 22.58 40.86
N TRP C 434 -2.16 23.24 41.46
CA TRP C 434 -2.27 24.68 41.32
C TRP C 434 -1.06 25.41 41.92
N TYR C 435 -0.46 24.85 42.98
CA TYR C 435 0.64 25.50 43.67
C TYR C 435 2.01 25.11 43.11
N GLU C 436 2.07 24.19 42.16
CA GLU C 436 3.35 23.77 41.61
C GLU C 436 3.81 24.72 40.52
N LEU C 437 5.14 24.77 40.33
CA LEU C 437 5.71 25.52 39.22
C LEU C 437 5.25 24.93 37.90
N GLN C 438 4.97 25.79 36.92
CA GLN C 438 4.45 25.31 35.66
C GLN C 438 5.49 24.46 34.93
N TRP C 439 6.71 24.95 34.81
CA TRP C 439 7.82 24.20 34.23
C TRP C 439 9.00 24.28 35.19
N GLY C 440 9.07 23.32 36.12
CA GLY C 440 10.07 23.31 37.16
C GLY C 440 11.42 22.74 36.77
N ARG C 441 11.52 22.16 35.58
CA ARG C 441 12.78 21.64 35.02
C ARG C 441 13.33 20.57 35.96
N GLU C 442 14.66 20.47 36.05
CA GLU C 442 15.33 19.50 36.91
C GLU C 442 16.32 20.24 37.80
N LYS C 443 16.17 20.09 39.12
CA LYS C 443 17.08 20.78 40.04
C LYS C 443 18.52 20.37 39.84
N LEU C 444 18.76 19.11 39.47
CA LEU C 444 20.12 18.63 39.25
C LEU C 444 20.83 19.40 38.15
N PHE C 445 20.09 20.01 37.23
CA PHE C 445 20.74 20.80 36.18
C PHE C 445 21.21 22.15 36.71
N PHE C 446 20.44 22.78 37.59
CA PHE C 446 20.79 24.11 38.09
C PHE C 446 21.82 24.04 39.21
N GLU C 447 21.72 23.03 40.07
CA GLU C 447 22.53 22.95 41.29
C GLU C 447 23.86 22.25 40.99
N ARG C 448 24.66 22.93 40.17
CA ARG C 448 25.96 22.43 39.73
C ARG C 448 26.71 23.60 39.11
N LYS C 449 28.00 23.41 38.90
CA LYS C 449 28.80 24.38 38.17
C LYS C 449 28.34 24.42 36.72
N LYS C 450 28.12 25.62 36.19
CA LYS C 450 27.57 25.77 34.85
C LYS C 450 27.87 27.18 34.35
N ILE C 451 27.49 27.44 33.10
CA ILE C 451 27.65 28.74 32.45
C ILE C 451 26.26 29.30 32.17
N MET C 452 26.06 30.57 32.51
CA MET C 452 24.79 31.25 32.32
C MET C 452 25.00 32.51 31.50
N TYR C 453 24.00 32.86 30.68
CA TYR C 453 24.06 34.05 29.85
C TYR C 453 22.68 34.64 29.70
N PRO C 454 22.55 35.96 29.57
CA PRO C 454 21.23 36.56 29.41
C PRO C 454 20.61 36.23 28.06
N TYR C 455 19.28 36.14 28.05
CA TYR C 455 18.59 35.77 26.81
C TYR C 455 18.50 36.92 25.82
N LYS C 456 18.71 38.15 26.28
CA LYS C 456 18.71 39.32 25.43
C LYS C 456 19.78 40.27 25.93
N SER C 457 20.69 40.70 25.05
CA SER C 457 21.84 41.47 25.50
C SER C 457 22.40 42.28 24.34
N ASN C 458 23.22 43.27 24.69
CA ASN C 458 23.95 44.04 23.71
C ASN C 458 25.24 43.36 23.28
N GLU C 459 25.72 42.37 24.04
CA GLU C 459 27.04 41.81 23.82
C GLU C 459 27.10 40.43 24.44
N ASN C 460 28.17 39.70 24.11
CA ASN C 460 28.40 38.39 24.71
C ASN C 460 28.65 38.56 26.20
N ARG C 461 27.80 37.93 27.02
CA ARG C 461 27.95 37.94 28.48
C ARG C 461 27.76 36.50 28.95
N PHE C 462 28.86 35.75 28.98
CA PHE C 462 28.85 34.36 29.43
C PHE C 462 29.60 34.27 30.75
N ALA C 463 28.92 33.79 31.79
CA ALA C 463 29.45 33.79 33.14
C ALA C 463 29.45 32.38 33.71
N ILE C 464 30.45 32.09 34.52
CA ILE C 464 30.47 30.86 35.31
C ILE C 464 29.67 31.09 36.57
N ASP C 465 28.71 30.21 36.83
CA ASP C 465 27.91 30.26 38.05
C ASP C 465 28.48 29.27 39.06
N TYR C 466 28.89 29.77 40.22
CA TYR C 466 29.41 28.95 41.30
C TYR C 466 28.42 28.74 42.44
N ASP C 467 27.24 29.34 42.37
CA ASP C 467 26.36 29.47 43.53
C ASP C 467 25.03 28.74 43.35
N ASN C 468 24.93 27.82 42.40
CA ASN C 468 23.69 27.07 42.16
C ASN C 468 22.52 28.03 41.91
N ASN C 469 22.73 28.99 41.03
CA ASN C 469 21.72 30.01 40.76
C ASN C 469 20.62 29.43 39.88
N PHE C 470 19.37 29.67 40.27
CA PHE C 470 18.21 29.42 39.43
C PHE C 470 17.81 30.72 38.75
N SER C 471 17.07 30.59 37.64
CA SER C 471 16.64 31.75 36.90
C SER C 471 15.37 31.42 36.12
N SER C 472 14.69 32.48 35.68
CA SER C 472 13.57 32.35 34.77
C SER C 472 14.10 32.13 33.36
N ALA C 473 13.22 32.24 32.36
CA ALA C 473 13.61 32.05 30.98
C ALA C 473 14.40 33.23 30.41
N ASP C 474 14.62 34.28 31.21
CA ASP C 474 15.46 35.38 30.75
C ASP C 474 16.94 35.08 30.86
N VAL C 475 17.31 33.94 31.45
CA VAL C 475 18.70 33.50 31.54
C VAL C 475 18.76 32.05 31.08
N TYR C 476 19.66 31.77 30.14
CA TYR C 476 19.91 30.40 29.70
C TYR C 476 21.18 29.86 30.35
N SER C 477 21.25 28.53 30.42
CA SER C 477 22.35 27.84 31.07
C SER C 477 22.83 26.69 30.21
N PHE C 478 24.10 26.33 30.38
CA PHE C 478 24.58 25.04 29.88
C PHE C 478 25.73 24.56 30.75
N PHE C 479 25.93 23.24 30.73
CA PHE C 479 27.08 22.63 31.37
C PHE C 479 27.76 21.68 30.39
N ILE C 480 29.03 21.42 30.63
CA ILE C 480 29.84 20.61 29.72
C ILE C 480 29.53 19.13 29.93
N LYS C 481 29.41 18.39 28.83
CA LYS C 481 29.20 16.95 28.92
C LYS C 481 30.38 16.28 29.61
N GLU C 482 30.09 15.18 30.32
CA GLU C 482 31.12 14.48 31.08
C GLU C 482 32.24 13.99 30.18
N GLU C 483 31.90 13.50 28.98
CA GLU C 483 32.93 12.98 28.08
C GLU C 483 33.83 14.07 27.51
N TYR C 484 33.43 15.34 27.62
CA TYR C 484 34.23 16.45 27.10
C TYR C 484 34.94 17.25 28.19
N LEU C 485 34.86 16.82 29.46
CA LEU C 485 35.48 17.60 30.53
C LEU C 485 37.00 17.59 30.45
N ASP C 486 37.59 16.52 29.93
CA ASP C 486 39.04 16.45 29.78
C ASP C 486 39.53 17.20 28.55
N LYS C 487 38.64 17.71 27.71
CA LYS C 487 39.00 18.53 26.55
C LYS C 487 38.70 20.00 26.73
N PHE C 488 37.61 20.36 27.41
CA PHE C 488 37.21 21.74 27.59
C PHE C 488 36.90 22.02 29.04
N SER C 489 37.24 23.22 29.49
CA SER C 489 36.93 23.69 30.84
C SER C 489 35.98 24.88 30.76
N TYR C 490 35.29 25.14 31.87
CA TYR C 490 34.42 26.31 31.93
C TYR C 490 35.23 27.60 31.81
N GLU C 491 36.40 27.65 32.44
CA GLU C 491 37.23 28.85 32.38
C GLU C 491 37.67 29.13 30.96
N TYR C 492 38.05 28.10 30.21
CA TYR C 492 38.42 28.29 28.81
C TYR C 492 37.24 28.79 27.99
N LEU C 493 36.07 28.20 28.19
CA LEU C 493 34.92 28.52 27.34
C LEU C 493 34.48 29.97 27.53
N VAL C 494 34.33 30.41 28.78
CA VAL C 494 33.96 31.81 29.02
C VAL C 494 35.05 32.74 28.53
N GLY C 495 36.31 32.29 28.54
CA GLY C 495 37.37 33.12 28.00
C GLY C 495 37.18 33.43 26.52
N ILE C 496 36.89 32.40 25.73
CA ILE C 496 36.76 32.65 24.29
C ILE C 496 35.38 33.20 23.96
N LEU C 497 34.34 32.80 24.71
CA LEU C 497 32.99 33.24 24.38
C LEU C 497 32.79 34.72 24.68
N ASN C 498 33.54 35.28 25.62
CA ASN C 498 33.42 36.70 25.95
C ASN C 498 34.40 37.56 25.16
N SER C 499 35.19 36.98 24.27
CA SER C 499 36.23 37.71 23.57
C SER C 499 35.64 38.59 22.46
N SER C 500 36.44 39.55 22.01
CA SER C 500 36.03 40.44 20.92
C SER C 500 35.78 39.65 19.64
N VAL C 501 36.60 38.62 19.40
CA VAL C 501 36.43 37.82 18.20
C VAL C 501 35.06 37.14 18.19
N TYR C 502 34.71 36.49 19.31
CA TYR C 502 33.45 35.76 19.37
C TYR C 502 32.25 36.67 19.51
N ASP C 503 32.43 37.89 20.04
CA ASP C 503 31.34 38.85 20.04
C ASP C 503 30.95 39.21 18.61
N LYS C 504 31.93 39.56 17.77
CA LYS C 504 31.67 39.85 16.37
C LYS C 504 31.17 38.61 15.64
N TYR C 505 31.74 37.44 15.94
CA TYR C 505 31.37 36.21 15.26
C TYR C 505 29.91 35.85 15.50
N PHE C 506 29.43 35.96 16.74
CA PHE C 506 28.03 35.64 17.02
C PHE C 506 27.09 36.63 16.34
N LYS C 507 27.40 37.93 16.43
CA LYS C 507 26.49 38.96 15.92
C LYS C 507 26.37 38.95 14.41
N ILE C 508 27.23 38.22 13.70
CA ILE C 508 27.10 38.12 12.25
C ILE C 508 25.76 37.49 11.88
N THR C 509 25.33 36.47 12.64
CA THR C 509 24.09 35.77 12.34
C THR C 509 23.05 35.91 13.43
N ALA C 510 23.34 36.64 14.51
CA ALA C 510 22.41 36.74 15.62
C ALA C 510 21.15 37.49 15.20
N LYS C 511 20.10 37.33 16.01
CA LYS C 511 18.78 37.89 15.73
C LYS C 511 18.67 39.25 16.42
N LYS C 512 18.64 40.31 15.61
CA LYS C 512 18.54 41.66 16.16
C LYS C 512 17.09 41.95 16.55
N MET C 513 16.87 42.22 17.84
CA MET C 513 15.53 42.36 18.39
C MET C 513 15.09 43.83 18.48
N SER C 514 15.86 44.65 19.16
CA SER C 514 15.57 46.06 19.32
C SER C 514 16.90 46.80 19.42
N LYS C 515 16.84 48.11 19.68
CA LYS C 515 18.04 48.91 19.77
C LYS C 515 19.00 48.32 20.80
N ASN C 516 20.19 47.93 20.35
CA ASN C 516 21.25 47.39 21.20
C ASN C 516 20.86 46.10 21.91
N ILE C 517 19.95 45.31 21.32
CA ILE C 517 19.54 44.04 21.92
C ILE C 517 19.56 42.96 20.87
N TYR C 518 20.35 41.92 21.10
CA TYR C 518 20.33 40.70 20.30
C TYR C 518 19.73 39.57 21.11
N ASP C 519 19.04 38.66 20.44
CA ASP C 519 18.61 37.43 21.07
C ASP C 519 19.82 36.53 21.32
N TYR C 520 19.98 36.10 22.57
CA TYR C 520 20.95 35.07 22.94
C TYR C 520 20.15 33.85 23.38
N TYR C 521 19.73 33.05 22.39
CA TYR C 521 18.93 31.86 22.57
C TYR C 521 19.73 30.64 22.13
N PRO C 522 19.44 29.46 22.69
CA PRO C 522 20.20 28.27 22.30
C PRO C 522 20.13 27.96 20.81
N ASN C 523 19.03 28.30 20.13
CA ASN C 523 18.89 27.93 18.73
C ASN C 523 19.98 28.55 17.87
N LYS C 524 20.64 29.60 18.36
CA LYS C 524 21.85 30.10 17.71
C LYS C 524 23.09 30.04 18.60
N VAL C 525 22.95 30.15 19.92
CA VAL C 525 24.13 30.08 20.79
C VAL C 525 24.77 28.70 20.73
N MET C 526 23.94 27.65 20.73
CA MET C 526 24.48 26.29 20.68
C MET C 526 25.14 25.95 19.35
N LYS C 527 24.96 26.78 18.32
CA LYS C 527 25.64 26.58 17.05
C LYS C 527 26.98 27.29 16.96
N ILE C 528 27.38 28.01 18.02
CA ILE C 528 28.69 28.65 18.04
C ILE C 528 29.77 27.57 17.99
N ARG C 529 30.71 27.72 17.06
CA ARG C 529 31.75 26.73 16.88
C ARG C 529 32.96 27.04 17.76
N ILE C 530 33.62 25.98 18.22
CA ILE C 530 34.66 26.05 19.24
C ILE C 530 35.91 25.35 18.70
N PHE C 531 37.07 25.82 19.13
CA PHE C 531 38.35 25.26 18.71
C PHE C 531 39.16 24.82 19.92
N ARG C 532 40.20 24.03 19.64
CA ARG C 532 41.09 23.53 20.68
C ARG C 532 42.46 23.30 20.05
N ASP C 533 43.45 24.08 20.45
CA ASP C 533 44.77 24.02 19.82
C ASP C 533 45.83 24.32 20.87
N ASN C 534 47.05 24.65 20.42
CA ASN C 534 48.19 24.83 21.31
C ASN C 534 48.11 26.09 22.15
N ASN C 535 47.17 26.98 21.89
CA ASN C 535 46.99 28.18 22.70
C ASN C 535 46.01 27.97 23.85
N TYR C 536 45.54 26.74 24.06
CA TYR C 536 44.50 26.47 25.05
C TYR C 536 44.95 26.84 26.46
N GLU C 537 46.17 26.43 26.83
CA GLU C 537 46.61 26.60 28.22
C GLU C 537 46.73 28.07 28.61
N GLU C 538 47.29 28.90 27.73
CA GLU C 538 47.43 30.31 28.07
C GLU C 538 46.10 31.05 28.00
N ILE C 539 45.23 30.69 27.06
CA ILE C 539 43.90 31.31 27.01
C ILE C 539 43.15 31.01 28.31
N GLU C 540 43.19 29.75 28.76
CA GLU C 540 42.56 29.39 30.01
C GLU C 540 43.21 30.11 31.19
N ASN C 541 44.54 30.23 31.18
CA ASN C 541 45.23 30.91 32.26
C ASN C 541 44.81 32.38 32.34
N LEU C 542 44.72 33.05 31.20
CA LEU C 542 44.29 34.45 31.19
C LEU C 542 42.85 34.57 31.70
N SER C 543 42.00 33.62 31.33
CA SER C 543 40.63 33.63 31.83
C SER C 543 40.58 33.49 33.35
N LYS C 544 41.40 32.57 33.90
CA LYS C 544 41.46 32.42 35.34
C LYS C 544 41.93 33.71 36.03
N GLN C 545 42.92 34.38 35.44
CA GLN C 545 43.40 35.63 36.02
C GLN C 545 42.30 36.69 36.00
N ILE C 546 41.55 36.77 34.91
CA ILE C 546 40.47 37.75 34.82
C ILE C 546 39.41 37.47 35.88
N ILE C 547 39.03 36.20 36.03
CA ILE C 547 38.03 35.82 37.02
C ILE C 547 38.52 36.17 38.41
N SER C 548 39.80 35.90 38.69
CA SER C 548 40.35 36.20 40.01
C SER C 548 40.24 37.68 40.33
N ILE C 549 40.58 38.55 39.37
CA ILE C 549 40.51 39.99 39.59
C ILE C 549 39.06 40.44 39.75
N LEU C 550 38.14 39.89 38.95
CA LEU C 550 36.75 40.32 39.02
C LEU C 550 36.11 39.96 40.35
N LEU C 551 36.58 38.90 41.00
CA LEU C 551 36.02 38.46 42.27
C LEU C 551 36.68 39.12 43.47
N ASN C 552 37.63 40.03 43.26
CA ASN C 552 38.37 40.63 44.36
C ASN C 552 37.74 41.95 44.78
N LYS C 553 38.31 42.57 45.82
CA LYS C 553 37.79 43.82 46.33
C LYS C 553 38.27 45.00 45.50
N SER C 554 39.58 45.15 45.34
CA SER C 554 40.16 46.27 44.58
C SER C 554 40.37 45.81 43.14
N ILE C 555 39.30 45.90 42.36
CA ILE C 555 39.30 45.46 40.97
C ILE C 555 39.94 46.55 40.11
N ASP C 556 41.11 46.27 39.55
CA ASP C 556 41.76 47.17 38.61
C ASP C 556 41.33 46.78 37.20
N LYS C 557 40.42 47.58 36.63
CA LYS C 557 39.89 47.26 35.30
C LYS C 557 40.97 47.33 34.23
N GLY C 558 41.99 48.17 34.43
CA GLY C 558 43.06 48.25 33.45
C GLY C 558 43.83 46.95 33.32
N LYS C 559 44.05 46.26 34.44
CA LYS C 559 44.69 44.94 34.37
C LYS C 559 43.81 43.95 33.63
N VAL C 560 42.50 44.00 33.86
CA VAL C 560 41.58 43.10 33.16
C VAL C 560 41.63 43.36 31.66
N GLU C 561 41.60 44.63 31.25
CA GLU C 561 41.59 44.96 29.83
C GLU C 561 42.83 44.41 29.13
N LYS C 562 44.00 44.62 29.73
CA LYS C 562 45.23 44.12 29.13
C LYS C 562 45.23 42.60 29.01
N LEU C 563 44.73 41.91 30.04
CA LEU C 563 44.62 40.45 29.97
C LEU C 563 43.66 40.03 28.86
N GLN C 564 42.54 40.73 28.71
CA GLN C 564 41.58 40.40 27.66
C GLN C 564 42.20 40.61 26.28
N ILE C 565 42.98 41.67 26.11
CA ILE C 565 43.62 41.94 24.81
C ILE C 565 44.59 40.82 24.45
N LYS C 566 45.41 40.38 25.42
CA LYS C 566 46.32 39.27 25.17
C LYS C 566 45.54 38.02 24.73
N MET C 567 44.44 37.73 25.40
CA MET C 567 43.63 36.58 25.03
C MET C 567 43.03 36.73 23.63
N ASP C 568 42.58 37.93 23.28
CA ASP C 568 42.02 38.16 21.95
C ASP C 568 43.08 37.92 20.88
N ASN C 569 44.32 38.35 21.12
CA ASN C 569 45.39 38.13 20.15
C ASN C 569 45.66 36.63 19.97
N LEU C 570 45.63 35.86 21.06
CA LEU C 570 45.82 34.42 20.94
C LEU C 570 44.70 33.76 20.14
N ILE C 571 43.45 34.19 20.38
CA ILE C 571 42.32 33.63 19.65
C ILE C 571 42.41 33.97 18.16
N MET C 572 42.79 35.21 17.84
CA MET C 572 42.99 35.58 16.44
C MET C 572 44.11 34.77 15.81
N ASP C 573 45.20 34.56 16.55
CA ASP C 573 46.29 33.71 16.07
C ASP C 573 45.79 32.29 15.83
N SER C 574 44.97 31.76 16.74
CA SER C 574 44.45 30.41 16.60
C SER C 574 43.57 30.28 15.36
N LEU C 575 42.70 31.26 15.12
CA LEU C 575 41.74 31.18 14.04
C LEU C 575 42.28 31.71 12.71
N GLY C 576 43.53 32.14 12.68
CA GLY C 576 44.11 32.63 11.45
C GLY C 576 43.47 33.90 10.93
N ILE C 577 43.01 34.77 11.81
CA ILE C 577 42.36 36.01 11.40
C ILE C 577 43.19 37.20 11.86
C1 EDO J . -30.18 -26.96 -30.27
O1 EDO J . -30.93 -27.50 -31.37
C2 EDO J . -31.11 -26.52 -29.14
O2 EDO J . -31.82 -27.64 -28.60
K K K . -32.70 3.19 -71.22
K K L . -19.25 -34.60 -36.39
C4 Q8Y M . -9.27 -17.50 -43.05
C5 Q8Y M . -8.60 -17.07 -40.65
C6 Q8Y M . -8.90 -14.99 -40.47
C3 Q8Y M . -11.18 -20.51 -42.99
C2 Q8Y M . -10.50 -19.35 -43.69
C1 Q8Y M . -8.22 -18.56 -43.34
C Q8Y M . -9.05 -19.61 -44.13
O1 Q8Y M . -7.18 -18.01 -44.13
O2 Q8Y M . -10.24 -21.33 -42.31
N Q8Y M . -8.99 -16.66 -41.89
O Q8Y M . -8.91 -19.46 -45.53
C10 Q8Y M . -8.63 -13.96 -37.68
C11 Q8Y M . -7.15 -14.21 -37.50
C12 Q8Y M . -6.83 -15.17 -36.36
C13 Q8Y M . -5.37 -15.46 -36.20
C14 Q8Y M . -4.60 -14.78 -35.26
C15 Q8Y M . -3.26 -15.05 -35.11
C16 Q8Y M . -2.65 -16.01 -35.90
C17 Q8Y M . -3.40 -16.70 -36.83
C18 Q8Y M . -4.74 -16.43 -36.98
C7 Q8Y M . -9.19 -15.30 -41.78
C8 Q8Y M . -9.65 -13.21 -42.30
C9 Q8Y M . -9.06 -13.62 -40.10
N1 Q8Y M . -8.52 -16.11 -39.76
N2 Q8Y M . -9.56 -14.46 -42.75
N3 Q8Y M . -9.43 -12.74 -41.06
N4 Q8Y M . -8.92 -13.15 -38.85
O3 Q8Y M . -10.47 -18.20 -42.81
C1 EDO N . 56.04 -0.10 19.02
O1 EDO N . 56.90 0.51 18.05
C2 EDO N . 55.45 0.99 19.90
O2 EDO N . 55.05 2.09 19.08
C1 EDO O . -9.22 -25.38 7.95
O1 EDO O . -9.49 -26.67 8.52
C2 EDO O . -10.31 -25.03 6.94
O2 EDO O . -10.13 -23.68 6.49
C1 EDO P . -13.23 -30.41 40.07
O1 EDO P . -13.18 -30.26 38.65
C2 EDO P . -11.97 -29.80 40.70
O2 EDO P . -12.06 -28.37 40.71
C1 EDO Q . 63.06 -7.39 15.58
O1 EDO Q . 61.67 -7.39 15.92
C2 EDO Q . 63.59 -8.81 15.64
O2 EDO Q . 63.16 -9.55 14.50
C1 EDO R . 30.29 -20.59 23.14
O1 EDO R . 29.61 -21.24 22.06
C2 EDO R . 29.31 -20.25 24.26
O2 EDO R . 28.30 -19.35 23.79
C1 EDO S . 37.44 -19.53 1.99
O1 EDO S . 37.55 -18.12 2.22
C2 EDO S . 37.38 -20.27 3.32
O2 EDO S . 36.23 -19.87 4.06
K K T . 8.17 -4.53 21.19
K K U . 60.51 -9.10 13.58
K K V . -32.00 1.37 7.82
C4 Q8Y W . 20.62 0.33 5.01
C5 Q8Y W . 18.86 -0.65 3.48
C6 Q8Y W . 20.03 -1.82 2.15
C3 Q8Y W . 18.96 0.11 8.08
C2 Q8Y W . 20.19 0.50 7.29
C1 Q8Y W . 19.91 1.66 5.21
C Q8Y W . 20.16 1.92 6.70
O1 Q8Y W . 20.53 2.67 4.40
O2 Q8Y W . 17.77 0.53 7.41
N Q8Y W . 20.16 -0.45 3.87
O Q8Y W . 21.40 2.58 6.90
C10 Q8Y W . 18.42 -3.53 0.32
C11 Q8Y W . 17.78 -2.45 -0.53
C12 Q8Y W . 16.30 -2.26 -0.22
C13 Q8Y W . 15.60 -1.26 -1.10
C14 Q8Y W . 15.24 -1.60 -2.40
C15 Q8Y W . 14.59 -0.68 -3.21
C16 Q8Y W . 14.28 0.57 -2.74
C17 Q8Y W . 14.63 0.92 -1.45
C18 Q8Y W . 15.28 0.01 -0.64
C7 Q8Y W . 20.92 -1.19 3.00
C8 Q8Y W . 22.67 -2.10 2.00
C9 Q8Y W . 20.60 -2.66 1.16
N1 Q8Y W . 18.72 -1.45 2.45
N2 Q8Y W . 22.26 -1.29 2.99
N3 Q8Y W . 21.94 -2.77 1.11
N4 Q8Y W . 19.87 -3.42 0.32
O3 Q8Y W . 20.38 -0.41 6.19
K K X . 12.79 49.11 17.42
K K Y . 13.48 31.05 55.87
C4 Q8Y Z . -5.88 44.76 8.93
C5 Q8Y Z . -5.67 42.52 10.09
C6 Q8Y Z . -6.34 41.18 8.59
C3 Q8Y Z . -2.97 46.08 10.19
C2 Q8Y Z . -4.17 46.31 9.30
C1 Q8Y Z . -6.24 45.52 10.19
C Q8Y Z . -5.43 46.80 10.01
O1 Q8Y Z . -7.64 45.78 10.24
O2 Q8Y Z . -3.31 46.18 11.57
N Q8Y Z . -6.01 43.30 9.02
O Q8Y Z . -6.12 47.77 9.22
C10 Q8Y Z . -6.06 38.30 9.34
C11 Q8Y Z . -7.11 38.18 10.43
C12 Q8Y Z . -6.52 37.68 11.75
C13 Q8Y Z . -7.48 37.71 12.91
C14 Q8Y Z . -8.09 36.55 13.36
C15 Q8Y Z . -8.96 36.57 14.44
C16 Q8Y Z . -9.25 37.77 15.07
C17 Q8Y Z . -8.65 38.93 14.63
C18 Q8Y Z . -7.77 38.91 13.56
C7 Q8Y Z . -6.45 42.44 8.05
C8 Q8Y Z . -7.25 41.66 6.15
C9 Q8Y Z . -6.74 40.10 7.75
N1 Q8Y Z . -5.85 41.24 9.89
N2 Q8Y Z . -6.90 42.76 6.83
N3 Q8Y Z . -7.21 40.39 6.52
N4 Q8Y Z . -6.63 38.80 8.09
O3 Q8Y Z . -4.53 45.07 8.64
C1 EDO AA . -10.99 -21.72 3.97
O1 EDO AA . -9.63 -21.46 4.32
C2 EDO AA . -11.69 -20.42 3.58
O2 EDO AA . -13.07 -20.65 3.31
#